data_5A03
#
_entry.id   5A03
#
_cell.length_a   101.059
_cell.length_b   153.480
_cell.length_c   107.327
_cell.angle_alpha   90.00
_cell.angle_beta   109.42
_cell.angle_gamma   90.00
#
_symmetry.space_group_name_H-M   'P 1 21 1'
#
loop_
_entity.id
_entity.type
_entity.pdbx_description
1 polymer 'ALDOSE-ALDOSE OXIDOREDUCTASE'
2 non-polymer 'NADPH DIHYDRO-NICOTINAMIDE-ADENINE-DINUCLEOTIDE PHOSPHATE'
3 non-polymer beta-D-xylopyranose
4 non-polymer 'SULFATE ION'
5 non-polymer alpha-D-xylopyranose
6 non-polymer '1,4-DIETHYLENE DIOXIDE'
7 water water
#
_entity_poly.entity_id   1
_entity_poly.type   'polypeptide(L)'
_entity_poly.pdbx_seq_one_letter_code
;AQPGRKLGYAILGLGYYATRIIMPRFAECEHSRLAALVSGTPEKLKTYGEQYGIPETHRYSYETFDRIIDNPDVDIVYVI
TPNSLHRPFTERAARAGKHVMCEKPMANTVADCEAMIAACKKAGRKLMIGYRSRFQAHNIEAIKLVRDGALGPVRTVVTD
HGFTIGDPKQWRLNRALAGGGSLMDIGIYSLNAARYLTGEEPVAVNAVESTDRSDPRFGEVEDIINFQLLFPSGATANCV
SAYSVNCNRYRVSGPKGWVEIDPATSYQGQAMRAQLGGPPAPREPAPQPKNQFSAQLDHLSECILTGREPIVGGDDGLKD
LRVIEAIYRAAREGRTVKL
;
_entity_poly.pdbx_strand_id   A,B,C,D,E,F
#
# COMPACT_ATOMS: atom_id res chain seq x y z
N ARG A 5 9.33 -38.64 -9.54
CA ARG A 5 8.58 -37.59 -8.85
C ARG A 5 9.41 -36.31 -8.74
N LYS A 6 10.56 -36.37 -8.07
CA LYS A 6 11.43 -35.19 -7.96
C LYS A 6 12.82 -35.42 -8.55
N LEU A 7 13.21 -34.57 -9.50
CA LEU A 7 14.55 -34.66 -10.06
C LEU A 7 15.54 -33.86 -9.22
N GLY A 8 16.77 -34.33 -9.16
CA GLY A 8 17.76 -33.73 -8.29
C GLY A 8 18.58 -32.65 -8.97
N TYR A 9 18.64 -31.47 -8.36
CA TYR A 9 19.48 -30.38 -8.87
C TYR A 9 20.84 -30.29 -8.18
N ALA A 10 21.89 -30.12 -8.96
CA ALA A 10 23.15 -29.61 -8.45
C ALA A 10 23.22 -28.11 -8.76
N ILE A 11 23.40 -27.29 -7.72
CA ILE A 11 23.57 -25.87 -7.95
C ILE A 11 25.05 -25.54 -8.04
N LEU A 12 25.45 -24.89 -9.13
CA LEU A 12 26.86 -24.65 -9.38
C LEU A 12 27.12 -23.16 -9.42
N GLY A 13 27.98 -22.69 -8.52
CA GLY A 13 28.27 -21.28 -8.40
C GLY A 13 27.41 -20.69 -7.30
N LEU A 14 27.94 -20.71 -6.07
CA LEU A 14 27.12 -20.36 -4.91
C LEU A 14 27.27 -18.89 -4.60
N GLY A 15 26.83 -18.07 -5.55
CA GLY A 15 26.87 -16.64 -5.37
C GLY A 15 25.51 -16.09 -4.97
N TYR A 16 25.28 -14.82 -5.27
CA TYR A 16 24.07 -14.16 -4.78
C TYR A 16 22.78 -14.81 -5.26
N TYR A 17 22.65 -14.98 -6.57
CA TYR A 17 21.41 -15.52 -7.13
C TYR A 17 21.15 -16.95 -6.67
N ALA A 18 22.19 -17.78 -6.67
CA ALA A 18 22.05 -19.15 -6.20
C ALA A 18 21.58 -19.20 -4.75
N THR A 19 22.23 -18.45 -3.87
CA THR A 19 22.03 -18.65 -2.43
C THR A 19 20.89 -17.81 -1.86
N ARG A 20 20.73 -16.58 -2.32
CA ARG A 20 19.66 -15.72 -1.82
C ARG A 20 18.32 -16.00 -2.50
N ILE A 21 18.35 -16.36 -3.77
CA ILE A 21 17.12 -16.41 -4.53
C ILE A 21 16.68 -17.83 -4.88
N ILE A 22 17.54 -18.59 -5.55
CA ILE A 22 17.12 -19.89 -6.08
C ILE A 22 17.01 -21.00 -5.03
N MET A 23 18.05 -21.18 -4.24
CA MET A 23 18.06 -22.35 -3.36
C MET A 23 16.91 -22.39 -2.32
N PRO A 24 16.53 -21.24 -1.71
CA PRO A 24 15.36 -21.30 -0.83
C PRO A 24 14.07 -21.73 -1.54
N ARG A 25 14.01 -21.54 -2.85
CA ARG A 25 12.75 -21.76 -3.57
C ARG A 25 12.51 -23.20 -4.00
N PHE A 26 13.39 -24.12 -3.64
CA PHE A 26 13.03 -25.53 -3.81
C PHE A 26 11.88 -25.89 -2.86
N ALA A 27 11.66 -25.07 -1.85
CA ALA A 27 10.59 -25.30 -0.88
C ALA A 27 9.21 -25.50 -1.57
N GLU A 28 8.90 -24.68 -2.57
CA GLU A 28 7.61 -24.77 -3.23
C GLU A 28 7.60 -25.65 -4.48
N CYS A 29 8.74 -26.29 -4.79
CA CYS A 29 8.79 -27.18 -5.95
C CYS A 29 8.03 -28.49 -5.73
N GLU A 30 7.40 -28.99 -6.78
CA GLU A 30 6.72 -30.28 -6.73
C GLU A 30 7.48 -31.39 -7.46
N HIS A 31 8.43 -31.03 -8.31
CA HIS A 31 9.14 -32.05 -9.09
C HIS A 31 10.65 -31.89 -9.09
N SER A 32 11.17 -31.12 -8.14
CA SER A 32 12.57 -30.77 -8.12
C SER A 32 13.05 -30.78 -6.67
N ARG A 33 14.27 -31.22 -6.45
CA ARG A 33 14.85 -31.14 -5.12
C ARG A 33 16.30 -30.75 -5.21
N LEU A 34 16.81 -30.14 -4.14
CA LEU A 34 18.22 -29.79 -4.06
C LEU A 34 19.02 -31.05 -3.73
N ALA A 35 19.91 -31.46 -4.62
CA ALA A 35 20.61 -32.73 -4.45
C ALA A 35 22.11 -32.55 -4.19
N ALA A 36 22.71 -31.50 -4.72
CA ALA A 36 24.14 -31.35 -4.65
C ALA A 36 24.57 -29.90 -4.81
N LEU A 37 25.80 -29.62 -4.36
CA LEU A 37 26.41 -28.30 -4.44
C LEU A 37 27.75 -28.37 -5.14
N VAL A 38 28.01 -27.38 -6.00
CA VAL A 38 29.29 -27.26 -6.69
C VAL A 38 29.79 -25.85 -6.49
N SER A 39 30.98 -25.72 -5.93
CA SER A 39 31.51 -24.42 -5.53
C SER A 39 33.03 -24.38 -5.59
N GLY A 40 33.58 -23.23 -5.95
CA GLY A 40 35.02 -23.00 -5.85
C GLY A 40 35.45 -22.47 -4.49
N THR A 41 34.51 -22.38 -3.56
CA THR A 41 34.78 -21.88 -2.21
C THR A 41 34.41 -22.96 -1.19
N PRO A 42 35.43 -23.65 -0.64
CA PRO A 42 35.16 -24.77 0.29
C PRO A 42 34.26 -24.37 1.45
N GLU A 43 34.42 -23.14 1.93
CA GLU A 43 33.65 -22.64 3.06
C GLU A 43 32.16 -22.62 2.74
N LYS A 44 31.83 -22.26 1.49
CA LYS A 44 30.44 -22.27 1.04
C LYS A 44 29.84 -23.66 1.00
N LEU A 45 30.67 -24.64 0.64
CA LEU A 45 30.20 -26.02 0.60
C LEU A 45 29.78 -26.47 2.00
N LYS A 46 30.57 -26.08 3.00
CA LYS A 46 30.25 -26.42 4.38
C LYS A 46 29.00 -25.67 4.82
N THR A 47 29.00 -24.36 4.65
CA THR A 47 27.89 -23.52 5.10
C THR A 47 26.55 -23.94 4.52
N TYR A 48 26.49 -24.07 3.20
CA TYR A 48 25.24 -24.41 2.54
C TYR A 48 24.95 -25.90 2.59
N GLY A 49 25.99 -26.72 2.63
CA GLY A 49 25.78 -28.16 2.76
C GLY A 49 25.10 -28.44 4.08
N GLU A 50 25.53 -27.73 5.12
CA GLU A 50 24.95 -27.86 6.44
C GLU A 50 23.54 -27.30 6.52
N GLN A 51 23.32 -26.12 5.96
CA GLN A 51 21.99 -25.54 5.97
C GLN A 51 20.98 -26.45 5.26
N TYR A 52 21.35 -26.98 4.10
CA TYR A 52 20.39 -27.72 3.29
C TYR A 52 20.45 -29.24 3.43
N GLY A 53 21.29 -29.74 4.34
CA GLY A 53 21.37 -31.17 4.58
C GLY A 53 21.94 -31.94 3.40
N ILE A 54 22.95 -31.34 2.76
CA ILE A 54 23.66 -31.96 1.63
C ILE A 54 24.93 -32.63 2.12
N PRO A 55 24.98 -33.96 2.06
CA PRO A 55 26.13 -34.71 2.57
C PRO A 55 27.39 -34.42 1.76
N GLU A 56 28.56 -34.65 2.37
CA GLU A 56 29.84 -34.31 1.76
C GLU A 56 30.07 -35.04 0.44
N THR A 57 29.48 -36.22 0.30
CA THR A 57 29.52 -36.99 -0.94
C THR A 57 28.85 -36.23 -2.09
N HIS A 58 27.97 -35.29 -1.76
CA HIS A 58 27.23 -34.54 -2.77
C HIS A 58 27.70 -33.09 -2.86
N ARG A 59 28.90 -32.83 -2.34
CA ARG A 59 29.55 -31.52 -2.46
C ARG A 59 30.77 -31.64 -3.37
N TYR A 60 30.87 -30.72 -4.34
CA TYR A 60 31.93 -30.76 -5.35
C TYR A 60 32.63 -29.42 -5.45
N SER A 61 33.94 -29.45 -5.69
CA SER A 61 34.66 -28.24 -6.09
C SER A 61 34.61 -28.17 -7.60
N TYR A 62 35.11 -27.09 -8.17
CA TYR A 62 35.21 -27.03 -9.62
C TYR A 62 36.24 -28.05 -10.13
N GLU A 63 37.19 -28.41 -9.27
CA GLU A 63 38.18 -29.42 -9.65
C GLU A 63 37.62 -30.86 -9.65
N THR A 64 36.63 -31.14 -8.79
CA THR A 64 36.07 -32.49 -8.74
C THR A 64 34.71 -32.60 -9.44
N PHE A 65 34.23 -31.51 -10.03
CA PHE A 65 32.89 -31.45 -10.61
C PHE A 65 32.59 -32.58 -11.61
N ASP A 66 33.54 -32.91 -12.47
CA ASP A 66 33.29 -33.91 -13.51
C ASP A 66 32.94 -35.30 -12.91
N ARG A 67 33.29 -35.52 -11.66
CA ARG A 67 32.93 -36.79 -10.99
C ARG A 67 31.44 -36.91 -10.72
N ILE A 68 30.68 -35.84 -10.93
CA ILE A 68 29.25 -35.84 -10.70
C ILE A 68 28.55 -36.81 -11.64
N ILE A 69 29.27 -37.21 -12.70
CA ILE A 69 28.75 -38.21 -13.63
C ILE A 69 28.35 -39.50 -12.88
N ASP A 70 29.02 -39.76 -11.76
CA ASP A 70 28.81 -41.01 -11.01
C ASP A 70 27.79 -40.86 -9.90
N ASN A 71 27.11 -39.72 -9.87
CA ASN A 71 26.12 -39.47 -8.81
C ASN A 71 24.72 -39.49 -9.41
N PRO A 72 23.99 -40.58 -9.17
CA PRO A 72 22.65 -40.76 -9.74
C PRO A 72 21.58 -39.90 -9.07
N ASP A 73 21.91 -39.24 -7.96
CA ASP A 73 20.96 -38.33 -7.33
C ASP A 73 20.90 -36.98 -8.05
N VAL A 74 21.90 -36.73 -8.90
CA VAL A 74 21.92 -35.50 -9.69
C VAL A 74 21.41 -35.76 -11.12
N ASP A 75 20.30 -35.10 -11.46
CA ASP A 75 19.74 -35.15 -12.81
C ASP A 75 20.07 -33.88 -13.62
N ILE A 76 20.13 -32.77 -12.90
CA ILE A 76 20.26 -31.43 -13.52
C ILE A 76 21.36 -30.63 -12.86
N VAL A 77 22.21 -29.97 -13.66
CA VAL A 77 23.16 -29.00 -13.12
C VAL A 77 22.67 -27.58 -13.47
N TYR A 78 22.55 -26.73 -12.46
CA TYR A 78 22.08 -25.36 -12.68
C TYR A 78 23.31 -24.46 -12.58
N VAL A 79 23.72 -23.90 -13.71
CA VAL A 79 24.94 -23.12 -13.76
C VAL A 79 24.61 -21.66 -13.48
N ILE A 80 25.17 -21.11 -12.40
CA ILE A 80 24.83 -19.76 -11.95
C ILE A 80 26.11 -18.98 -11.68
N THR A 81 26.97 -18.95 -12.70
CA THR A 81 28.30 -18.36 -12.62
C THR A 81 28.35 -17.06 -13.42
N PRO A 82 29.48 -16.31 -13.33
CA PRO A 82 29.64 -15.23 -14.32
C PRO A 82 29.45 -15.75 -15.75
N ASN A 83 29.05 -14.85 -16.64
CA ASN A 83 28.60 -15.21 -18.00
C ASN A 83 29.62 -16.00 -18.82
N SER A 84 30.89 -15.59 -18.78
CA SER A 84 31.92 -16.26 -19.57
C SER A 84 32.17 -17.71 -19.15
N LEU A 85 31.63 -18.10 -17.99
CA LEU A 85 31.80 -19.46 -17.50
C LEU A 85 30.60 -20.36 -17.80
N HIS A 86 29.54 -19.79 -18.35
CA HIS A 86 28.35 -20.60 -18.66
C HIS A 86 28.68 -21.74 -19.65
N ARG A 87 29.44 -21.42 -20.69
CA ARG A 87 29.73 -22.41 -21.70
C ARG A 87 30.57 -23.58 -21.17
N PRO A 88 31.71 -23.31 -20.48
CA PRO A 88 32.46 -24.50 -20.08
C PRO A 88 31.76 -25.35 -19.01
N PHE A 89 31.03 -24.74 -18.09
CA PHE A 89 30.35 -25.57 -17.09
C PHE A 89 29.14 -26.30 -17.69
N THR A 90 28.45 -25.67 -18.62
CA THR A 90 27.38 -26.36 -19.36
C THR A 90 27.90 -27.59 -20.11
N GLU A 91 28.99 -27.42 -20.83
CA GLU A 91 29.58 -28.53 -21.58
C GLU A 91 30.05 -29.65 -20.66
N ARG A 92 30.69 -29.30 -19.55
CA ARG A 92 31.14 -30.30 -18.58
C ARG A 92 29.96 -31.04 -17.97
N ALA A 93 28.90 -30.30 -17.63
CA ALA A 93 27.69 -30.92 -17.09
C ALA A 93 27.09 -31.90 -18.10
N ALA A 94 27.03 -31.49 -19.36
CA ALA A 94 26.51 -32.35 -20.42
C ALA A 94 27.34 -33.63 -20.59
N ARG A 95 28.67 -33.50 -20.57
CA ARG A 95 29.56 -34.65 -20.69
C ARG A 95 29.47 -35.55 -19.45
N ALA A 96 29.01 -34.98 -18.34
CA ALA A 96 28.74 -35.74 -17.12
C ALA A 96 27.34 -36.35 -17.14
N GLY A 97 26.67 -36.29 -18.29
CA GLY A 97 25.38 -36.91 -18.47
C GLY A 97 24.24 -36.21 -17.76
N LYS A 98 24.40 -34.91 -17.51
CA LYS A 98 23.38 -34.15 -16.79
C LYS A 98 22.64 -33.20 -17.70
N HIS A 99 21.35 -33.03 -17.43
CA HIS A 99 20.56 -31.97 -18.03
C HIS A 99 21.06 -30.65 -17.45
N VAL A 100 20.82 -29.55 -18.17
CA VAL A 100 21.39 -28.27 -17.75
C VAL A 100 20.36 -27.16 -17.71
N MET A 101 20.32 -26.45 -16.57
CA MET A 101 19.69 -25.15 -16.47
C MET A 101 20.82 -24.13 -16.45
N CYS A 102 20.80 -23.21 -17.40
CA CYS A 102 21.87 -22.21 -17.47
C CYS A 102 21.30 -20.81 -17.31
N GLU A 103 21.90 -20.00 -16.45
CA GLU A 103 21.39 -18.64 -16.25
C GLU A 103 21.58 -17.80 -17.51
N LYS A 104 20.80 -16.73 -17.63
CA LYS A 104 21.03 -15.71 -18.66
C LYS A 104 22.18 -14.77 -18.24
N PRO A 105 22.80 -14.09 -19.21
CA PRO A 105 22.70 -14.36 -20.64
C PRO A 105 23.33 -15.74 -20.90
N MET A 106 22.86 -16.45 -21.91
CA MET A 106 23.29 -17.83 -22.13
C MET A 106 24.80 -17.95 -22.22
N ALA A 107 25.42 -17.12 -23.07
CA ALA A 107 26.87 -17.08 -23.19
C ALA A 107 27.30 -15.73 -23.80
N ASN A 108 28.59 -15.54 -24.04
CA ASN A 108 29.10 -14.26 -24.54
C ASN A 108 28.76 -14.02 -26.01
N THR A 109 28.68 -15.10 -26.77
CA THR A 109 28.54 -15.00 -28.23
C THR A 109 27.57 -16.01 -28.82
N VAL A 110 27.15 -15.77 -30.06
CA VAL A 110 26.37 -16.74 -30.81
C VAL A 110 27.07 -18.11 -30.90
N ALA A 111 28.34 -18.10 -31.28
CA ALA A 111 29.09 -19.36 -31.45
C ALA A 111 29.13 -20.15 -30.14
N ASP A 112 29.33 -19.46 -29.02
CA ASP A 112 29.35 -20.12 -27.73
C ASP A 112 28.01 -20.81 -27.40
N CYS A 113 26.89 -20.12 -27.65
CA CYS A 113 25.57 -20.74 -27.49
C CYS A 113 25.40 -21.97 -28.38
N GLU A 114 25.80 -21.86 -29.65
CA GLU A 114 25.72 -23.00 -30.56
C GLU A 114 26.52 -24.17 -30.02
N ALA A 115 27.69 -23.90 -29.46
CA ALA A 115 28.53 -24.95 -28.89
C ALA A 115 27.83 -25.65 -27.73
N MET A 116 27.16 -24.85 -26.89
CA MET A 116 26.44 -25.39 -25.74
C MET A 116 25.28 -26.28 -26.17
N ILE A 117 24.52 -25.77 -27.14
CA ILE A 117 23.38 -26.50 -27.69
C ILE A 117 23.88 -27.83 -28.26
N ALA A 118 25.00 -27.79 -28.98
CA ALA A 118 25.57 -28.98 -29.60
C ALA A 118 26.02 -30.01 -28.56
N ALA A 119 26.60 -29.55 -27.46
CA ALA A 119 27.11 -30.47 -26.45
C ALA A 119 25.97 -31.15 -25.71
N CYS A 120 24.89 -30.41 -25.46
CA CYS A 120 23.74 -31.00 -24.78
C CYS A 120 23.01 -31.97 -25.72
N LYS A 121 22.91 -31.61 -26.99
CA LYS A 121 22.32 -32.51 -27.98
C LYS A 121 23.13 -33.80 -28.10
N LYS A 122 24.46 -33.69 -28.12
CA LYS A 122 25.32 -34.85 -28.24
C LYS A 122 25.12 -35.82 -27.04
N ALA A 123 24.93 -35.23 -25.87
CA ALA A 123 24.73 -35.98 -24.63
C ALA A 123 23.32 -36.52 -24.48
N GLY A 124 22.42 -36.08 -25.35
CA GLY A 124 21.03 -36.47 -25.26
C GLY A 124 20.42 -35.92 -23.98
N ARG A 125 20.78 -34.68 -23.65
CA ARG A 125 20.29 -34.05 -22.43
C ARG A 125 19.63 -32.71 -22.75
N LYS A 126 18.66 -32.33 -21.94
CA LYS A 126 17.91 -31.10 -22.17
C LYS A 126 18.65 -29.91 -21.64
N LEU A 127 18.42 -28.76 -22.28
CA LEU A 127 19.07 -27.51 -21.93
C LEU A 127 18.02 -26.41 -21.83
N MET A 128 18.03 -25.69 -20.72
CA MET A 128 17.06 -24.62 -20.52
C MET A 128 17.77 -23.38 -19.99
N ILE A 129 17.31 -22.20 -20.41
CA ILE A 129 17.91 -20.95 -19.98
C ILE A 129 16.99 -20.32 -18.93
N GLY A 130 17.58 -19.67 -17.93
CA GLY A 130 16.81 -19.16 -16.79
C GLY A 130 15.99 -17.91 -17.01
N TYR A 131 15.10 -17.94 -18.01
CA TYR A 131 14.19 -16.81 -18.22
C TYR A 131 12.94 -16.97 -17.35
N ARG A 132 13.11 -16.71 -16.06
CA ARG A 132 12.06 -16.93 -15.06
C ARG A 132 10.79 -16.13 -15.33
N SER A 133 10.90 -15.04 -16.08
CA SER A 133 9.74 -14.17 -16.34
C SER A 133 8.65 -14.91 -17.12
N ARG A 134 9.05 -15.93 -17.86
CA ARG A 134 8.07 -16.72 -18.62
C ARG A 134 7.17 -17.55 -17.69
N PHE A 135 7.50 -17.56 -16.39
CA PHE A 135 6.71 -18.30 -15.41
C PHE A 135 6.07 -17.37 -14.38
N GLN A 136 6.18 -16.06 -14.63
CA GLN A 136 5.72 -15.06 -13.66
C GLN A 136 4.30 -14.63 -14.02
N ALA A 137 3.43 -14.51 -13.01
CA ALA A 137 1.98 -14.39 -13.24
C ALA A 137 1.60 -13.22 -14.13
N HIS A 138 2.19 -12.06 -13.88
CA HIS A 138 1.82 -10.87 -14.64
C HIS A 138 2.32 -10.94 -16.09
N ASN A 139 3.54 -11.46 -16.27
CA ASN A 139 4.11 -11.63 -17.61
C ASN A 139 3.25 -12.59 -18.43
N ILE A 140 2.84 -13.69 -17.81
CA ILE A 140 1.98 -14.65 -18.48
C ILE A 140 0.64 -14.02 -18.88
N GLU A 141 0.08 -13.23 -17.98
CA GLU A 141 -1.16 -12.51 -18.27
C GLU A 141 -1.00 -11.56 -19.46
N ALA A 142 0.11 -10.81 -19.51
CA ALA A 142 0.35 -9.88 -20.62
C ALA A 142 0.48 -10.62 -21.96
N ILE A 143 1.30 -11.68 -21.96
CA ILE A 143 1.44 -12.49 -23.16
C ILE A 143 0.10 -13.01 -23.64
N LYS A 144 -0.73 -13.51 -22.74
CA LYS A 144 -2.03 -14.07 -23.10
C LYS A 144 -2.99 -13.00 -23.64
N LEU A 145 -2.94 -11.80 -23.07
CA LEU A 145 -3.76 -10.71 -23.57
C LEU A 145 -3.40 -10.41 -25.02
N VAL A 146 -2.11 -10.40 -25.31
CA VAL A 146 -1.64 -10.15 -26.67
C VAL A 146 -2.14 -11.25 -27.60
N ARG A 147 -1.90 -12.50 -27.22
CA ARG A 147 -2.28 -13.64 -28.05
C ARG A 147 -3.77 -13.72 -28.30
N ASP A 148 -4.55 -13.30 -27.32
CA ASP A 148 -6.00 -13.36 -27.42
C ASP A 148 -6.54 -12.25 -28.33
N GLY A 149 -5.66 -11.35 -28.75
CA GLY A 149 -6.07 -10.24 -29.59
C GLY A 149 -6.71 -9.08 -28.85
N ALA A 150 -6.51 -9.02 -27.54
CA ALA A 150 -7.11 -7.95 -26.74
C ALA A 150 -6.61 -6.56 -27.13
N LEU A 151 -5.41 -6.49 -27.70
CA LEU A 151 -4.80 -5.22 -28.09
C LEU A 151 -4.97 -4.92 -29.57
N GLY A 152 -5.41 -5.92 -30.32
CA GLY A 152 -5.25 -5.93 -31.76
C GLY A 152 -3.80 -6.25 -32.07
N PRO A 153 -3.36 -6.02 -33.31
CA PRO A 153 -1.95 -6.31 -33.62
C PRO A 153 -1.00 -5.48 -32.77
N VAL A 154 0.08 -6.08 -32.28
CA VAL A 154 1.07 -5.32 -31.54
C VAL A 154 1.71 -4.28 -32.44
N ARG A 155 1.64 -3.03 -32.02
CA ARG A 155 2.27 -1.95 -32.76
C ARG A 155 3.56 -1.48 -32.07
N THR A 156 3.52 -1.29 -30.75
CA THR A 156 4.71 -0.90 -30.03
C THR A 156 4.94 -1.70 -28.75
N VAL A 157 6.21 -1.94 -28.47
CA VAL A 157 6.65 -2.40 -27.16
C VAL A 157 7.69 -1.40 -26.67
N VAL A 158 7.43 -0.77 -25.52
CA VAL A 158 8.39 0.16 -24.94
C VAL A 158 8.83 -0.43 -23.61
N THR A 159 10.11 -0.78 -23.51
CA THR A 159 10.56 -1.53 -22.36
C THR A 159 11.95 -1.06 -21.91
N ASP A 160 12.07 -0.82 -20.61
CA ASP A 160 13.25 -0.25 -20.00
C ASP A 160 13.76 -1.14 -18.89
N HIS A 161 15.01 -1.59 -18.99
CA HIS A 161 15.59 -2.36 -17.89
C HIS A 161 16.96 -1.81 -17.54
N GLY A 162 17.19 -1.59 -16.25
CA GLY A 162 18.47 -1.10 -15.81
C GLY A 162 18.52 -0.97 -14.30
N PHE A 163 19.73 -0.90 -13.77
CA PHE A 163 19.88 -0.56 -12.37
C PHE A 163 21.20 0.17 -12.19
N THR A 164 21.32 0.92 -11.11
CA THR A 164 22.51 1.68 -10.84
C THR A 164 23.58 0.76 -10.26
N ILE A 165 24.47 0.25 -11.10
CA ILE A 165 25.45 -0.73 -10.62
C ILE A 165 26.49 -0.04 -9.72
N GLY A 166 27.03 -0.78 -8.75
CA GLY A 166 27.90 -0.18 -7.76
C GLY A 166 29.38 -0.48 -7.92
N ASP A 167 29.85 -1.49 -7.19
CA ASP A 167 31.27 -1.80 -7.07
C ASP A 167 31.98 -2.00 -8.43
N PRO A 168 32.96 -1.14 -8.75
CA PRO A 168 33.71 -1.21 -10.01
C PRO A 168 34.48 -2.51 -10.21
N LYS A 169 34.81 -3.19 -9.12
CA LYS A 169 35.66 -4.38 -9.16
C LYS A 169 34.90 -5.68 -9.42
N GLN A 170 33.58 -5.61 -9.48
CA GLN A 170 32.78 -6.82 -9.60
C GLN A 170 32.83 -7.40 -11.01
N TRP A 171 32.56 -8.69 -11.15
CA TRP A 171 32.75 -9.37 -12.43
C TRP A 171 31.87 -8.82 -13.57
N ARG A 172 30.70 -8.27 -13.26
CA ARG A 172 29.84 -7.72 -14.32
C ARG A 172 30.50 -6.57 -15.08
N LEU A 173 31.49 -5.91 -14.46
CA LEU A 173 32.14 -4.75 -15.08
C LEU A 173 33.51 -5.16 -15.64
N ASN A 174 33.76 -6.45 -15.64
CA ASN A 174 34.97 -7.07 -16.17
C ASN A 174 34.64 -7.77 -17.48
N ARG A 175 35.16 -7.28 -18.60
CA ARG A 175 34.75 -7.86 -19.89
C ARG A 175 35.09 -9.34 -20.00
N ALA A 176 36.24 -9.74 -19.46
CA ALA A 176 36.62 -11.16 -19.59
C ALA A 176 35.65 -12.09 -18.89
N LEU A 177 34.99 -11.64 -17.81
CA LEU A 177 34.03 -12.51 -17.10
C LEU A 177 32.56 -12.24 -17.48
N ALA A 178 32.26 -11.01 -17.92
CA ALA A 178 30.86 -10.63 -18.18
C ALA A 178 30.45 -10.76 -19.66
N GLY A 179 31.42 -10.62 -20.56
CA GLY A 179 31.15 -10.73 -21.98
C GLY A 179 30.62 -9.42 -22.57
N GLY A 180 30.24 -8.49 -21.70
CA GLY A 180 29.67 -7.22 -22.13
C GLY A 180 28.99 -6.56 -20.94
N GLY A 181 28.40 -5.38 -21.16
CA GLY A 181 27.88 -4.56 -20.09
C GLY A 181 26.40 -4.75 -19.81
N SER A 182 25.71 -3.63 -19.65
CA SER A 182 24.31 -3.65 -19.23
C SER A 182 23.45 -4.55 -20.10
N LEU A 183 23.73 -4.60 -21.41
CA LEU A 183 22.91 -5.38 -22.33
C LEU A 183 22.97 -6.86 -21.96
N MET A 184 24.14 -7.31 -21.55
CA MET A 184 24.34 -8.71 -21.24
C MET A 184 23.59 -9.06 -19.96
N ASP A 185 23.55 -8.13 -19.03
CA ASP A 185 23.06 -8.41 -17.69
C ASP A 185 21.59 -8.09 -17.48
N ILE A 186 21.17 -6.91 -17.90
CA ILE A 186 19.82 -6.46 -17.56
C ILE A 186 19.02 -6.02 -18.81
N GLY A 187 19.69 -5.45 -19.80
CA GLY A 187 19.05 -5.09 -21.05
C GLY A 187 18.49 -6.28 -21.80
N ILE A 188 19.07 -7.46 -21.55
CA ILE A 188 18.53 -8.67 -22.13
C ILE A 188 17.05 -8.89 -21.75
N TYR A 189 16.61 -8.39 -20.59
CA TYR A 189 15.20 -8.53 -20.23
C TYR A 189 14.29 -7.75 -21.18
N SER A 190 14.76 -6.56 -21.59
CA SER A 190 14.04 -5.75 -22.57
C SER A 190 13.93 -6.49 -23.90
N LEU A 191 15.07 -7.02 -24.36
CA LEU A 191 15.09 -7.79 -25.61
C LEU A 191 14.21 -9.03 -25.50
N ASN A 192 14.39 -9.79 -24.42
CA ASN A 192 13.65 -11.03 -24.27
C ASN A 192 12.15 -10.78 -24.22
N ALA A 193 11.75 -9.73 -23.51
CA ALA A 193 10.33 -9.36 -23.43
C ALA A 193 9.76 -8.90 -24.77
N ALA A 194 10.52 -8.08 -25.52
CA ALA A 194 10.03 -7.65 -26.83
C ALA A 194 9.77 -8.87 -27.70
N ARG A 195 10.63 -9.87 -27.56
CA ARG A 195 10.44 -11.12 -28.29
C ARG A 195 9.23 -11.95 -27.81
N TYR A 196 9.02 -12.11 -26.49
CA TYR A 196 7.89 -12.96 -26.12
C TYR A 196 6.55 -12.23 -26.13
N LEU A 197 6.58 -10.90 -26.08
CA LEU A 197 5.32 -10.14 -26.19
C LEU A 197 4.81 -10.11 -27.63
N THR A 198 5.72 -9.91 -28.58
CA THR A 198 5.33 -9.95 -29.98
C THR A 198 5.15 -11.39 -30.47
N GLY A 199 5.86 -12.32 -29.84
CA GLY A 199 5.98 -13.67 -30.35
C GLY A 199 6.72 -13.74 -31.69
N GLU A 200 7.55 -12.73 -31.97
CA GLU A 200 8.30 -12.68 -33.23
C GLU A 200 9.80 -12.49 -32.99
N GLU A 201 10.58 -12.63 -34.07
CA GLU A 201 12.00 -12.36 -34.06
C GLU A 201 12.27 -11.12 -34.90
N PRO A 202 13.15 -10.24 -34.41
CA PRO A 202 13.42 -8.95 -35.07
C PRO A 202 14.10 -9.13 -36.42
N VAL A 203 13.80 -8.25 -37.38
CA VAL A 203 14.45 -8.31 -38.68
C VAL A 203 15.32 -7.09 -38.92
N ALA A 204 15.21 -6.09 -38.05
CA ALA A 204 16.08 -4.92 -38.12
C ALA A 204 16.32 -4.35 -36.74
N VAL A 205 17.53 -3.83 -36.54
CA VAL A 205 18.00 -3.33 -35.25
C VAL A 205 18.75 -2.00 -35.40
N ASN A 206 18.36 -1.01 -34.60
CA ASN A 206 19.14 0.23 -34.37
C ASN A 206 19.65 0.24 -32.93
N ALA A 207 20.71 0.97 -32.68
CA ALA A 207 21.17 1.11 -31.29
C ALA A 207 22.02 2.35 -31.13
N VAL A 208 21.98 2.91 -29.92
CA VAL A 208 22.87 4.00 -29.54
C VAL A 208 23.49 3.66 -28.20
N GLU A 209 24.80 3.81 -28.10
CA GLU A 209 25.49 3.56 -26.84
C GLU A 209 25.91 4.88 -26.20
N SER A 210 25.90 4.93 -24.87
CA SER A 210 26.37 6.10 -24.16
C SER A 210 27.03 5.68 -22.86
N THR A 211 28.35 5.81 -22.81
CA THR A 211 29.12 5.38 -21.66
C THR A 211 30.18 6.41 -21.34
N ASP A 212 30.22 6.84 -20.07
CA ASP A 212 31.26 7.74 -19.62
C ASP A 212 32.46 6.88 -19.21
N ARG A 213 33.49 6.89 -20.05
CA ARG A 213 34.66 6.04 -19.82
C ARG A 213 35.57 6.58 -18.73
N SER A 214 35.25 7.76 -18.19
CA SER A 214 36.00 8.29 -17.05
C SER A 214 35.40 7.76 -15.74
N ASP A 215 34.22 7.15 -15.83
CA ASP A 215 33.60 6.51 -14.66
C ASP A 215 34.37 5.22 -14.33
N PRO A 216 34.79 5.08 -13.07
CA PRO A 216 35.57 3.89 -12.66
C PRO A 216 34.87 2.56 -12.94
N ARG A 217 33.55 2.59 -13.08
CA ARG A 217 32.79 1.40 -13.40
C ARG A 217 32.91 0.93 -14.86
N PHE A 218 33.16 1.86 -15.77
CA PHE A 218 32.91 1.60 -17.19
C PHE A 218 34.15 1.70 -18.09
N GLY A 219 35.28 1.20 -17.60
CA GLY A 219 36.49 1.14 -18.40
C GLY A 219 36.41 0.06 -19.46
N GLU A 220 35.61 -0.98 -19.22
CA GLU A 220 35.65 -2.16 -20.08
C GLU A 220 34.34 -2.48 -20.78
N VAL A 221 33.21 -2.19 -20.14
CA VAL A 221 31.91 -2.56 -20.69
C VAL A 221 30.98 -1.35 -20.71
N GLU A 222 29.85 -1.49 -21.41
CA GLU A 222 29.01 -0.34 -21.68
C GLU A 222 28.02 -0.09 -20.56
N ASP A 223 27.65 1.18 -20.41
CA ASP A 223 26.66 1.59 -19.42
C ASP A 223 25.28 1.55 -20.07
N ILE A 224 25.00 2.54 -20.92
CA ILE A 224 23.72 2.57 -21.61
C ILE A 224 23.87 2.11 -23.04
N ILE A 225 23.01 1.19 -23.45
CA ILE A 225 22.88 0.90 -24.87
C ILE A 225 21.39 0.64 -25.15
N ASN A 226 20.75 1.64 -25.74
CA ASN A 226 19.35 1.57 -26.10
C ASN A 226 19.19 1.10 -27.52
N PHE A 227 18.13 0.36 -27.80
CA PHE A 227 17.97 -0.17 -29.12
C PHE A 227 16.54 -0.18 -29.59
N GLN A 228 16.39 -0.22 -30.90
CA GLN A 228 15.10 -0.34 -31.58
C GLN A 228 15.04 -1.65 -32.32
N LEU A 229 13.88 -2.30 -32.29
CA LEU A 229 13.64 -3.51 -33.04
C LEU A 229 12.45 -3.32 -33.99
N LEU A 230 12.59 -3.86 -35.20
CA LEU A 230 11.47 -3.98 -36.11
C LEU A 230 11.18 -5.45 -36.31
N PHE A 231 9.91 -5.84 -36.27
CA PHE A 231 9.51 -7.22 -36.47
C PHE A 231 8.79 -7.39 -37.82
N PRO A 232 8.71 -8.63 -38.37
CA PRO A 232 8.06 -8.86 -39.67
C PRO A 232 6.60 -8.39 -39.77
N SER A 233 5.86 -8.44 -38.65
CA SER A 233 4.45 -8.01 -38.64
C SER A 233 4.32 -6.49 -38.74
N GLY A 234 5.42 -5.78 -38.53
CA GLY A 234 5.40 -4.34 -38.48
C GLY A 234 5.46 -3.83 -37.04
N ALA A 235 5.37 -4.75 -36.08
CA ALA A 235 5.55 -4.38 -34.68
C ALA A 235 6.93 -3.75 -34.44
N THR A 236 7.00 -2.79 -33.53
CA THR A 236 8.24 -2.10 -33.21
C THR A 236 8.54 -2.17 -31.72
N ALA A 237 9.81 -2.09 -31.36
CA ALA A 237 10.19 -1.96 -29.95
C ALA A 237 11.24 -0.90 -29.76
N ASN A 238 11.05 -0.10 -28.72
CA ASN A 238 12.05 0.83 -28.17
C ASN A 238 12.50 0.28 -26.83
N CYS A 239 13.80 -0.01 -26.70
CA CYS A 239 14.30 -0.67 -25.51
C CYS A 239 15.45 0.11 -24.90
N VAL A 240 15.42 0.22 -23.57
CA VAL A 240 16.55 0.78 -22.82
C VAL A 240 17.29 -0.32 -22.08
N SER A 241 18.62 -0.24 -22.09
CA SER A 241 19.47 -1.07 -21.25
C SER A 241 20.45 -0.14 -20.55
N ALA A 242 20.52 -0.20 -19.22
CA ALA A 242 21.34 0.78 -18.49
C ALA A 242 21.96 0.26 -17.20
N TYR A 243 23.15 0.76 -16.91
CA TYR A 243 23.81 0.51 -15.64
C TYR A 243 23.88 1.78 -14.78
N SER A 244 23.18 2.85 -15.18
CA SER A 244 23.28 4.11 -14.45
C SER A 244 21.91 4.71 -14.11
N VAL A 245 20.84 3.99 -14.41
CA VAL A 245 19.50 4.37 -13.95
C VAL A 245 18.74 3.12 -13.52
N ASN A 246 17.72 3.31 -12.68
CA ASN A 246 16.87 2.21 -12.25
C ASN A 246 15.56 2.21 -13.03
N CYS A 247 15.29 1.12 -13.73
CA CYS A 247 14.05 0.97 -14.47
C CYS A 247 13.77 -0.50 -14.69
N ASN A 248 12.49 -0.86 -14.71
CA ASN A 248 12.13 -2.24 -14.93
C ASN A 248 10.68 -2.27 -15.33
N ARG A 249 10.44 -2.24 -16.63
CA ARG A 249 9.06 -2.11 -17.07
C ARG A 249 8.88 -2.44 -18.53
N TYR A 250 7.64 -2.74 -18.90
CA TYR A 250 7.29 -2.70 -20.31
C TYR A 250 5.82 -2.36 -20.51
N ARG A 251 5.55 -1.72 -21.63
CA ARG A 251 4.17 -1.52 -22.09
C ARG A 251 4.08 -2.01 -23.52
N VAL A 252 3.07 -2.82 -23.79
CA VAL A 252 2.84 -3.28 -25.14
C VAL A 252 1.51 -2.69 -25.56
N SER A 253 1.48 -2.12 -26.77
CA SER A 253 0.31 -1.36 -27.25
C SER A 253 -0.12 -1.79 -28.65
N GLY A 254 -1.43 -1.82 -28.85
CA GLY A 254 -2.00 -2.06 -30.16
C GLY A 254 -3.14 -1.06 -30.34
N PRO A 255 -3.82 -1.12 -31.49
CA PRO A 255 -4.89 -0.14 -31.79
C PRO A 255 -6.07 -0.25 -30.84
N LYS A 256 -6.24 -1.39 -30.17
CA LYS A 256 -7.39 -1.53 -29.27
C LYS A 256 -7.06 -1.23 -27.82
N GLY A 257 -5.77 -1.07 -27.52
CA GLY A 257 -5.40 -0.80 -26.15
C GLY A 257 -3.98 -1.21 -25.80
N TRP A 258 -3.66 -1.15 -24.51
CA TRP A 258 -2.32 -1.51 -24.08
C TRP A 258 -2.30 -2.12 -22.69
N VAL A 259 -1.21 -2.81 -22.38
CA VAL A 259 -1.02 -3.32 -21.04
C VAL A 259 0.43 -3.06 -20.64
N GLU A 260 0.64 -2.69 -19.38
CA GLU A 260 2.01 -2.50 -18.91
C GLU A 260 2.22 -3.16 -17.56
N ILE A 261 3.47 -3.44 -17.26
CA ILE A 261 3.85 -3.96 -15.95
C ILE A 261 5.05 -3.16 -15.47
N ASP A 262 5.01 -2.70 -14.23
CA ASP A 262 6.09 -1.88 -13.69
C ASP A 262 6.01 -1.99 -12.17
N PRO A 263 6.96 -2.72 -11.56
CA PRO A 263 8.07 -3.45 -12.18
C PRO A 263 7.59 -4.67 -12.95
N ALA A 264 8.31 -5.05 -14.01
CA ALA A 264 7.87 -6.12 -14.91
C ALA A 264 8.55 -7.46 -14.63
N THR A 265 9.85 -7.44 -14.38
CA THR A 265 10.63 -8.68 -14.32
C THR A 265 11.52 -8.76 -13.06
N SER A 266 11.07 -8.06 -12.03
CA SER A 266 11.72 -8.08 -10.74
C SER A 266 11.44 -9.41 -10.03
N TYR A 267 12.11 -9.66 -8.92
CA TYR A 267 11.91 -10.88 -8.13
C TYR A 267 10.52 -10.95 -7.53
N GLN A 268 9.96 -9.79 -7.21
CA GLN A 268 8.61 -9.69 -6.72
C GLN A 268 8.12 -8.26 -6.90
N GLY A 269 6.85 -8.03 -6.58
CA GLY A 269 6.31 -6.69 -6.61
C GLY A 269 5.71 -6.22 -7.92
N GLN A 270 5.59 -7.12 -8.90
CA GLN A 270 4.94 -6.80 -10.18
C GLN A 270 3.60 -6.10 -10.00
N ALA A 271 3.35 -5.07 -10.79
CA ALA A 271 2.05 -4.42 -10.81
C ALA A 271 1.68 -4.14 -12.25
N MET A 272 0.50 -4.57 -12.67
CA MET A 272 0.09 -4.42 -14.06
C MET A 272 -1.06 -3.43 -14.17
N ARG A 273 -1.05 -2.66 -15.25
CA ARG A 273 -2.10 -1.71 -15.54
C ARG A 273 -2.51 -1.93 -17.00
N ALA A 274 -3.80 -1.95 -17.27
CA ALA A 274 -4.23 -2.11 -18.66
C ALA A 274 -5.22 -1.04 -19.06
N GLN A 275 -5.18 -0.69 -20.34
CA GLN A 275 -6.09 0.26 -20.93
C GLN A 275 -6.77 -0.47 -22.10
N LEU A 276 -7.96 -1.00 -21.84
CA LEU A 276 -8.62 -1.89 -22.80
C LEU A 276 -10.09 -1.54 -22.97
N GLY A 277 -10.38 -0.43 -23.63
CA GLY A 277 -11.75 -0.03 -23.85
C GLY A 277 -12.21 1.03 -22.85
N GLY A 278 -11.29 1.46 -21.98
CA GLY A 278 -11.59 2.51 -21.02
C GLY A 278 -10.30 3.09 -20.48
N PRO A 279 -10.39 4.05 -19.55
CA PRO A 279 -9.16 4.56 -18.93
C PRO A 279 -8.36 3.43 -18.28
N PRO A 280 -7.05 3.65 -18.10
CA PRO A 280 -6.20 2.62 -17.49
C PRO A 280 -6.71 2.18 -16.11
N ALA A 281 -6.64 0.88 -15.82
CA ALA A 281 -7.00 0.35 -14.51
C ALA A 281 -6.02 -0.75 -14.11
N PRO A 282 -5.77 -0.88 -12.78
CA PRO A 282 -4.98 -2.00 -12.29
C PRO A 282 -5.59 -3.30 -12.76
N ARG A 283 -4.77 -4.28 -13.11
CA ARG A 283 -5.28 -5.58 -13.51
C ARG A 283 -4.53 -6.64 -12.71
N GLU A 284 -5.27 -7.48 -12.02
CA GLU A 284 -4.67 -8.58 -11.28
C GLU A 284 -4.59 -9.80 -12.19
N PRO A 285 -3.40 -10.42 -12.27
CA PRO A 285 -3.26 -11.55 -13.19
C PRO A 285 -3.94 -12.79 -12.66
N ALA A 286 -4.29 -13.72 -13.53
CA ALA A 286 -4.80 -15.02 -13.09
C ALA A 286 -3.76 -15.68 -12.20
N PRO A 287 -4.20 -16.33 -11.12
CA PRO A 287 -3.27 -16.96 -10.18
C PRO A 287 -2.44 -18.05 -10.84
N GLN A 288 -1.18 -18.18 -10.43
CA GLN A 288 -0.32 -19.25 -10.91
C GLN A 288 -0.15 -20.25 -9.76
N PRO A 289 0.19 -21.52 -10.08
CA PRO A 289 0.34 -22.55 -9.05
C PRO A 289 1.43 -22.23 -8.03
N LYS A 290 2.49 -21.55 -8.46
CA LYS A 290 3.62 -21.30 -7.57
C LYS A 290 4.49 -20.19 -8.15
N ASN A 291 5.36 -19.63 -7.31
CA ASN A 291 6.21 -18.50 -7.70
C ASN A 291 7.11 -18.81 -8.91
N GLN A 292 7.56 -17.75 -9.58
CA GLN A 292 8.31 -17.89 -10.83
C GLN A 292 9.59 -18.74 -10.71
N PHE A 293 10.23 -18.73 -9.54
CA PHE A 293 11.51 -19.45 -9.40
C PHE A 293 11.26 -20.94 -9.28
N SER A 294 10.35 -21.31 -8.40
CA SER A 294 9.96 -22.70 -8.25
C SER A 294 9.34 -23.23 -9.54
N ALA A 295 8.54 -22.40 -10.21
CA ALA A 295 7.96 -22.78 -11.51
C ALA A 295 9.05 -23.03 -12.56
N GLN A 296 10.05 -22.16 -12.59
CA GLN A 296 11.15 -22.35 -13.54
C GLN A 296 11.87 -23.67 -13.29
N LEU A 297 12.16 -23.96 -12.02
CA LEU A 297 12.85 -25.18 -11.68
C LEU A 297 12.03 -26.41 -12.07
N ASP A 298 10.75 -26.39 -11.74
CA ASP A 298 9.87 -27.52 -12.01
C ASP A 298 9.66 -27.70 -13.51
N HIS A 299 9.69 -26.61 -14.26
CA HIS A 299 9.48 -26.72 -15.71
C HIS A 299 10.52 -27.65 -16.33
N LEU A 300 11.78 -27.48 -15.98
CA LEU A 300 12.82 -28.33 -16.58
C LEU A 300 12.60 -29.78 -16.14
N SER A 301 12.33 -29.96 -14.85
CA SER A 301 12.11 -31.31 -14.31
C SER A 301 10.95 -32.00 -15.04
N GLU A 302 9.85 -31.27 -15.20
CA GLU A 302 8.67 -31.83 -15.84
C GLU A 302 8.93 -32.15 -17.31
N CYS A 303 9.71 -31.31 -17.99
CA CYS A 303 10.06 -31.61 -19.38
C CYS A 303 10.84 -32.93 -19.48
N ILE A 304 11.79 -33.10 -18.58
CA ILE A 304 12.58 -34.33 -18.53
C ILE A 304 11.67 -35.54 -18.23
N LEU A 305 10.78 -35.37 -17.27
CA LEU A 305 9.85 -36.43 -16.88
C LEU A 305 8.91 -36.81 -18.01
N THR A 306 8.50 -35.84 -18.83
CA THR A 306 7.49 -36.09 -19.85
C THR A 306 8.04 -36.18 -21.28
N GLY A 307 9.35 -35.98 -21.42
CA GLY A 307 9.98 -36.03 -22.73
C GLY A 307 9.59 -34.87 -23.64
N ARG A 308 9.45 -33.68 -23.06
CA ARG A 308 9.07 -32.50 -23.84
C ARG A 308 10.20 -31.48 -23.84
N GLU A 309 10.13 -30.49 -24.74
CA GLU A 309 11.15 -29.47 -24.83
C GLU A 309 10.77 -28.25 -24.02
N PRO A 310 11.74 -27.68 -23.28
CA PRO A 310 11.47 -26.50 -22.45
C PRO A 310 10.95 -25.33 -23.28
N ILE A 311 10.09 -24.48 -22.70
CA ILE A 311 9.60 -23.33 -23.46
C ILE A 311 10.71 -22.30 -23.68
N VAL A 312 11.75 -22.33 -22.86
CA VAL A 312 12.89 -21.44 -23.03
C VAL A 312 14.16 -22.30 -23.10
N GLY A 313 14.32 -22.99 -24.22
CA GLY A 313 15.46 -23.87 -24.41
C GLY A 313 16.69 -23.10 -24.85
N GLY A 314 17.77 -23.83 -25.14
CA GLY A 314 18.98 -23.19 -25.61
C GLY A 314 18.73 -22.29 -26.82
N ASP A 315 17.77 -22.67 -27.65
CA ASP A 315 17.50 -21.91 -28.85
C ASP A 315 16.94 -20.52 -28.53
N ASP A 316 16.22 -20.39 -27.41
CA ASP A 316 15.74 -19.07 -27.00
C ASP A 316 16.90 -18.19 -26.58
N GLY A 317 17.86 -18.77 -25.85
CA GLY A 317 19.05 -18.03 -25.43
C GLY A 317 19.90 -17.64 -26.62
N LEU A 318 20.04 -18.55 -27.59
CA LEU A 318 20.75 -18.26 -28.83
C LEU A 318 20.10 -17.12 -29.61
N LYS A 319 18.78 -17.12 -29.67
CA LYS A 319 18.07 -16.08 -30.42
C LYS A 319 18.31 -14.71 -29.80
N ASP A 320 18.38 -14.64 -28.46
CA ASP A 320 18.79 -13.40 -27.79
C ASP A 320 20.22 -13.01 -28.14
N LEU A 321 21.15 -13.96 -28.11
CA LEU A 321 22.54 -13.59 -28.40
C LEU A 321 22.70 -13.09 -29.84
N ARG A 322 21.92 -13.65 -30.76
CA ARG A 322 21.93 -13.18 -32.15
C ARG A 322 21.58 -11.71 -32.25
N VAL A 323 20.53 -11.31 -31.53
CA VAL A 323 20.09 -9.92 -31.57
C VAL A 323 21.05 -9.04 -30.78
N ILE A 324 21.57 -9.57 -29.66
CA ILE A 324 22.58 -8.82 -28.89
C ILE A 324 23.80 -8.48 -29.74
N GLU A 325 24.31 -9.45 -30.49
CA GLU A 325 25.43 -9.19 -31.42
C GLU A 325 25.07 -8.09 -32.41
N ALA A 326 23.84 -8.13 -32.93
CA ALA A 326 23.37 -7.12 -33.88
C ALA A 326 23.22 -5.74 -33.23
N ILE A 327 22.73 -5.72 -32.00
CA ILE A 327 22.64 -4.47 -31.23
C ILE A 327 24.01 -3.82 -31.05
N TYR A 328 24.98 -4.60 -30.57
CA TYR A 328 26.34 -4.07 -30.43
C TYR A 328 26.88 -3.56 -31.77
N ARG A 329 26.59 -4.29 -32.84
CA ARG A 329 27.07 -3.91 -34.17
C ARG A 329 26.41 -2.62 -34.65
N ALA A 330 25.10 -2.53 -34.45
CA ALA A 330 24.34 -1.36 -34.88
C ALA A 330 24.87 -0.10 -34.20
N ALA A 331 25.22 -0.21 -32.93
CA ALA A 331 25.77 0.93 -32.17
C ALA A 331 27.18 1.27 -32.65
N ARG A 332 27.98 0.24 -32.87
CA ARG A 332 29.35 0.41 -33.34
C ARG A 332 29.40 1.04 -34.73
N GLU A 333 28.56 0.54 -35.63
CA GLU A 333 28.59 0.99 -37.03
C GLU A 333 27.65 2.16 -37.34
N GLY A 334 26.80 2.52 -36.38
CA GLY A 334 25.85 3.61 -36.58
C GLY A 334 24.97 3.39 -37.80
N ARG A 335 24.44 2.18 -37.92
CA ARG A 335 23.54 1.87 -39.02
C ARG A 335 22.54 0.81 -38.59
N THR A 336 21.45 0.68 -39.35
CA THR A 336 20.46 -0.34 -39.06
C THR A 336 21.02 -1.70 -39.45
N VAL A 337 21.00 -2.66 -38.53
CA VAL A 337 21.48 -3.99 -38.84
C VAL A 337 20.30 -4.90 -39.15
N LYS A 338 20.40 -5.59 -40.28
CA LYS A 338 19.35 -6.47 -40.72
C LYS A 338 19.61 -7.89 -40.24
N LEU A 339 18.53 -8.56 -39.82
CA LEU A 339 18.56 -9.95 -39.38
C LEU A 339 17.54 -10.76 -40.16
N ARG B 5 -13.66 -42.19 -4.71
CA ARG B 5 -13.01 -41.12 -3.97
C ARG B 5 -13.09 -39.79 -4.71
N LYS B 6 -12.83 -39.81 -6.02
CA LYS B 6 -12.86 -38.59 -6.84
C LYS B 6 -13.91 -38.67 -7.96
N LEU B 7 -14.81 -37.70 -7.98
CA LEU B 7 -15.80 -37.60 -9.05
C LEU B 7 -15.25 -36.84 -10.26
N GLY B 8 -15.69 -37.23 -11.45
CA GLY B 8 -15.19 -36.64 -12.67
C GLY B 8 -16.00 -35.46 -13.18
N TYR B 9 -15.31 -34.36 -13.47
CA TYR B 9 -15.92 -33.15 -14.03
C TYR B 9 -15.74 -33.07 -15.53
N ALA B 10 -16.83 -32.74 -16.24
CA ALA B 10 -16.75 -32.26 -17.60
C ALA B 10 -16.93 -30.74 -17.56
N ILE B 11 -15.94 -30.02 -18.08
CA ILE B 11 -16.02 -28.55 -18.15
C ILE B 11 -16.59 -28.14 -19.48
N LEU B 12 -17.66 -27.36 -19.45
CA LEU B 12 -18.36 -26.97 -20.67
C LEU B 12 -18.24 -25.47 -20.89
N GLY B 13 -17.62 -25.08 -21.99
CA GLY B 13 -17.39 -23.68 -22.30
C GLY B 13 -15.98 -23.31 -21.88
N LEU B 14 -15.02 -23.52 -22.78
CA LEU B 14 -13.62 -23.35 -22.42
C LEU B 14 -13.18 -21.91 -22.65
N GLY B 15 -13.74 -21.01 -21.84
CA GLY B 15 -13.43 -19.59 -21.92
C GLY B 15 -12.46 -19.19 -20.83
N TYR B 16 -12.49 -17.90 -20.46
CA TYR B 16 -11.54 -17.36 -19.49
C TYR B 16 -11.63 -18.05 -18.14
N TYR B 17 -12.82 -18.03 -17.55
CA TYR B 17 -12.96 -18.56 -16.20
C TYR B 17 -12.65 -20.06 -16.16
N ALA B 18 -13.15 -20.80 -17.15
CA ALA B 18 -12.88 -22.24 -17.22
C ALA B 18 -11.39 -22.55 -17.32
N THR B 19 -10.71 -21.95 -18.29
CA THR B 19 -9.33 -22.37 -18.58
C THR B 19 -8.28 -21.69 -17.72
N ARG B 20 -8.52 -20.43 -17.34
CA ARG B 20 -7.52 -19.71 -16.55
C ARG B 20 -7.68 -19.85 -15.05
N ILE B 21 -8.90 -20.05 -14.58
CA ILE B 21 -9.16 -20.03 -13.15
C ILE B 21 -9.54 -21.39 -12.58
N ILE B 22 -10.51 -22.05 -13.21
CA ILE B 22 -11.07 -23.28 -12.65
C ILE B 22 -10.21 -24.52 -12.94
N MET B 23 -9.90 -24.77 -14.21
CA MET B 23 -9.23 -26.02 -14.59
C MET B 23 -7.87 -26.24 -13.89
N PRO B 24 -7.06 -25.17 -13.71
CA PRO B 24 -5.82 -25.40 -12.93
C PRO B 24 -6.02 -25.83 -11.47
N ARG B 25 -7.22 -25.61 -10.91
CA ARG B 25 -7.41 -25.84 -9.48
C ARG B 25 -7.89 -27.25 -9.15
N PHE B 26 -8.07 -28.09 -10.17
CA PHE B 26 -8.34 -29.51 -9.91
C PHE B 26 -7.13 -30.14 -9.21
N ALA B 27 -5.96 -29.57 -9.44
CA ALA B 27 -4.71 -30.01 -8.82
C ALA B 27 -4.80 -30.09 -7.29
N GLU B 28 -5.52 -29.15 -6.67
CA GLU B 28 -5.64 -29.14 -5.22
C GLU B 28 -6.92 -29.80 -4.70
N CYS B 29 -7.72 -30.40 -5.58
CA CYS B 29 -8.94 -31.09 -5.16
C CYS B 29 -8.63 -32.46 -4.55
N GLU B 30 -9.44 -32.87 -3.59
CA GLU B 30 -9.30 -34.18 -2.97
C GLU B 30 -10.36 -35.16 -3.44
N HIS B 31 -11.42 -34.63 -4.04
CA HIS B 31 -12.58 -35.46 -4.35
C HIS B 31 -13.10 -35.17 -5.74
N SER B 32 -12.31 -34.46 -6.52
CA SER B 32 -12.71 -34.07 -7.88
C SER B 32 -11.54 -34.22 -8.84
N ARG B 33 -11.84 -34.59 -10.06
CA ARG B 33 -10.84 -34.64 -11.12
C ARG B 33 -11.45 -34.16 -12.42
N LEU B 34 -10.60 -33.63 -13.30
CA LEU B 34 -11.02 -33.22 -14.62
C LEU B 34 -11.11 -34.46 -15.53
N ALA B 35 -12.31 -34.78 -15.98
CA ALA B 35 -12.52 -36.00 -16.76
C ALA B 35 -12.86 -35.77 -18.24
N ALA B 36 -13.49 -34.64 -18.55
CA ALA B 36 -13.91 -34.38 -19.92
C ALA B 36 -13.96 -32.89 -20.24
N LEU B 37 -13.96 -32.59 -21.53
CA LEU B 37 -14.05 -31.23 -22.05
C LEU B 37 -15.17 -31.12 -23.07
N VAL B 38 -15.94 -30.05 -22.98
CA VAL B 38 -17.01 -29.80 -23.93
C VAL B 38 -16.83 -28.39 -24.46
N SER B 39 -16.66 -28.26 -25.77
CA SER B 39 -16.30 -26.97 -26.37
C SER B 39 -16.80 -26.84 -27.80
N GLY B 40 -17.22 -25.63 -28.17
CA GLY B 40 -17.63 -25.35 -29.53
C GLY B 40 -16.45 -24.92 -30.39
N THR B 41 -15.26 -24.98 -29.83
CA THR B 41 -14.07 -24.57 -30.56
C THR B 41 -13.06 -25.72 -30.65
N PRO B 42 -13.00 -26.39 -31.82
CA PRO B 42 -12.18 -27.60 -31.99
C PRO B 42 -10.73 -27.43 -31.54
N GLU B 43 -10.14 -26.27 -31.81
CA GLU B 43 -8.76 -25.99 -31.40
C GLU B 43 -8.58 -26.06 -29.89
N LYS B 44 -9.61 -25.67 -29.13
CA LYS B 44 -9.55 -25.71 -27.67
C LYS B 44 -9.56 -27.14 -27.14
N LEU B 45 -10.36 -27.98 -27.77
CA LEU B 45 -10.43 -29.39 -27.37
C LEU B 45 -9.04 -30.02 -27.56
N LYS B 46 -8.37 -29.65 -28.64
CA LYS B 46 -7.04 -30.18 -28.91
C LYS B 46 -6.00 -29.62 -27.93
N THR B 47 -5.96 -28.29 -27.80
CA THR B 47 -5.00 -27.66 -26.90
C THR B 47 -5.15 -28.12 -25.45
N TYR B 48 -6.34 -27.95 -24.89
CA TYR B 48 -6.55 -28.28 -23.49
C TYR B 48 -6.65 -29.80 -23.25
N GLY B 49 -7.11 -30.53 -24.25
CA GLY B 49 -7.13 -31.98 -24.14
C GLY B 49 -5.72 -32.52 -24.00
N GLU B 50 -4.82 -32.02 -24.85
CA GLU B 50 -3.43 -32.43 -24.81
C GLU B 50 -2.76 -31.94 -23.54
N GLN B 51 -3.01 -30.67 -23.18
CA GLN B 51 -2.45 -30.09 -21.96
C GLN B 51 -2.84 -30.84 -20.70
N TYR B 52 -4.12 -31.22 -20.58
CA TYR B 52 -4.58 -31.85 -19.37
C TYR B 52 -4.68 -33.37 -19.48
N GLY B 53 -4.25 -33.92 -20.61
CA GLY B 53 -4.24 -35.36 -20.79
C GLY B 53 -5.63 -35.96 -20.86
N ILE B 54 -6.52 -35.26 -21.52
CA ILE B 54 -7.88 -35.73 -21.72
C ILE B 54 -7.98 -36.41 -23.09
N PRO B 55 -8.23 -37.72 -23.10
CA PRO B 55 -8.33 -38.55 -24.32
C PRO B 55 -9.41 -38.04 -25.28
N GLU B 56 -9.27 -38.32 -26.57
CA GLU B 56 -10.24 -37.85 -27.56
C GLU B 56 -11.64 -38.39 -27.25
N THR B 57 -11.71 -39.55 -26.63
CA THR B 57 -12.97 -40.15 -26.23
C THR B 57 -13.72 -39.31 -25.19
N HIS B 58 -13.02 -38.38 -24.56
CA HIS B 58 -13.61 -37.56 -23.49
C HIS B 58 -13.69 -36.09 -23.89
N ARG B 59 -13.58 -35.84 -25.20
CA ARG B 59 -13.72 -34.51 -25.75
C ARG B 59 -15.01 -34.42 -26.56
N TYR B 60 -15.80 -33.39 -26.29
CA TYR B 60 -17.12 -33.24 -26.90
C TYR B 60 -17.30 -31.85 -27.49
N SER B 61 -17.96 -31.78 -28.64
CA SER B 61 -18.47 -30.51 -29.16
C SER B 61 -19.85 -30.28 -28.57
N TYR B 62 -20.46 -29.14 -28.87
CA TYR B 62 -21.83 -28.93 -28.44
C TYR B 62 -22.79 -29.84 -29.21
N GLU B 63 -22.32 -30.40 -30.33
CA GLU B 63 -23.17 -31.25 -31.14
C GLU B 63 -23.08 -32.72 -30.71
N THR B 64 -22.01 -33.08 -30.00
CA THR B 64 -21.87 -34.46 -29.54
C THR B 64 -22.05 -34.58 -28.03
N PHE B 65 -22.27 -33.44 -27.37
CA PHE B 65 -22.37 -33.38 -25.91
C PHE B 65 -23.36 -34.40 -25.32
N ASP B 66 -24.51 -34.60 -25.97
CA ASP B 66 -25.52 -35.50 -25.40
C ASP B 66 -25.01 -36.92 -25.23
N ARG B 67 -24.00 -37.28 -26.01
CA ARG B 67 -23.44 -38.62 -25.93
C ARG B 67 -22.63 -38.81 -24.63
N ILE B 68 -22.44 -37.75 -23.86
CA ILE B 68 -21.71 -37.85 -22.59
C ILE B 68 -22.41 -38.73 -21.56
N ILE B 69 -23.70 -39.03 -21.78
CA ILE B 69 -24.46 -39.92 -20.90
C ILE B 69 -23.79 -41.31 -20.83
N ASP B 70 -23.02 -41.66 -21.85
CA ASP B 70 -22.36 -42.97 -21.92
C ASP B 70 -20.96 -42.98 -21.31
N ASN B 71 -20.55 -41.84 -20.76
CA ASN B 71 -19.23 -41.73 -20.19
C ASN B 71 -19.32 -41.80 -18.67
N PRO B 72 -19.02 -42.96 -18.10
CA PRO B 72 -19.11 -43.10 -16.65
C PRO B 72 -17.97 -42.40 -15.91
N ASP B 73 -16.98 -41.90 -16.64
CA ASP B 73 -15.92 -41.12 -15.99
C ASP B 73 -16.39 -39.70 -15.63
N VAL B 74 -17.56 -39.32 -16.16
CA VAL B 74 -18.14 -37.98 -15.92
C VAL B 74 -19.33 -38.06 -14.99
N ASP B 75 -19.21 -37.43 -13.83
CA ASP B 75 -20.29 -37.39 -12.85
C ASP B 75 -20.99 -36.05 -12.87
N ILE B 76 -20.23 -35.02 -13.24
CA ILE B 76 -20.63 -33.63 -13.10
C ILE B 76 -20.29 -32.87 -14.36
N VAL B 77 -21.21 -32.02 -14.79
CA VAL B 77 -20.95 -31.05 -15.84
C VAL B 77 -20.94 -29.66 -15.21
N TYR B 78 -19.87 -28.92 -15.49
CA TYR B 78 -19.71 -27.57 -14.98
C TYR B 78 -19.94 -26.63 -16.15
N VAL B 79 -21.05 -25.90 -16.11
CA VAL B 79 -21.41 -24.99 -17.19
C VAL B 79 -20.80 -23.61 -16.96
N ILE B 80 -19.91 -23.20 -17.87
CA ILE B 80 -19.17 -21.95 -17.73
C ILE B 80 -19.26 -21.14 -19.03
N THR B 81 -20.50 -20.92 -19.47
CA THR B 81 -20.83 -20.26 -20.72
C THR B 81 -21.42 -18.87 -20.45
N PRO B 82 -21.69 -18.10 -21.51
CA PRO B 82 -22.49 -16.89 -21.26
C PRO B 82 -23.83 -17.23 -20.59
N ASN B 83 -24.37 -16.26 -19.85
CA ASN B 83 -25.49 -16.47 -18.95
C ASN B 83 -26.72 -17.12 -19.59
N SER B 84 -27.10 -16.69 -20.78
CA SER B 84 -28.35 -17.19 -21.39
C SER B 84 -28.26 -18.66 -21.78
N LEU B 85 -27.05 -19.22 -21.79
CA LEU B 85 -26.88 -20.61 -22.18
C LEU B 85 -26.77 -21.52 -20.96
N HIS B 86 -26.71 -20.93 -19.78
CA HIS B 86 -26.71 -21.70 -18.53
C HIS B 86 -27.88 -22.68 -18.48
N ARG B 87 -29.09 -22.17 -18.71
CA ARG B 87 -30.27 -23.05 -18.58
C ARG B 87 -30.28 -24.19 -19.60
N PRO B 88 -30.11 -23.90 -20.91
CA PRO B 88 -30.22 -25.04 -21.83
C PRO B 88 -29.12 -26.08 -21.68
N PHE B 89 -27.90 -25.66 -21.34
CA PHE B 89 -26.84 -26.63 -21.13
C PHE B 89 -27.04 -27.40 -19.83
N THR B 90 -27.61 -26.75 -18.82
CA THR B 90 -27.95 -27.42 -17.56
C THR B 90 -29.00 -28.51 -17.81
N GLU B 91 -30.01 -28.18 -18.62
CA GLU B 91 -31.03 -29.17 -18.96
C GLU B 91 -30.44 -30.38 -19.67
N ARG B 92 -29.54 -30.16 -20.63
CA ARG B 92 -28.96 -31.27 -21.36
C ARG B 92 -27.97 -32.08 -20.51
N ALA B 93 -27.26 -31.41 -19.59
CA ALA B 93 -26.42 -32.14 -18.64
C ALA B 93 -27.27 -33.06 -17.78
N ALA B 94 -28.39 -32.55 -17.28
CA ALA B 94 -29.28 -33.37 -16.44
C ALA B 94 -29.93 -34.48 -17.28
N ARG B 95 -30.25 -34.16 -18.53
CA ARG B 95 -30.77 -35.15 -19.46
C ARG B 95 -29.77 -36.28 -19.68
N ALA B 96 -28.48 -35.97 -19.56
CA ALA B 96 -27.43 -36.97 -19.75
C ALA B 96 -27.07 -37.67 -18.43
N GLY B 97 -27.91 -37.47 -17.42
CA GLY B 97 -27.75 -38.13 -16.14
C GLY B 97 -26.60 -37.61 -15.28
N LYS B 98 -26.17 -36.37 -15.56
CA LYS B 98 -25.07 -35.77 -14.80
C LYS B 98 -25.57 -34.75 -13.77
N HIS B 99 -24.92 -34.73 -12.62
CA HIS B 99 -25.06 -33.61 -11.69
C HIS B 99 -24.49 -32.34 -12.34
N VAL B 100 -24.90 -31.17 -11.86
CA VAL B 100 -24.55 -29.91 -12.51
C VAL B 100 -23.98 -28.87 -11.54
N MET B 101 -22.81 -28.35 -11.91
CA MET B 101 -22.30 -27.12 -11.35
C MET B 101 -22.55 -26.06 -12.40
N CYS B 102 -23.15 -24.94 -11.99
CA CYS B 102 -23.48 -23.88 -12.93
C CYS B 102 -22.94 -22.55 -12.44
N GLU B 103 -22.28 -21.81 -13.30
CA GLU B 103 -21.75 -20.53 -12.87
C GLU B 103 -22.86 -19.52 -12.59
N LYS B 104 -22.53 -18.50 -11.80
CA LYS B 104 -23.44 -17.36 -11.61
C LYS B 104 -23.36 -16.41 -12.81
N PRO B 105 -24.38 -15.58 -13.02
CA PRO B 105 -25.70 -15.70 -12.40
C PRO B 105 -26.34 -16.98 -12.90
N MET B 106 -27.20 -17.60 -12.11
CA MET B 106 -27.72 -18.93 -12.45
C MET B 106 -28.36 -18.96 -13.84
N ALA B 107 -29.21 -17.97 -14.11
CA ALA B 107 -29.85 -17.83 -15.41
C ALA B 107 -30.39 -16.40 -15.54
N ASN B 108 -31.02 -16.09 -16.66
CA ASN B 108 -31.41 -14.72 -16.96
C ASN B 108 -32.66 -14.26 -16.22
N THR B 109 -33.52 -15.20 -15.87
CA THR B 109 -34.78 -14.88 -15.20
C THR B 109 -35.07 -15.86 -14.08
N VAL B 110 -36.00 -15.48 -13.21
CA VAL B 110 -36.50 -16.36 -12.17
C VAL B 110 -37.07 -17.66 -12.74
N ALA B 111 -37.89 -17.53 -13.80
CA ALA B 111 -38.54 -18.69 -14.42
C ALA B 111 -37.49 -19.66 -14.96
N ASP B 112 -36.42 -19.12 -15.55
CA ASP B 112 -35.33 -19.96 -16.03
C ASP B 112 -34.69 -20.76 -14.90
N CYS B 113 -34.46 -20.11 -13.75
CA CYS B 113 -33.89 -20.81 -12.61
C CYS B 113 -34.80 -21.94 -12.14
N GLU B 114 -36.11 -21.68 -12.16
CA GLU B 114 -37.08 -22.65 -11.69
C GLU B 114 -37.09 -23.86 -12.63
N ALA B 115 -36.97 -23.59 -13.93
CA ALA B 115 -36.92 -24.66 -14.92
C ALA B 115 -35.67 -25.54 -14.75
N MET B 116 -34.56 -24.91 -14.39
CA MET B 116 -33.31 -25.64 -14.16
C MET B 116 -33.42 -26.54 -12.94
N ILE B 117 -33.96 -25.98 -11.86
CA ILE B 117 -34.19 -26.73 -10.63
C ILE B 117 -35.10 -27.94 -10.86
N ALA B 118 -36.19 -27.72 -11.60
CA ALA B 118 -37.13 -28.78 -11.95
C ALA B 118 -36.49 -29.84 -12.83
N ALA B 119 -35.69 -29.40 -13.81
CA ALA B 119 -34.99 -30.31 -14.71
C ALA B 119 -34.07 -31.26 -13.95
N CYS B 120 -33.30 -30.74 -13.01
CA CYS B 120 -32.35 -31.56 -12.26
C CYS B 120 -33.07 -32.44 -11.25
N LYS B 121 -34.11 -31.89 -10.63
CA LYS B 121 -34.96 -32.66 -9.71
C LYS B 121 -35.53 -33.89 -10.41
N LYS B 122 -36.08 -33.68 -11.60
CA LYS B 122 -36.67 -34.74 -12.40
C LYS B 122 -35.64 -35.81 -12.75
N ALA B 123 -34.40 -35.38 -12.92
CA ALA B 123 -33.32 -36.28 -13.30
C ALA B 123 -32.71 -36.96 -12.08
N GLY B 124 -33.15 -36.56 -10.90
CA GLY B 124 -32.58 -37.07 -9.66
C GLY B 124 -31.10 -36.73 -9.55
N ARG B 125 -30.75 -35.52 -9.98
CA ARG B 125 -29.35 -35.07 -9.98
C ARG B 125 -29.22 -33.78 -9.20
N LYS B 126 -28.06 -33.57 -8.61
CA LYS B 126 -27.85 -32.38 -7.79
C LYS B 126 -27.47 -31.17 -8.65
N LEU B 127 -27.74 -29.99 -8.11
CA LEU B 127 -27.47 -28.74 -8.79
C LEU B 127 -26.82 -27.76 -7.83
N MET B 128 -25.69 -27.18 -8.24
CA MET B 128 -24.96 -26.23 -7.40
C MET B 128 -24.57 -25.00 -8.23
N ILE B 129 -24.67 -23.82 -7.62
CA ILE B 129 -24.26 -22.59 -8.27
C ILE B 129 -22.88 -22.16 -7.78
N GLY B 130 -22.04 -21.67 -8.70
CA GLY B 130 -20.65 -21.38 -8.39
C GLY B 130 -20.41 -20.14 -7.56
N TYR B 131 -21.00 -20.10 -6.36
CA TYR B 131 -20.75 -19.02 -5.41
C TYR B 131 -19.51 -19.35 -4.56
N ARG B 132 -18.35 -19.26 -5.19
CA ARG B 132 -17.10 -19.66 -4.56
C ARG B 132 -16.79 -18.92 -3.25
N SER B 133 -17.33 -17.71 -3.08
CA SER B 133 -17.02 -16.92 -1.89
C SER B 133 -17.46 -17.59 -0.61
N ARG B 134 -18.46 -18.46 -0.70
CA ARG B 134 -18.89 -19.25 0.46
C ARG B 134 -17.83 -20.25 0.91
N PHE B 135 -16.79 -20.41 0.10
CA PHE B 135 -15.71 -21.35 0.42
C PHE B 135 -14.38 -20.64 0.65
N GLN B 136 -14.42 -19.31 0.63
CA GLN B 136 -13.24 -18.47 0.75
C GLN B 136 -13.05 -18.09 2.22
N ALA B 137 -11.82 -18.16 2.72
CA ALA B 137 -11.51 -18.08 4.16
C ALA B 137 -12.02 -16.83 4.89
N HIS B 138 -11.76 -15.66 4.32
CA HIS B 138 -12.15 -14.40 4.95
C HIS B 138 -13.67 -14.27 4.99
N ASN B 139 -14.32 -14.68 3.90
CA ASN B 139 -15.78 -14.68 3.84
C ASN B 139 -16.40 -15.59 4.88
N ILE B 140 -15.85 -16.79 5.01
CA ILE B 140 -16.33 -17.69 6.04
C ILE B 140 -16.16 -17.07 7.42
N GLU B 141 -15.00 -16.46 7.66
CA GLU B 141 -14.73 -15.81 8.95
C GLU B 141 -15.75 -14.71 9.28
N ALA B 142 -16.05 -13.87 8.28
CA ALA B 142 -17.06 -12.82 8.47
C ALA B 142 -18.44 -13.40 8.80
N ILE B 143 -18.88 -14.37 8.00
CA ILE B 143 -20.16 -15.03 8.26
C ILE B 143 -20.23 -15.58 9.69
N LYS B 144 -19.18 -16.27 10.12
CA LYS B 144 -19.24 -16.91 11.42
C LYS B 144 -19.12 -15.89 12.56
N LEU B 145 -18.39 -14.79 12.34
CA LEU B 145 -18.35 -13.70 13.29
C LEU B 145 -19.74 -13.14 13.54
N VAL B 146 -20.49 -12.95 12.45
CA VAL B 146 -21.88 -12.53 12.54
C VAL B 146 -22.74 -13.54 13.29
N ARG B 147 -22.67 -14.81 12.88
CA ARG B 147 -23.48 -15.86 13.52
C ARG B 147 -23.19 -16.02 15.01
N ASP B 148 -21.95 -15.73 15.40
CA ASP B 148 -21.53 -15.91 16.79
C ASP B 148 -21.82 -14.70 17.68
N GLY B 149 -22.44 -13.67 17.10
CA GLY B 149 -22.88 -12.51 17.85
C GLY B 149 -21.80 -11.49 18.10
N ALA B 150 -20.68 -11.62 17.39
CA ALA B 150 -19.56 -10.72 17.57
C ALA B 150 -19.95 -9.26 17.30
N LEU B 151 -20.94 -9.06 16.42
CA LEU B 151 -21.33 -7.70 16.02
C LEU B 151 -22.59 -7.22 16.74
N GLY B 152 -23.27 -8.16 17.39
CA GLY B 152 -24.64 -7.93 17.81
C GLY B 152 -25.50 -8.17 16.58
N PRO B 153 -26.79 -7.80 16.64
CA PRO B 153 -27.61 -7.95 15.44
C PRO B 153 -27.09 -7.11 14.28
N VAL B 154 -27.15 -7.67 13.08
CA VAL B 154 -26.68 -6.96 11.90
C VAL B 154 -27.60 -5.77 11.70
N ARG B 155 -27.00 -4.59 11.57
CA ARG B 155 -27.78 -3.40 11.30
C ARG B 155 -27.55 -2.90 9.88
N THR B 156 -26.30 -2.94 9.42
CA THR B 156 -26.00 -2.48 8.06
C THR B 156 -25.01 -3.40 7.37
N VAL B 157 -25.23 -3.60 6.07
CA VAL B 157 -24.24 -4.18 5.17
C VAL B 157 -24.01 -3.17 4.06
N VAL B 158 -22.76 -2.74 3.90
CA VAL B 158 -22.46 -1.82 2.80
C VAL B 158 -21.46 -2.53 1.89
N THR B 159 -21.87 -2.78 0.65
CA THR B 159 -21.06 -3.60 -0.23
C THR B 159 -21.08 -3.08 -1.65
N ASP B 160 -19.89 -2.97 -2.23
CA ASP B 160 -19.71 -2.43 -3.57
C ASP B 160 -18.97 -3.43 -4.44
N HIS B 161 -19.55 -3.74 -5.60
CA HIS B 161 -18.87 -4.59 -6.57
C HIS B 161 -18.98 -3.98 -7.95
N GLY B 162 -17.85 -3.88 -8.63
CA GLY B 162 -17.85 -3.41 -9.99
C GLY B 162 -16.47 -3.48 -10.62
N PHE B 163 -16.43 -3.39 -11.94
CA PHE B 163 -15.15 -3.22 -12.62
C PHE B 163 -15.39 -2.37 -13.86
N THR B 164 -14.34 -1.71 -14.33
CA THR B 164 -14.43 -0.89 -15.52
C THR B 164 -14.36 -1.77 -16.77
N ILE B 165 -15.52 -2.14 -17.29
CA ILE B 165 -15.59 -3.07 -18.41
C ILE B 165 -15.13 -2.35 -19.68
N GLY B 166 -14.51 -3.09 -20.57
CA GLY B 166 -13.90 -2.49 -21.75
C GLY B 166 -14.59 -2.75 -23.07
N ASP B 167 -14.12 -3.77 -23.78
CA ASP B 167 -14.56 -4.07 -25.16
C ASP B 167 -16.09 -4.16 -25.30
N PRO B 168 -16.68 -3.19 -26.03
CA PRO B 168 -18.13 -3.10 -26.24
C PRO B 168 -18.72 -4.32 -26.93
N LYS B 169 -17.90 -5.10 -27.64
CA LYS B 169 -18.41 -6.21 -28.44
C LYS B 169 -18.59 -7.53 -27.69
N GLN B 170 -18.14 -7.59 -26.44
CA GLN B 170 -18.15 -8.84 -25.67
C GLN B 170 -19.58 -9.22 -25.23
N TRP B 171 -19.79 -10.49 -24.89
CA TRP B 171 -21.14 -10.97 -24.66
C TRP B 171 -21.77 -10.37 -23.39
N ARG B 172 -20.95 -9.94 -22.44
CA ARG B 172 -21.49 -9.33 -21.23
C ARG B 172 -22.28 -8.07 -21.53
N LEU B 173 -21.99 -7.45 -22.67
CA LEU B 173 -22.64 -6.19 -23.01
C LEU B 173 -23.73 -6.44 -24.04
N ASN B 174 -23.96 -7.70 -24.33
CA ASN B 174 -25.04 -8.12 -25.22
C ASN B 174 -26.23 -8.65 -24.41
N ARG B 175 -27.36 -7.96 -24.50
CA ARG B 175 -28.49 -8.28 -23.62
C ARG B 175 -29.01 -9.71 -23.81
N ALA B 176 -29.00 -10.20 -25.05
CA ALA B 176 -29.50 -11.54 -25.35
C ALA B 176 -28.69 -12.60 -24.60
N LEU B 177 -27.36 -12.47 -24.60
CA LEU B 177 -26.49 -13.45 -23.97
C LEU B 177 -26.26 -13.22 -22.48
N ALA B 178 -26.24 -11.96 -22.04
CA ALA B 178 -25.90 -11.66 -20.66
C ALA B 178 -27.13 -11.61 -19.77
N GLY B 179 -28.28 -11.28 -20.36
CA GLY B 179 -29.52 -11.19 -19.61
C GLY B 179 -29.63 -9.88 -18.83
N GLY B 180 -28.56 -9.10 -18.82
CA GLY B 180 -28.54 -7.82 -18.16
C GLY B 180 -27.12 -7.32 -17.97
N GLY B 181 -26.97 -6.16 -17.33
CA GLY B 181 -25.69 -5.51 -17.21
C GLY B 181 -24.90 -5.86 -15.96
N SER B 182 -24.37 -4.84 -15.30
CA SER B 182 -23.47 -5.03 -14.16
C SER B 182 -24.10 -5.89 -13.06
N LEU B 183 -25.41 -5.73 -12.84
CA LEU B 183 -26.07 -6.47 -11.76
C LEU B 183 -26.01 -7.98 -11.99
N MET B 184 -26.18 -8.41 -13.23
CA MET B 184 -26.14 -9.85 -13.53
C MET B 184 -24.74 -10.42 -13.34
N ASP B 185 -23.74 -9.60 -13.65
CA ASP B 185 -22.37 -10.09 -13.70
C ASP B 185 -21.58 -9.93 -12.40
N ILE B 186 -21.66 -8.75 -11.81
CA ILE B 186 -20.78 -8.42 -10.71
C ILE B 186 -21.56 -7.88 -9.51
N GLY B 187 -22.62 -7.12 -9.77
CA GLY B 187 -23.48 -6.66 -8.68
C GLY B 187 -24.08 -7.80 -7.89
N ILE B 188 -24.18 -8.96 -8.53
CA ILE B 188 -24.75 -10.13 -7.87
C ILE B 188 -23.91 -10.51 -6.65
N TYR B 189 -22.62 -10.20 -6.65
CA TYR B 189 -21.77 -10.45 -5.47
C TYR B 189 -22.19 -9.60 -4.27
N SER B 190 -22.58 -8.34 -4.52
CA SER B 190 -23.07 -7.50 -3.43
C SER B 190 -24.34 -8.09 -2.86
N LEU B 191 -25.24 -8.51 -3.76
CA LEU B 191 -26.51 -9.12 -3.35
C LEU B 191 -26.29 -10.40 -2.58
N ASN B 192 -25.48 -11.28 -3.16
CA ASN B 192 -25.25 -12.58 -2.56
C ASN B 192 -24.61 -12.44 -1.17
N ALA B 193 -23.68 -11.49 -1.04
CA ALA B 193 -23.03 -11.24 0.25
C ALA B 193 -24.03 -10.67 1.27
N ALA B 194 -24.87 -9.71 0.85
CA ALA B 194 -25.86 -9.17 1.78
C ALA B 194 -26.69 -10.31 2.34
N ARG B 195 -27.08 -11.24 1.49
CA ARG B 195 -27.89 -12.38 1.93
C ARG B 195 -27.10 -13.34 2.84
N TYR B 196 -25.85 -13.68 2.53
CA TYR B 196 -25.19 -14.65 3.41
C TYR B 196 -24.61 -14.02 4.67
N LEU B 197 -24.38 -12.71 4.66
CA LEU B 197 -23.91 -12.06 5.87
C LEU B 197 -25.05 -11.91 6.86
N THR B 198 -26.23 -11.54 6.37
CA THR B 198 -27.40 -11.45 7.25
C THR B 198 -27.98 -12.82 7.58
N GLY B 199 -27.79 -13.78 6.69
CA GLY B 199 -28.50 -15.05 6.78
C GLY B 199 -29.99 -14.90 6.50
N GLU B 200 -30.38 -13.77 5.90
CA GLU B 200 -31.80 -13.48 5.67
C GLU B 200 -32.11 -13.21 4.21
N GLU B 201 -33.41 -13.15 3.89
CA GLU B 201 -33.85 -12.78 2.56
C GLU B 201 -34.56 -11.42 2.61
N PRO B 202 -34.36 -10.59 1.60
CA PRO B 202 -34.89 -9.22 1.67
C PRO B 202 -36.41 -9.15 1.56
N VAL B 203 -37.05 -8.21 2.25
CA VAL B 203 -38.49 -8.03 2.12
C VAL B 203 -38.86 -6.76 1.36
N ALA B 204 -37.90 -5.86 1.17
CA ALA B 204 -38.14 -4.62 0.43
C ALA B 204 -36.87 -4.20 -0.32
N VAL B 205 -37.06 -3.60 -1.48
CA VAL B 205 -35.96 -3.22 -2.37
C VAL B 205 -36.16 -1.83 -2.96
N ASN B 206 -35.14 -0.97 -2.84
CA ASN B 206 -35.03 0.26 -3.64
C ASN B 206 -33.90 0.14 -4.66
N ALA B 207 -33.97 0.90 -5.75
CA ALA B 207 -32.85 0.91 -6.67
C ALA B 207 -32.80 2.19 -7.50
N VAL B 208 -31.59 2.56 -7.90
CA VAL B 208 -31.36 3.69 -8.79
C VAL B 208 -30.44 3.22 -9.90
N GLU B 209 -30.85 3.42 -11.16
CA GLU B 209 -29.97 3.10 -12.28
C GLU B 209 -29.31 4.36 -12.84
N SER B 210 -28.07 4.23 -13.30
CA SER B 210 -27.38 5.32 -13.98
C SER B 210 -26.55 4.78 -15.12
N THR B 211 -27.07 4.94 -16.33
CA THR B 211 -26.40 4.45 -17.53
C THR B 211 -26.47 5.47 -18.65
N ASP B 212 -25.33 5.77 -19.23
CA ASP B 212 -25.25 6.61 -20.42
C ASP B 212 -25.45 5.71 -21.64
N ARG B 213 -26.66 5.71 -22.19
CA ARG B 213 -26.99 4.81 -23.29
C ARG B 213 -26.34 5.20 -24.62
N SER B 214 -25.67 6.35 -24.65
CA SER B 214 -24.94 6.76 -25.84
C SER B 214 -23.53 6.16 -25.82
N ASP B 215 -23.13 5.64 -24.65
CA ASP B 215 -21.85 4.95 -24.53
C ASP B 215 -21.91 3.65 -25.33
N PRO B 216 -20.90 3.42 -26.20
CA PRO B 216 -20.84 2.21 -27.03
C PRO B 216 -21.01 0.91 -26.23
N ARG B 217 -20.58 0.93 -24.97
CA ARG B 217 -20.65 -0.25 -24.12
C ARG B 217 -22.06 -0.54 -23.61
N PHE B 218 -22.90 0.49 -23.52
CA PHE B 218 -24.12 0.37 -22.75
C PHE B 218 -25.40 0.65 -23.52
N GLY B 219 -25.42 0.29 -24.80
CA GLY B 219 -26.64 0.41 -25.57
C GLY B 219 -27.73 -0.56 -25.15
N GLU B 220 -27.34 -1.72 -24.62
CA GLU B 220 -28.31 -2.78 -24.33
C GLU B 220 -28.45 -3.14 -22.85
N VAL B 221 -27.41 -2.90 -22.05
CA VAL B 221 -27.44 -3.31 -20.65
C VAL B 221 -26.98 -2.17 -19.75
N GLU B 222 -27.23 -2.30 -18.45
CA GLU B 222 -26.96 -1.19 -17.53
C GLU B 222 -25.52 -1.13 -17.06
N ASP B 223 -25.09 0.08 -16.72
CA ASP B 223 -23.77 0.36 -16.21
C ASP B 223 -23.85 0.31 -14.69
N ILE B 224 -24.48 1.32 -14.11
CA ILE B 224 -24.66 1.33 -12.67
C ILE B 224 -26.11 1.06 -12.30
N ILE B 225 -26.30 0.14 -11.37
CA ILE B 225 -27.57 0.08 -10.68
C ILE B 225 -27.29 -0.25 -9.21
N ASN B 226 -27.55 0.74 -8.36
CA ASN B 226 -27.31 0.59 -6.93
C ASN B 226 -28.62 0.28 -6.24
N PHE B 227 -28.58 -0.49 -5.16
CA PHE B 227 -29.83 -0.89 -4.55
C PHE B 227 -29.76 -0.93 -3.02
N GLN B 228 -30.94 -0.77 -2.41
CA GLN B 228 -31.10 -0.91 -0.97
C GLN B 228 -31.95 -2.12 -0.67
N LEU B 229 -31.57 -2.85 0.38
CA LEU B 229 -32.36 -4.00 0.83
C LEU B 229 -32.76 -3.79 2.27
N LEU B 230 -34.00 -4.17 2.59
CA LEU B 230 -34.43 -4.29 3.98
C LEU B 230 -34.74 -5.75 4.29
N PHE B 231 -34.31 -6.21 5.46
CA PHE B 231 -34.52 -7.60 5.86
C PHE B 231 -35.50 -7.63 7.04
N PRO B 232 -36.13 -8.80 7.29
CA PRO B 232 -37.11 -8.95 8.38
C PRO B 232 -36.61 -8.55 9.76
N SER B 233 -35.34 -8.79 10.06
CA SER B 233 -34.77 -8.44 11.37
C SER B 233 -34.64 -6.94 11.57
N GLY B 234 -34.71 -6.19 10.48
CA GLY B 234 -34.43 -4.77 10.53
C GLY B 234 -33.08 -4.42 9.91
N ALA B 235 -32.26 -5.43 9.67
CA ALA B 235 -30.99 -5.25 8.97
C ALA B 235 -31.22 -4.58 7.62
N THR B 236 -30.26 -3.73 7.22
CA THR B 236 -30.35 -3.02 5.97
C THR B 236 -29.07 -3.25 5.15
N ALA B 237 -29.17 -3.13 3.84
CA ALA B 237 -27.99 -3.14 2.99
C ALA B 237 -28.05 -2.03 1.96
N ASN B 238 -26.91 -1.36 1.75
CA ASN B 238 -26.68 -0.42 0.65
C ASN B 238 -25.69 -1.09 -0.30
N CYS B 239 -26.09 -1.30 -1.55
CA CYS B 239 -25.23 -2.04 -2.47
C CYS B 239 -24.93 -1.27 -3.75
N VAL B 240 -23.67 -1.31 -4.18
CA VAL B 240 -23.27 -0.79 -5.48
C VAL B 240 -23.05 -1.92 -6.48
N SER B 241 -23.57 -1.73 -7.69
CA SER B 241 -23.26 -2.57 -8.84
C SER B 241 -22.85 -1.67 -9.99
N ALA B 242 -21.65 -1.86 -10.55
CA ALA B 242 -21.15 -0.93 -11.55
C ALA B 242 -20.26 -1.54 -12.63
N TYR B 243 -20.37 -0.99 -13.83
CA TYR B 243 -19.47 -1.34 -14.92
C TYR B 243 -18.53 -0.17 -15.24
N SER B 244 -18.49 0.83 -14.38
CA SER B 244 -17.67 2.00 -14.66
C SER B 244 -16.85 2.47 -13.46
N VAL B 245 -16.82 1.67 -12.39
CA VAL B 245 -15.86 1.89 -11.31
C VAL B 245 -15.31 0.55 -10.87
N ASN B 246 -14.12 0.58 -10.28
CA ASN B 246 -13.53 -0.63 -9.73
C ASN B 246 -13.72 -0.70 -8.23
N CYS B 247 -14.49 -1.69 -7.77
CA CYS B 247 -14.73 -1.90 -6.34
C CYS B 247 -15.03 -3.37 -6.05
N ASN B 248 -14.67 -3.82 -4.85
CA ASN B 248 -14.91 -5.18 -4.45
C ASN B 248 -14.75 -5.26 -2.95
N ARG B 249 -15.85 -5.10 -2.23
CA ARG B 249 -15.74 -4.95 -0.79
C ARG B 249 -17.08 -5.08 -0.10
N TYR B 250 -17.05 -5.44 1.18
CA TYR B 250 -18.20 -5.24 2.03
C TYR B 250 -17.81 -4.98 3.47
N ARG B 251 -18.65 -4.25 4.16
CA ARG B 251 -18.56 -4.08 5.60
C ARG B 251 -19.91 -4.44 6.19
N VAL B 252 -19.91 -5.29 7.21
CA VAL B 252 -21.14 -5.58 7.93
C VAL B 252 -20.98 -5.05 9.34
N SER B 253 -22.02 -4.37 9.85
CA SER B 253 -21.94 -3.62 11.10
C SER B 253 -23.12 -3.91 12.02
N GLY B 254 -22.82 -3.96 13.31
CA GLY B 254 -23.82 -4.10 14.36
C GLY B 254 -23.41 -3.21 15.52
N PRO B 255 -24.23 -3.15 16.58
CA PRO B 255 -23.94 -2.22 17.68
C PRO B 255 -22.65 -2.56 18.42
N LYS B 256 -22.18 -3.79 18.31
CA LYS B 256 -20.94 -4.19 18.99
C LYS B 256 -19.69 -3.92 18.16
N GLY B 257 -19.86 -3.70 16.87
CA GLY B 257 -18.71 -3.42 16.03
C GLY B 257 -18.95 -3.83 14.60
N TRP B 258 -17.88 -3.90 13.82
CA TRP B 258 -18.02 -4.27 12.42
C TRP B 258 -16.82 -5.04 11.88
N VAL B 259 -17.02 -5.66 10.73
CA VAL B 259 -15.95 -6.33 10.04
C VAL B 259 -16.07 -6.07 8.56
N GLU B 260 -14.95 -5.84 7.89
CA GLU B 260 -14.99 -5.59 6.45
C GLU B 260 -13.91 -6.39 5.74
N ILE B 261 -14.16 -6.65 4.46
CA ILE B 261 -13.15 -7.29 3.61
C ILE B 261 -13.03 -6.50 2.33
N ASP B 262 -11.79 -6.23 1.91
CA ASP B 262 -11.53 -5.41 0.74
C ASP B 262 -10.11 -5.69 0.27
N PRO B 263 -9.95 -6.42 -0.85
CA PRO B 263 -11.02 -6.93 -1.71
C PRO B 263 -11.75 -8.10 -1.07
N ALA B 264 -13.04 -8.25 -1.35
CA ALA B 264 -13.86 -9.21 -0.60
C ALA B 264 -14.04 -10.54 -1.33
N THR B 265 -14.30 -10.48 -2.63
CA THR B 265 -14.70 -11.68 -3.36
C THR B 265 -13.84 -11.89 -4.59
N SER B 266 -12.62 -11.36 -4.55
CA SER B 266 -11.66 -11.53 -5.63
C SER B 266 -11.11 -12.96 -5.63
N TYR B 267 -10.37 -13.32 -6.68
CA TYR B 267 -9.78 -14.66 -6.78
C TYR B 267 -8.74 -14.88 -5.67
N GLN B 268 -8.06 -13.81 -5.30
CA GLN B 268 -7.08 -13.86 -4.22
C GLN B 268 -6.87 -12.46 -3.65
N GLY B 269 -6.12 -12.35 -2.56
CA GLY B 269 -5.69 -11.07 -2.05
C GLY B 269 -6.62 -10.45 -1.03
N GLN B 270 -7.64 -11.20 -0.63
CA GLN B 270 -8.55 -10.77 0.43
C GLN B 270 -7.81 -10.20 1.64
N ALA B 271 -8.33 -9.11 2.18
CA ALA B 271 -7.75 -8.50 3.37
C ALA B 271 -8.88 -8.04 4.28
N MET B 272 -8.90 -8.55 5.50
CA MET B 272 -10.00 -8.28 6.41
C MET B 272 -9.57 -7.35 7.54
N ARG B 273 -10.46 -6.43 7.89
CA ARG B 273 -10.24 -5.52 8.99
C ARG B 273 -11.46 -5.58 9.90
N ALA B 274 -11.25 -5.54 11.21
CA ALA B 274 -12.39 -5.59 12.12
C ALA B 274 -12.28 -4.53 13.20
N GLN B 275 -13.44 -4.06 13.64
CA GLN B 275 -13.52 -3.08 14.71
C GLN B 275 -14.48 -3.68 15.72
N LEU B 276 -13.93 -4.28 16.77
CA LEU B 276 -14.74 -5.14 17.62
C LEU B 276 -14.68 -4.78 19.09
N GLY B 277 -14.55 -3.50 19.41
CA GLY B 277 -14.41 -3.08 20.80
C GLY B 277 -13.16 -2.28 21.00
N GLY B 278 -12.43 -2.07 19.92
CA GLY B 278 -11.26 -1.21 19.90
C GLY B 278 -11.12 -0.72 18.48
N PRO B 279 -10.11 0.12 18.20
CA PRO B 279 -9.91 0.66 16.84
C PRO B 279 -9.82 -0.45 15.81
N PRO B 280 -10.14 -0.14 14.55
CA PRO B 280 -10.04 -1.13 13.48
C PRO B 280 -8.63 -1.72 13.41
N ALA B 281 -8.56 -3.04 13.27
CA ALA B 281 -7.27 -3.71 13.12
C ALA B 281 -7.40 -4.80 12.07
N PRO B 282 -6.29 -5.11 11.38
CA PRO B 282 -6.40 -6.26 10.46
C PRO B 282 -6.72 -7.50 11.26
N ARG B 283 -7.43 -8.44 10.64
CA ARG B 283 -7.78 -9.70 11.28
C ARG B 283 -7.51 -10.85 10.31
N GLU B 284 -6.79 -11.87 10.77
CA GLU B 284 -6.55 -13.03 9.92
C GLU B 284 -7.64 -14.05 10.17
N PRO B 285 -8.22 -14.59 9.09
CA PRO B 285 -9.28 -15.58 9.28
C PRO B 285 -8.72 -16.94 9.66
N ALA B 286 -9.55 -17.78 10.25
CA ALA B 286 -9.17 -19.14 10.55
C ALA B 286 -8.73 -19.81 9.25
N PRO B 287 -7.66 -20.59 9.30
CA PRO B 287 -7.15 -21.30 8.12
C PRO B 287 -8.21 -22.17 7.45
N GLN B 288 -8.17 -22.27 6.13
CA GLN B 288 -9.01 -23.21 5.40
C GLN B 288 -8.07 -24.21 4.72
N PRO B 289 -8.50 -25.48 4.61
CA PRO B 289 -7.67 -26.52 3.99
C PRO B 289 -7.21 -26.18 2.57
N LYS B 290 -8.13 -25.74 1.72
CA LYS B 290 -7.79 -25.49 0.32
C LYS B 290 -8.43 -24.22 -0.21
N ASN B 291 -7.90 -23.70 -1.31
CA ASN B 291 -8.39 -22.49 -1.96
C ASN B 291 -9.89 -22.57 -2.29
N GLN B 292 -10.53 -21.42 -2.46
CA GLN B 292 -11.98 -21.38 -2.68
C GLN B 292 -12.46 -22.18 -3.90
N PHE B 293 -11.63 -22.28 -4.94
CA PHE B 293 -12.05 -22.93 -6.18
C PHE B 293 -12.10 -24.44 -5.98
N SER B 294 -11.00 -25.00 -5.47
CA SER B 294 -10.95 -26.43 -5.22
C SER B 294 -11.97 -26.85 -4.17
N ALA B 295 -12.15 -26.00 -3.15
CA ALA B 295 -13.15 -26.26 -2.13
C ALA B 295 -14.54 -26.30 -2.74
N GLN B 296 -14.81 -25.38 -3.66
CA GLN B 296 -16.12 -25.33 -4.32
C GLN B 296 -16.38 -26.60 -5.12
N LEU B 297 -15.39 -26.97 -5.94
CA LEU B 297 -15.47 -28.17 -6.76
C LEU B 297 -15.69 -29.40 -5.89
N ASP B 298 -14.88 -29.54 -4.84
CA ASP B 298 -14.98 -30.68 -3.93
C ASP B 298 -16.30 -30.68 -3.17
N HIS B 299 -16.86 -29.51 -2.92
CA HIS B 299 -18.09 -29.46 -2.16
C HIS B 299 -19.20 -30.21 -2.88
N LEU B 300 -19.36 -30.00 -4.19
CA LEU B 300 -20.39 -30.71 -4.94
C LEU B 300 -20.09 -32.22 -4.95
N SER B 301 -18.84 -32.57 -5.20
CA SER B 301 -18.46 -33.98 -5.25
C SER B 301 -18.77 -34.67 -3.92
N GLU B 302 -18.38 -34.04 -2.81
CA GLU B 302 -18.63 -34.58 -1.48
C GLU B 302 -20.11 -34.69 -1.15
N CYS B 303 -20.89 -33.70 -1.60
CA CYS B 303 -22.34 -33.78 -1.43
C CYS B 303 -22.93 -35.01 -2.13
N ILE B 304 -22.49 -35.24 -3.36
CA ILE B 304 -22.93 -36.41 -4.12
C ILE B 304 -22.54 -37.70 -3.40
N LEU B 305 -21.27 -37.77 -2.97
CA LEU B 305 -20.74 -38.96 -2.30
C LEU B 305 -21.45 -39.27 -0.98
N THR B 306 -21.87 -38.24 -0.26
CA THR B 306 -22.48 -38.43 1.06
C THR B 306 -24.00 -38.25 1.07
N GLY B 307 -24.59 -37.95 -0.09
CA GLY B 307 -26.01 -37.71 -0.17
C GLY B 307 -26.46 -36.51 0.64
N ARG B 308 -25.77 -35.39 0.48
CA ARG B 308 -26.13 -34.17 1.18
C ARG B 308 -26.51 -33.10 0.15
N GLU B 309 -27.11 -32.01 0.60
CA GLU B 309 -27.49 -30.95 -0.31
C GLU B 309 -26.46 -29.83 -0.29
N PRO B 310 -26.11 -29.32 -1.46
CA PRO B 310 -25.11 -28.24 -1.54
C PRO B 310 -25.56 -27.02 -0.76
N ILE B 311 -24.64 -26.34 -0.09
CA ILE B 311 -24.98 -25.14 0.67
C ILE B 311 -25.33 -23.98 -0.23
N VAL B 312 -24.87 -24.04 -1.49
CA VAL B 312 -25.28 -23.07 -2.50
C VAL B 312 -25.92 -23.79 -3.68
N GLY B 313 -27.09 -24.35 -3.42
CA GLY B 313 -27.83 -25.09 -4.42
C GLY B 313 -28.55 -24.17 -5.39
N GLY B 314 -29.30 -24.77 -6.31
CA GLY B 314 -30.09 -24.02 -7.26
C GLY B 314 -31.01 -23.01 -6.58
N ASP B 315 -31.48 -23.35 -5.39
CA ASP B 315 -32.37 -22.45 -4.67
C ASP B 315 -31.68 -21.14 -4.31
N ASP B 316 -30.36 -21.21 -4.06
CA ASP B 316 -29.62 -20.00 -3.74
C ASP B 316 -29.53 -19.08 -4.96
N GLY B 317 -29.31 -19.67 -6.13
CA GLY B 317 -29.23 -18.89 -7.36
C GLY B 317 -30.59 -18.30 -7.69
N LEU B 318 -31.62 -19.08 -7.44
CA LEU B 318 -33.00 -18.63 -7.64
C LEU B 318 -33.34 -17.45 -6.74
N LYS B 319 -32.94 -17.53 -5.48
CA LYS B 319 -33.21 -16.44 -4.53
C LYS B 319 -32.54 -15.13 -4.94
N ASP B 320 -31.34 -15.21 -5.51
CA ASP B 320 -30.70 -14.01 -6.06
C ASP B 320 -31.51 -13.46 -7.24
N LEU B 321 -31.89 -14.33 -8.18
CA LEU B 321 -32.61 -13.83 -9.36
C LEU B 321 -33.95 -13.19 -8.96
N ARG B 322 -34.60 -13.71 -7.92
CA ARG B 322 -35.80 -13.09 -7.38
C ARG B 322 -35.55 -11.64 -6.99
N VAL B 323 -34.45 -11.41 -6.28
CA VAL B 323 -34.15 -10.06 -5.83
C VAL B 323 -33.68 -9.20 -7.00
N ILE B 324 -32.88 -9.78 -7.89
CA ILE B 324 -32.46 -9.07 -9.08
C ILE B 324 -33.65 -8.58 -9.92
N GLU B 325 -34.67 -9.42 -10.07
CA GLU B 325 -35.86 -8.96 -10.78
C GLU B 325 -36.49 -7.77 -10.05
N ALA B 326 -36.54 -7.86 -8.72
CA ALA B 326 -37.10 -6.78 -7.90
C ALA B 326 -36.26 -5.50 -7.99
N ILE B 327 -34.93 -5.66 -8.06
CA ILE B 327 -34.05 -4.50 -8.17
C ILE B 327 -34.27 -3.77 -9.50
N TYR B 328 -34.34 -4.53 -10.59
CA TYR B 328 -34.62 -3.92 -11.88
C TYR B 328 -36.00 -3.23 -11.88
N ARG B 329 -36.96 -3.86 -11.22
CA ARG B 329 -38.32 -3.29 -11.13
C ARG B 329 -38.32 -1.98 -10.33
N ALA B 330 -37.63 -1.96 -9.19
CA ALA B 330 -37.57 -0.77 -8.34
C ALA B 330 -36.94 0.42 -9.05
N ALA B 331 -35.91 0.16 -9.85
CA ALA B 331 -35.23 1.22 -10.58
C ALA B 331 -36.13 1.70 -11.72
N ARG B 332 -36.83 0.76 -12.35
CA ARG B 332 -37.74 1.06 -13.45
C ARG B 332 -38.94 1.89 -12.99
N GLU B 333 -39.54 1.48 -11.88
CA GLU B 333 -40.78 2.12 -11.41
C GLU B 333 -40.58 3.24 -10.38
N GLY B 334 -39.35 3.42 -9.89
CA GLY B 334 -39.08 4.45 -8.91
C GLY B 334 -39.90 4.26 -7.64
N ARG B 335 -39.91 3.04 -7.14
CA ARG B 335 -40.66 2.75 -5.93
C ARG B 335 -40.08 1.55 -5.22
N THR B 336 -40.36 1.46 -3.93
CA THR B 336 -39.93 0.32 -3.12
C THR B 336 -40.70 -0.93 -3.54
N VAL B 337 -39.98 -1.95 -3.96
CA VAL B 337 -40.61 -3.20 -4.36
C VAL B 337 -40.59 -4.16 -3.18
N LYS B 338 -41.75 -4.73 -2.86
CA LYS B 338 -41.85 -5.62 -1.70
C LYS B 338 -41.70 -7.08 -2.11
N LEU B 339 -41.08 -7.85 -1.23
CA LEU B 339 -40.84 -9.28 -1.46
C LEU B 339 -41.31 -10.07 -0.25
N GLY C 4 23.58 32.41 3.72
CA GLY C 4 23.29 32.63 5.13
C GLY C 4 24.56 32.67 5.97
N ARG C 5 24.45 33.19 7.18
CA ARG C 5 25.62 33.27 8.05
C ARG C 5 25.98 31.88 8.59
N LYS C 6 27.29 31.61 8.65
CA LYS C 6 27.76 30.32 9.16
C LYS C 6 28.56 30.51 10.45
N LEU C 7 28.15 29.81 11.51
CA LEU C 7 28.88 29.86 12.76
C LEU C 7 30.04 28.87 12.71
N GLY C 8 31.12 29.20 13.40
CA GLY C 8 32.34 28.41 13.35
C GLY C 8 32.46 27.38 14.46
N TYR C 9 32.77 26.15 14.07
CA TYR C 9 32.91 25.03 14.99
C TYR C 9 34.37 24.72 15.26
N ALA C 10 34.73 24.57 16.53
CA ALA C 10 35.98 23.93 16.91
C ALA C 10 35.66 22.49 17.31
N ILE C 11 36.27 21.53 16.62
CA ILE C 11 36.09 20.13 16.96
C ILE C 11 37.17 19.70 17.95
N LEU C 12 36.74 19.22 19.12
CA LEU C 12 37.67 18.88 20.19
C LEU C 12 37.66 17.37 20.45
N GLY C 13 38.81 16.73 20.26
CA GLY C 13 38.91 15.29 20.40
C GLY C 13 38.80 14.62 19.05
N LEU C 14 39.94 14.50 18.37
CA LEU C 14 39.97 14.05 16.99
C LEU C 14 40.02 12.54 16.90
N GLY C 15 38.96 11.89 17.35
CA GLY C 15 38.88 10.43 17.34
C GLY C 15 38.00 9.93 16.21
N TYR C 16 37.46 8.72 16.37
CA TYR C 16 36.68 8.10 15.30
C TYR C 16 35.44 8.91 14.92
N TYR C 17 34.63 9.28 15.90
CA TYR C 17 33.39 9.98 15.58
C TYR C 17 33.67 11.36 14.98
N ALA C 18 34.65 12.06 15.54
CA ALA C 18 35.02 13.39 15.05
C ALA C 18 35.50 13.35 13.60
N THR C 19 36.45 12.46 13.32
CA THR C 19 37.14 12.49 12.04
C THR C 19 36.44 11.68 10.95
N ARG C 20 35.88 10.53 11.32
CA ARG C 20 35.24 9.67 10.32
C ARG C 20 33.81 10.10 10.00
N ILE C 21 33.11 10.63 10.99
CA ILE C 21 31.67 10.85 10.83
C ILE C 21 31.27 12.33 10.79
N ILE C 22 31.67 13.10 11.79
CA ILE C 22 31.22 14.48 11.91
C ILE C 22 31.89 15.46 10.92
N MET C 23 33.22 15.50 10.91
CA MET C 23 33.91 16.51 10.11
C MET C 23 33.60 16.46 8.59
N PRO C 24 33.41 15.25 8.01
CA PRO C 24 33.00 15.28 6.59
C PRO C 24 31.61 15.88 6.33
N ARG C 25 30.78 16.00 7.36
CA ARG C 25 29.40 16.43 7.16
C ARG C 25 29.18 17.94 7.28
N PHE C 26 30.24 18.69 7.56
CA PHE C 26 30.13 20.15 7.45
C PHE C 26 29.85 20.54 5.99
N ALA C 27 30.16 19.64 5.07
CA ALA C 27 29.93 19.86 3.64
C ALA C 27 28.49 20.27 3.34
N GLU C 28 27.53 19.64 4.02
CA GLU C 28 26.12 19.87 3.71
C GLU C 28 25.46 20.90 4.61
N CYS C 29 26.22 21.43 5.58
CA CYS C 29 25.69 22.47 6.47
C CYS C 29 25.40 23.79 5.76
N GLU C 30 24.33 24.46 6.18
CA GLU C 30 23.99 25.77 5.64
C GLU C 30 24.41 26.89 6.58
N HIS C 31 24.56 26.57 7.87
CA HIS C 31 24.76 27.60 8.88
C HIS C 31 25.94 27.31 9.80
N SER C 32 26.79 26.40 9.38
CA SER C 32 27.89 25.92 10.21
C SER C 32 29.12 25.67 9.36
N ARG C 33 30.29 25.99 9.90
CA ARG C 33 31.54 25.69 9.22
C ARG C 33 32.61 25.21 10.19
N LEU C 34 33.52 24.38 9.69
CA LEU C 34 34.66 23.93 10.47
C LEU C 34 35.70 25.06 10.56
N ALA C 35 35.94 25.55 11.77
CA ALA C 35 36.77 26.74 11.93
C ALA C 35 38.07 26.47 12.69
N ALA C 36 38.07 25.42 13.52
CA ALA C 36 39.23 25.14 14.36
C ALA C 36 39.28 23.67 14.77
N LEU C 37 40.49 23.22 15.14
CA LEU C 37 40.69 21.86 15.64
C LEU C 37 41.39 21.89 17.00
N VAL C 38 40.95 21.03 17.91
CA VAL C 38 41.56 20.89 19.23
C VAL C 38 41.90 19.43 19.46
N SER C 39 43.17 19.12 19.71
CA SER C 39 43.63 17.74 19.81
C SER C 39 44.84 17.59 20.72
N GLY C 40 44.93 16.45 21.40
CA GLY C 40 46.10 16.13 22.20
C GLY C 40 47.17 15.44 21.37
N THR C 41 46.90 15.26 20.08
CA THR C 41 47.81 14.55 19.19
C THR C 41 48.30 15.47 18.05
N PRO C 42 49.52 16.04 18.19
CA PRO C 42 50.08 16.97 17.21
C PRO C 42 49.95 16.47 15.77
N GLU C 43 50.18 15.17 15.56
CA GLU C 43 50.10 14.57 14.22
C GLU C 43 48.71 14.77 13.61
N LYS C 44 47.67 14.66 14.44
CA LYS C 44 46.31 14.85 13.95
C LYS C 44 46.04 16.30 13.58
N LEU C 45 46.59 17.23 14.35
CA LEU C 45 46.42 18.65 14.04
C LEU C 45 47.06 18.98 12.69
N LYS C 46 48.13 18.29 12.34
CA LYS C 46 48.77 18.49 11.04
C LYS C 46 47.92 17.86 9.93
N THR C 47 47.64 16.57 10.09
CA THR C 47 46.87 15.82 9.10
C THR C 47 45.53 16.48 8.78
N TYR C 48 44.69 16.68 9.79
CA TYR C 48 43.35 17.19 9.58
C TYR C 48 43.36 18.69 9.32
N GLY C 49 44.37 19.38 9.83
CA GLY C 49 44.52 20.80 9.55
C GLY C 49 44.79 21.03 8.07
N GLU C 50 45.70 20.24 7.52
CA GLU C 50 46.02 20.32 6.11
C GLU C 50 44.88 19.78 5.26
N GLN C 51 44.29 18.67 5.68
CA GLN C 51 43.15 18.11 4.95
C GLN C 51 41.97 19.08 4.85
N TYR C 52 41.66 19.80 5.93
CA TYR C 52 40.49 20.67 5.92
C TYR C 52 40.82 22.16 5.75
N GLY C 53 42.08 22.47 5.52
CA GLY C 53 42.47 23.84 5.28
C GLY C 53 42.32 24.71 6.51
N ILE C 54 42.67 24.15 7.66
CA ILE C 54 42.63 24.88 8.93
C ILE C 54 44.00 25.45 9.24
N PRO C 55 44.11 26.79 9.26
CA PRO C 55 45.42 27.41 9.50
C PRO C 55 45.96 27.05 10.88
N GLU C 56 47.28 27.04 11.02
CA GLU C 56 47.92 26.66 12.28
C GLU C 56 47.48 27.55 13.44
N THR C 57 47.04 28.78 13.13
CA THR C 57 46.52 29.69 14.14
C THR C 57 45.19 29.19 14.72
N HIS C 58 44.55 28.26 14.02
CA HIS C 58 43.26 27.72 14.44
C HIS C 58 43.39 26.26 14.87
N ARG C 59 44.62 25.82 15.12
CA ARG C 59 44.86 24.50 15.68
C ARG C 59 45.29 24.63 17.13
N TYR C 60 44.65 23.88 18.01
CA TYR C 60 44.91 23.98 19.43
C TYR C 60 45.24 22.61 20.03
N SER C 61 46.10 22.59 21.03
CA SER C 61 46.29 21.42 21.86
C SER C 61 45.41 21.58 23.10
N TYR C 62 45.33 20.55 23.92
CA TYR C 62 44.62 20.68 25.19
C TYR C 62 45.32 21.69 26.07
N GLU C 63 46.63 21.86 25.84
CA GLU C 63 47.43 22.78 26.63
C GLU C 63 47.14 24.24 26.25
N THR C 64 46.88 24.50 24.97
CA THR C 64 46.67 25.86 24.51
C THR C 64 45.20 26.18 24.20
N PHE C 65 44.30 25.25 24.53
CA PHE C 65 42.88 25.40 24.18
C PHE C 65 42.23 26.68 24.73
N ASP C 66 42.65 27.13 25.92
CA ASP C 66 42.02 28.28 26.55
C ASP C 66 42.21 29.55 25.72
N ARG C 67 43.28 29.60 24.93
CA ARG C 67 43.54 30.74 24.06
C ARG C 67 42.45 30.93 23.02
N ILE C 68 41.57 29.95 22.86
CA ILE C 68 40.51 30.01 21.85
C ILE C 68 39.50 31.12 22.16
N ILE C 69 39.54 31.63 23.38
CA ILE C 69 38.69 32.75 23.78
C ILE C 69 38.95 33.99 22.90
N ASP C 70 40.17 34.08 22.37
CA ASP C 70 40.58 35.22 21.56
C ASP C 70 40.36 34.98 20.07
N ASN C 71 39.82 33.83 19.71
CA ASN C 71 39.54 33.50 18.31
C ASN C 71 38.06 33.68 17.97
N PRO C 72 37.72 34.81 17.31
CA PRO C 72 36.33 35.14 17.02
C PRO C 72 35.73 34.32 15.88
N ASP C 73 36.55 33.53 15.20
CA ASP C 73 36.06 32.63 14.17
C ASP C 73 35.40 31.38 14.79
N VAL C 74 35.62 31.18 16.08
CA VAL C 74 35.06 30.03 16.79
C VAL C 74 33.88 30.46 17.64
N ASP C 75 32.69 29.95 17.29
CA ASP C 75 31.48 30.24 18.06
C ASP C 75 31.13 29.07 18.99
N ILE C 76 31.43 27.86 18.54
CA ILE C 76 30.99 26.63 19.19
C ILE C 76 32.16 25.67 19.36
N VAL C 77 32.24 25.03 20.51
CA VAL C 77 33.17 23.92 20.66
C VAL C 77 32.38 22.63 20.74
N TYR C 78 32.77 21.63 19.95
CA TYR C 78 32.12 20.34 19.91
C TYR C 78 33.03 19.32 20.60
N VAL C 79 32.61 18.88 21.78
CA VAL C 79 33.41 17.98 22.60
C VAL C 79 33.12 16.54 22.22
N ILE C 80 34.11 15.85 21.66
CA ILE C 80 33.91 14.47 21.21
C ILE C 80 34.99 13.56 21.80
N THR C 81 35.10 13.61 23.14
CA THR C 81 36.12 12.89 23.91
C THR C 81 35.51 11.71 24.67
N PRO C 82 36.35 10.90 25.35
CA PRO C 82 35.75 9.92 26.27
C PRO C 82 34.86 10.62 27.30
N ASN C 83 33.90 9.87 27.85
CA ASN C 83 32.81 10.46 28.60
C ASN C 83 33.22 11.22 29.85
N SER C 84 34.22 10.75 30.57
CA SER C 84 34.62 11.43 31.81
C SER C 84 35.16 12.84 31.55
N LEU C 85 35.49 13.12 30.29
CA LEU C 85 36.13 14.40 29.95
C LEU C 85 35.15 15.40 29.36
N HIS C 86 33.90 14.97 29.17
CA HIS C 86 32.87 15.86 28.65
C HIS C 86 32.69 17.08 29.56
N ARG C 87 32.58 16.84 30.86
CA ARG C 87 32.37 17.95 31.78
C ARG C 87 33.58 18.94 31.81
N PRO C 88 34.81 18.46 32.07
CA PRO C 88 35.90 19.45 32.10
C PRO C 88 36.11 20.25 30.81
N PHE C 89 35.97 19.63 29.65
CA PHE C 89 36.13 20.38 28.41
C PHE C 89 34.95 21.32 28.14
N THR C 90 33.76 20.93 28.57
CA THR C 90 32.59 21.81 28.49
C THR C 90 32.78 23.05 29.36
N GLU C 91 33.21 22.83 30.60
CA GLU C 91 33.52 23.93 31.51
C GLU C 91 34.55 24.89 30.88
N ARG C 92 35.62 24.35 30.31
CA ARG C 92 36.62 25.21 29.67
C ARG C 92 36.10 25.97 28.46
N ALA C 93 35.28 25.31 27.65
CA ALA C 93 34.71 25.96 26.48
C ALA C 93 33.83 27.14 26.90
N ALA C 94 33.00 26.92 27.92
CA ALA C 94 32.16 27.99 28.47
C ALA C 94 33.02 29.11 29.06
N ARG C 95 34.12 28.74 29.73
CA ARG C 95 35.02 29.74 30.27
C ARG C 95 35.60 30.57 29.13
N ALA C 96 35.84 29.92 27.99
CA ALA C 96 36.36 30.60 26.80
C ALA C 96 35.29 31.33 26.02
N GLY C 97 34.08 31.40 26.58
CA GLY C 97 33.01 32.17 25.97
C GLY C 97 32.40 31.50 24.75
N LYS C 98 32.54 30.19 24.65
CA LYS C 98 32.04 29.45 23.50
C LYS C 98 30.78 28.67 23.82
N HIS C 99 29.88 28.57 22.86
CA HIS C 99 28.74 27.67 22.97
C HIS C 99 29.26 26.25 22.85
N VAL C 100 28.49 25.29 23.36
CA VAL C 100 28.98 23.91 23.42
C VAL C 100 28.02 22.90 22.80
N MET C 101 28.56 22.10 21.89
CA MET C 101 27.95 20.85 21.48
C MET C 101 28.73 19.74 22.17
N CYS C 102 28.02 18.88 22.90
CA CYS C 102 28.69 17.82 23.64
C CYS C 102 28.11 16.46 23.25
N GLU C 103 28.97 15.47 23.02
CA GLU C 103 28.47 14.18 22.60
C GLU C 103 27.76 13.48 23.76
N LYS C 104 26.89 12.53 23.43
CA LYS C 104 26.31 11.64 24.43
C LYS C 104 27.30 10.53 24.81
N PRO C 105 27.12 9.91 26.00
CA PRO C 105 26.24 10.38 27.07
C PRO C 105 26.79 11.70 27.58
N MET C 106 25.94 12.59 28.07
CA MET C 106 26.36 13.94 28.45
C MET C 106 27.59 13.95 29.36
N ALA C 107 27.53 13.14 30.41
CA ALA C 107 28.63 12.98 31.35
C ALA C 107 28.42 11.69 32.16
N ASN C 108 29.34 11.39 33.06
CA ASN C 108 29.31 10.12 33.78
C ASN C 108 28.21 10.03 34.83
N THR C 109 27.81 11.17 35.38
CA THR C 109 26.85 11.20 36.48
C THR C 109 25.89 12.38 36.38
N VAL C 110 24.82 12.30 37.14
CA VAL C 110 23.82 13.37 37.19
C VAL C 110 24.48 14.66 37.64
N ALA C 111 25.29 14.56 38.68
CA ALA C 111 25.95 15.73 39.24
C ALA C 111 26.82 16.43 38.18
N ASP C 112 27.52 15.64 37.37
CA ASP C 112 28.35 16.21 36.30
C ASP C 112 27.51 16.98 35.29
N CYS C 113 26.37 16.39 34.88
CA CYS C 113 25.46 17.07 33.96
C CYS C 113 24.98 18.38 34.53
N GLU C 114 24.62 18.39 35.81
CA GLU C 114 24.14 19.61 36.46
C GLU C 114 25.20 20.69 36.45
N ALA C 115 26.46 20.31 36.71
CA ALA C 115 27.55 21.27 36.69
C ALA C 115 27.78 21.84 35.28
N MET C 116 27.60 21.01 34.25
CA MET C 116 27.79 21.47 32.88
C MET C 116 26.72 22.48 32.51
N ILE C 117 25.49 22.20 32.91
CA ILE C 117 24.38 23.09 32.65
C ILE C 117 24.61 24.43 33.35
N ALA C 118 25.08 24.37 34.60
CA ALA C 118 25.33 25.58 35.38
C ALA C 118 26.46 26.40 34.77
N ALA C 119 27.54 25.74 34.35
CA ALA C 119 28.68 26.43 33.77
C ALA C 119 28.31 27.17 32.49
N CYS C 120 27.51 26.53 31.62
CA CYS C 120 27.12 27.19 30.38
C CYS C 120 26.12 28.30 30.63
N LYS C 121 25.26 28.12 31.64
CA LYS C 121 24.29 29.14 32.00
C LYS C 121 24.99 30.39 32.55
N LYS C 122 25.96 30.19 33.42
CA LYS C 122 26.76 31.27 33.99
C LYS C 122 27.52 32.02 32.90
N ALA C 123 28.01 31.28 31.92
CA ALA C 123 28.75 31.87 30.79
C ALA C 123 27.83 32.55 29.78
N GLY C 124 26.51 32.40 29.97
CA GLY C 124 25.56 32.89 29.00
C GLY C 124 25.74 32.25 27.63
N ARG C 125 26.10 30.97 27.62
CA ARG C 125 26.30 30.26 26.37
C ARG C 125 25.39 29.03 26.27
N LYS C 126 24.98 28.69 25.04
CA LYS C 126 24.09 27.56 24.82
C LYS C 126 24.82 26.22 24.93
N LEU C 127 24.05 25.18 25.25
CA LEU C 127 24.60 23.85 25.45
C LEU C 127 23.65 22.85 24.80
N MET C 128 24.18 22.05 23.89
CA MET C 128 23.38 21.06 23.17
C MET C 128 24.08 19.70 23.24
N ILE C 129 23.30 18.63 23.40
CA ILE C 129 23.84 17.28 23.43
C ILE C 129 23.62 16.62 22.06
N GLY C 130 24.59 15.83 21.62
CA GLY C 130 24.58 15.28 20.27
C GLY C 130 23.64 14.11 20.03
N TYR C 131 22.35 14.31 20.29
CA TYR C 131 21.35 13.30 19.97
C TYR C 131 20.88 13.47 18.53
N ARG C 132 21.70 13.02 17.59
CA ARG C 132 21.45 13.19 16.16
C ARG C 132 20.15 12.57 15.66
N SER C 133 19.62 11.57 16.38
CA SER C 133 18.44 10.85 15.91
C SER C 133 17.25 11.78 15.86
N ARG C 134 17.27 12.84 16.66
CA ARG C 134 16.20 13.83 16.65
C ARG C 134 16.14 14.63 15.35
N PHE C 135 17.17 14.46 14.51
CA PHE C 135 17.26 15.17 13.22
C PHE C 135 17.25 14.19 12.05
N GLN C 136 17.01 12.92 12.35
CA GLN C 136 17.04 11.84 11.37
C GLN C 136 15.60 11.60 10.86
N ALA C 137 15.44 11.42 9.55
CA ALA C 137 14.12 11.44 8.88
C ALA C 137 13.09 10.45 9.43
N HIS C 138 13.52 9.19 9.60
CA HIS C 138 12.60 8.16 10.06
C HIS C 138 12.19 8.38 11.51
N ASN C 139 13.14 8.81 12.34
CA ASN C 139 12.83 9.14 13.73
C ASN C 139 11.85 10.29 13.83
N ILE C 140 12.09 11.32 13.03
CA ILE C 140 11.19 12.47 13.02
C ILE C 140 9.78 12.05 12.60
N GLU C 141 9.71 11.14 11.64
CA GLU C 141 8.43 10.61 11.16
C GLU C 141 7.72 9.80 12.25
N ALA C 142 8.47 9.00 13.00
CA ALA C 142 7.87 8.21 14.08
C ALA C 142 7.26 9.12 15.15
N ILE C 143 8.02 10.15 15.54
CA ILE C 143 7.55 11.13 16.52
C ILE C 143 6.30 11.85 16.00
N LYS C 144 6.31 12.18 14.71
CA LYS C 144 5.16 12.84 14.09
C LYS C 144 3.91 11.96 14.13
N LEU C 145 4.06 10.68 13.76
CA LEU C 145 2.94 9.76 13.80
C LEU C 145 2.34 9.64 15.22
N VAL C 146 3.19 9.52 16.23
CA VAL C 146 2.71 9.54 17.62
C VAL C 146 1.96 10.82 17.94
N ARG C 147 2.60 11.97 17.70
CA ARG C 147 2.00 13.26 18.02
C ARG C 147 0.69 13.53 17.30
N ASP C 148 0.58 13.09 16.05
CA ASP C 148 -0.66 13.29 15.27
C ASP C 148 -1.77 12.32 15.68
N GLY C 149 -1.47 11.40 16.59
CA GLY C 149 -2.47 10.47 17.08
C GLY C 149 -2.67 9.24 16.21
N ALA C 150 -1.73 8.95 15.31
CA ALA C 150 -1.92 7.85 14.37
C ALA C 150 -1.96 6.50 15.07
N LEU C 151 -1.35 6.44 16.26
CA LEU C 151 -1.25 5.19 17.00
C LEU C 151 -2.27 5.08 18.11
N GLY C 152 -2.94 6.19 18.40
CA GLY C 152 -3.68 6.33 19.64
C GLY C 152 -2.68 6.62 20.75
N PRO C 153 -3.12 6.57 22.02
CA PRO C 153 -2.19 6.71 23.14
C PRO C 153 -1.05 5.70 23.03
N VAL C 154 0.18 6.10 23.37
CA VAL C 154 1.29 5.15 23.35
C VAL C 154 1.10 4.17 24.49
N ARG C 155 1.16 2.87 24.18
CA ARG C 155 1.03 1.84 25.20
C ARG C 155 2.37 1.15 25.44
N THR C 156 3.10 0.83 24.37
CA THR C 156 4.38 0.15 24.48
C THR C 156 5.43 0.74 23.54
N VAL C 157 6.65 0.80 24.06
CA VAL C 157 7.84 1.05 23.27
C VAL C 157 8.76 -0.13 23.54
N VAL C 158 9.11 -0.87 22.51
CA VAL C 158 10.06 -1.96 22.63
C VAL C 158 11.26 -1.60 21.79
N THR C 159 12.38 -1.37 22.45
CA THR C 159 13.58 -0.88 21.78
C THR C 159 14.85 -1.55 22.28
N ASP C 160 15.70 -1.95 21.34
CA ASP C 160 16.90 -2.72 21.63
C ASP C 160 18.09 -2.04 20.98
N HIS C 161 19.13 -1.77 21.76
CA HIS C 161 20.34 -1.22 21.16
C HIS C 161 21.56 -1.94 21.72
N GLY C 162 22.46 -2.34 20.84
CA GLY C 162 23.67 -2.98 21.31
C GLY C 162 24.55 -3.31 20.13
N PHE C 163 25.83 -3.55 20.41
CA PHE C 163 26.73 -4.07 19.40
C PHE C 163 27.75 -4.95 20.10
N THR C 164 28.34 -5.87 19.35
CA THR C 164 29.34 -6.77 19.92
C THR C 164 30.67 -6.04 20.02
N ILE C 165 30.97 -5.52 21.20
CA ILE C 165 32.18 -4.72 21.39
C ILE C 165 33.41 -5.64 21.35
N GLY C 166 34.52 -5.11 20.85
CA GLY C 166 35.72 -5.91 20.64
C GLY C 166 36.87 -5.71 21.61
N ASP C 167 37.76 -4.77 21.29
CA ASP C 167 39.03 -4.63 22.01
C ASP C 167 38.81 -4.33 23.49
N PRO C 168 39.21 -5.26 24.37
CA PRO C 168 39.00 -5.07 25.80
C PRO C 168 39.77 -3.89 26.38
N LYS C 169 40.74 -3.34 25.66
CA LYS C 169 41.56 -2.28 26.24
C LYS C 169 41.05 -0.86 25.94
N GLN C 170 39.97 -0.74 25.18
CA GLN C 170 39.48 0.58 24.77
C GLN C 170 38.79 1.31 25.92
N TRP C 171 38.64 2.63 25.80
CA TRP C 171 38.15 3.41 26.94
C TRP C 171 36.70 3.08 27.31
N ARG C 172 35.90 2.68 26.32
CA ARG C 172 34.50 2.31 26.62
C ARG C 172 34.36 1.18 27.63
N LEU C 173 35.41 0.37 27.79
CA LEU C 173 35.38 -0.73 28.74
C LEU C 173 36.17 -0.39 30.00
N ASN C 174 36.51 0.90 30.13
CA ASN C 174 37.15 1.43 31.32
C ASN C 174 36.13 2.24 32.11
N ARG C 175 35.82 1.81 33.34
CA ARG C 175 34.72 2.44 34.08
C ARG C 175 35.02 3.91 34.38
N ALA C 176 36.29 4.24 34.63
CA ALA C 176 36.65 5.61 35.00
C ALA C 176 36.39 6.57 33.83
N LEU C 177 36.77 6.15 32.63
CA LEU C 177 36.62 7.00 31.45
C LEU C 177 35.20 7.00 30.89
N ALA C 178 34.53 5.84 30.92
CA ALA C 178 33.25 5.65 30.22
C ALA C 178 32.04 5.96 31.11
N GLY C 179 32.19 5.76 32.41
CA GLY C 179 31.11 6.03 33.34
C GLY C 179 30.26 4.79 33.58
N GLY C 180 30.43 3.79 32.73
CA GLY C 180 29.66 2.57 32.80
C GLY C 180 29.76 1.84 31.47
N GLY C 181 29.02 0.73 31.33
CA GLY C 181 29.11 -0.10 30.14
C GLY C 181 28.14 0.23 29.02
N SER C 182 27.46 -0.80 28.52
CA SER C 182 26.61 -0.66 27.33
C SER C 182 25.57 0.44 27.48
N LEU C 183 25.00 0.57 28.67
CA LEU C 183 23.97 1.59 28.91
C LEU C 183 24.48 3.01 28.64
N MET C 184 25.73 3.30 29.04
CA MET C 184 26.27 4.63 28.83
C MET C 184 26.51 4.91 27.35
N ASP C 185 26.96 3.89 26.63
CA ASP C 185 27.36 4.08 25.25
C ASP C 185 26.27 3.87 24.20
N ILE C 186 25.52 2.78 24.31
CA ILE C 186 24.59 2.42 23.25
C ILE C 186 23.17 2.20 23.76
N GLY C 187 23.03 1.68 24.98
CA GLY C 187 21.71 1.51 25.58
C GLY C 187 20.98 2.83 25.78
N ILE C 188 21.75 3.90 25.95
CA ILE C 188 21.18 5.25 26.05
C ILE C 188 20.27 5.62 24.86
N TYR C 189 20.52 5.03 23.69
CA TYR C 189 19.63 5.24 22.53
C TYR C 189 18.22 4.67 22.77
N SER C 190 18.15 3.50 23.42
CA SER C 190 16.88 2.91 23.79
C SER C 190 16.14 3.84 24.74
N LEU C 191 16.85 4.33 25.75
CA LEU C 191 16.26 5.24 26.73
C LEU C 191 15.83 6.55 26.11
N ASN C 192 16.72 7.14 25.33
CA ASN C 192 16.42 8.45 24.74
C ASN C 192 15.19 8.34 23.83
N ALA C 193 15.11 7.24 23.08
CA ALA C 193 13.98 6.98 22.18
C ALA C 193 12.69 6.78 22.95
N ALA C 194 12.72 5.98 24.03
CA ALA C 194 11.52 5.79 24.83
C ALA C 194 10.97 7.15 25.26
N ARG C 195 11.87 8.04 25.64
CA ARG C 195 11.47 9.38 26.07
C ARG C 195 10.93 10.23 24.91
N TYR C 196 11.60 10.26 23.76
CA TYR C 196 11.06 11.13 22.70
C TYR C 196 9.87 10.55 21.96
N LEU C 197 9.70 9.22 21.97
CA LEU C 197 8.51 8.63 21.34
C LEU C 197 7.27 8.83 22.20
N THR C 198 7.44 8.74 23.52
CA THR C 198 6.31 9.00 24.41
C THR C 198 6.15 10.50 24.61
N GLY C 199 7.26 11.24 24.53
CA GLY C 199 7.26 12.63 24.95
C GLY C 199 7.07 12.77 26.45
N GLU C 200 7.33 11.70 27.19
CA GLU C 200 7.20 11.74 28.66
C GLU C 200 8.50 11.39 29.37
N GLU C 201 8.52 11.56 30.69
CA GLU C 201 9.63 11.13 31.54
C GLU C 201 9.15 10.00 32.45
N PRO C 202 9.98 8.95 32.63
CA PRO C 202 9.52 7.78 33.39
C PRO C 202 9.30 8.06 34.88
N VAL C 203 8.36 7.34 35.50
CA VAL C 203 8.12 7.49 36.94
C VAL C 203 8.50 6.21 37.69
N ALA C 204 8.81 5.15 36.95
CA ALA C 204 9.26 3.90 37.58
C ALA C 204 10.20 3.14 36.63
N VAL C 205 11.18 2.47 37.23
CA VAL C 205 12.24 1.78 36.49
C VAL C 205 12.50 0.38 37.08
N ASN C 206 12.48 -0.64 36.23
CA ASN C 206 13.00 -1.97 36.56
C ASN C 206 14.25 -2.26 35.73
N ALA C 207 15.15 -3.09 36.25
CA ALA C 207 16.30 -3.48 35.43
C ALA C 207 16.89 -4.81 35.88
N VAL C 208 17.52 -5.48 34.92
CA VAL C 208 18.22 -6.74 35.12
C VAL C 208 19.57 -6.64 34.43
N GLU C 209 20.67 -6.88 35.15
CA GLU C 209 21.99 -6.91 34.52
C GLU C 209 22.43 -8.34 34.26
N SER C 210 23.14 -8.57 33.15
CA SER C 210 23.77 -9.86 32.88
C SER C 210 25.14 -9.62 32.28
N THR C 211 26.16 -9.84 33.10
CA THR C 211 27.55 -9.63 32.71
C THR C 211 28.42 -10.76 33.25
N ASP C 212 29.23 -11.34 32.37
CA ASP C 212 30.22 -12.32 32.80
C ASP C 212 31.50 -11.56 33.13
N ARG C 213 31.79 -11.36 34.40
CA ARG C 213 32.93 -10.54 34.80
C ARG C 213 34.27 -11.22 34.53
N SER C 214 34.24 -12.50 34.19
CA SER C 214 35.46 -13.21 33.81
C SER C 214 35.84 -12.91 32.36
N ASP C 215 34.87 -12.39 31.60
CA ASP C 215 35.14 -11.96 30.23
C ASP C 215 36.13 -10.80 30.26
N PRO C 216 37.22 -10.90 29.48
CA PRO C 216 38.23 -9.83 29.44
C PRO C 216 37.68 -8.44 29.15
N ARG C 217 36.53 -8.36 28.46
CA ARG C 217 35.95 -7.05 28.15
C ARG C 217 35.23 -6.41 29.34
N PHE C 218 34.76 -7.24 30.27
CA PHE C 218 33.74 -6.81 31.22
C PHE C 218 34.15 -6.90 32.69
N GLY C 219 35.42 -6.70 32.98
CA GLY C 219 35.87 -6.73 34.36
C GLY C 219 35.39 -5.51 35.12
N GLU C 220 35.15 -4.41 34.39
CA GLU C 220 34.84 -3.11 35.01
C GLU C 220 33.43 -2.57 34.71
N VAL C 221 32.91 -2.85 33.53
CA VAL C 221 31.61 -2.27 33.15
C VAL C 221 30.64 -3.36 32.71
N GLU C 222 29.36 -3.03 32.59
CA GLU C 222 28.35 -4.06 32.30
C GLU C 222 28.24 -4.37 30.81
N ASP C 223 27.87 -5.62 30.54
CA ASP C 223 27.59 -6.12 29.20
C ASP C 223 26.13 -5.84 28.86
N ILE C 224 25.22 -6.60 29.46
CA ILE C 224 23.80 -6.39 29.22
C ILE C 224 23.15 -5.77 30.44
N ILE C 225 22.35 -4.74 30.22
CA ILE C 225 21.46 -4.32 31.27
C ILE C 225 20.15 -3.88 30.60
N ASN C 226 19.15 -4.72 30.79
CA ASN C 226 17.84 -4.49 30.19
C ASN C 226 16.95 -3.80 31.21
N PHE C 227 16.11 -2.88 30.75
CA PHE C 227 15.27 -2.14 31.68
C PHE C 227 13.84 -1.93 31.19
N GLN C 228 12.94 -1.69 32.14
CA GLN C 228 11.54 -1.37 31.89
C GLN C 228 11.28 0.03 32.39
N LEU C 229 10.45 0.78 31.67
CA LEU C 229 10.04 2.10 32.11
C LEU C 229 8.52 2.17 32.16
N LEU C 230 8.02 2.89 33.17
CA LEU C 230 6.60 3.23 33.24
C LEU C 230 6.51 4.75 33.18
N PHE C 231 5.55 5.26 32.40
CA PHE C 231 5.38 6.70 32.23
C PHE C 231 4.05 7.14 32.85
N PRO C 232 3.90 8.45 33.15
CA PRO C 232 2.67 8.93 33.81
C PRO C 232 1.38 8.57 33.06
N SER C 233 1.43 8.57 31.73
CA SER C 233 0.25 8.26 30.93
C SER C 233 -0.18 6.80 30.98
N GLY C 234 0.70 5.93 31.48
CA GLY C 234 0.45 4.51 31.42
C GLY C 234 1.33 3.85 30.36
N ALA C 235 1.92 4.63 29.46
CA ALA C 235 2.88 4.09 28.50
C ALA C 235 3.98 3.30 29.19
N THR C 236 4.41 2.23 28.52
CA THR C 236 5.47 1.38 29.05
C THR C 236 6.58 1.24 28.02
N ALA C 237 7.80 0.97 28.48
CA ALA C 237 8.89 0.62 27.58
C ALA C 237 9.66 -0.58 28.11
N ASN C 238 9.99 -1.49 27.20
CA ASN C 238 10.92 -2.59 27.43
C ASN C 238 12.17 -2.30 26.63
N CYS C 239 13.32 -2.22 27.28
CA CYS C 239 14.52 -1.79 26.59
C CYS C 239 15.68 -2.76 26.78
N VAL C 240 16.40 -3.02 25.70
CA VAL C 240 17.65 -3.78 25.75
C VAL C 240 18.83 -2.84 25.56
N SER C 241 19.86 -3.03 26.38
CA SER C 241 21.18 -2.43 26.23
C SER C 241 22.22 -3.53 26.26
N ALA C 242 23.06 -3.65 25.24
CA ALA C 242 24.00 -4.78 25.23
C ALA C 242 25.33 -4.50 24.55
N TYR C 243 26.36 -5.20 25.03
CA TYR C 243 27.69 -5.16 24.43
C TYR C 243 28.04 -6.53 23.85
N SER C 244 27.06 -7.43 23.75
CA SER C 244 27.31 -8.79 23.26
C SER C 244 26.28 -9.28 22.26
N VAL C 245 25.41 -8.37 21.79
CA VAL C 245 24.54 -8.65 20.66
C VAL C 245 24.45 -7.42 19.78
N ASN C 246 24.13 -7.64 18.51
CA ASN C 246 23.92 -6.54 17.61
C ASN C 246 22.43 -6.31 17.43
N CYS C 247 21.96 -5.13 17.86
CA CYS C 247 20.57 -4.77 17.68
C CYS C 247 20.47 -3.25 17.61
N ASN C 248 19.54 -2.75 16.83
CA ASN C 248 19.32 -1.32 16.74
C ASN C 248 17.91 -1.07 16.21
N ARG C 249 16.96 -0.93 17.11
CA ARG C 249 15.58 -0.89 16.63
C ARG C 249 14.64 -0.35 17.66
N TYR C 250 13.49 0.13 17.20
CA TYR C 250 12.38 0.28 18.12
C TYR C 250 11.06 0.11 17.42
N ARG C 251 10.06 -0.33 18.19
CA ARG C 251 8.68 -0.28 17.73
C ARG C 251 7.89 0.43 18.79
N VAL C 252 7.06 1.39 18.37
CA VAL C 252 6.14 2.06 19.29
C VAL C 252 4.72 1.70 18.85
N SER C 253 3.90 1.35 19.83
CA SER C 253 2.59 0.76 19.57
C SER C 253 1.52 1.39 20.42
N GLY C 254 0.35 1.57 19.82
CA GLY C 254 -0.83 2.06 20.53
C GLY C 254 -2.02 1.28 20.02
N PRO C 255 -3.20 1.59 20.54
CA PRO C 255 -4.36 0.79 20.14
C PRO C 255 -4.72 0.88 18.66
N LYS C 256 -4.33 1.96 17.97
CA LYS C 256 -4.67 2.13 16.56
C LYS C 256 -3.64 1.53 15.61
N GLY C 257 -2.49 1.14 16.14
CA GLY C 257 -1.47 0.52 15.31
C GLY C 257 -0.06 0.77 15.83
N TRP C 258 0.94 0.52 14.99
CA TRP C 258 2.30 0.68 15.44
C TRP C 258 3.24 1.08 14.31
N VAL C 259 4.43 1.55 14.70
CA VAL C 259 5.44 1.90 13.71
C VAL C 259 6.79 1.51 14.30
N GLU C 260 7.64 0.94 13.47
CA GLU C 260 8.95 0.49 13.93
C GLU C 260 10.03 0.91 12.93
N ILE C 261 11.25 1.03 13.41
CA ILE C 261 12.39 1.36 12.58
C ILE C 261 13.50 0.40 12.95
N ASP C 262 14.14 -0.20 11.95
CA ASP C 262 15.16 -1.22 12.15
C ASP C 262 16.00 -1.31 10.87
N PRO C 263 17.24 -0.77 10.90
CA PRO C 263 17.87 -0.10 12.04
C PRO C 263 17.23 1.26 12.33
N ALA C 264 17.28 1.67 13.60
CA ALA C 264 16.57 2.86 14.04
C ALA C 264 17.46 4.11 14.11
N THR C 265 18.63 3.95 14.72
CA THR C 265 19.47 5.10 15.10
C THR C 265 20.89 4.95 14.60
N SER C 266 21.06 4.15 13.55
CA SER C 266 22.36 3.96 12.90
C SER C 266 22.76 5.23 12.14
N TYR C 267 24.00 5.24 11.65
CA TYR C 267 24.48 6.39 10.85
C TYR C 267 23.71 6.51 9.54
N GLN C 268 23.30 5.37 8.98
CA GLN C 268 22.48 5.33 7.78
C GLN C 268 21.74 4.01 7.68
N GLY C 269 20.88 3.87 6.69
CA GLY C 269 20.26 2.58 6.41
C GLY C 269 18.91 2.35 7.10
N GLN C 270 18.40 3.36 7.79
CA GLN C 270 17.11 3.25 8.47
C GLN C 270 16.01 2.72 7.56
N ALA C 271 15.17 1.87 8.12
CA ALA C 271 14.03 1.31 7.38
C ALA C 271 12.84 1.22 8.32
N MET C 272 11.73 1.82 7.89
CA MET C 272 10.55 1.93 8.72
C MET C 272 9.44 1.02 8.19
N ARG C 273 8.77 0.34 9.10
CA ARG C 273 7.62 -0.48 8.75
C ARG C 273 6.49 -0.04 9.67
N ALA C 274 5.27 0.04 9.15
CA ALA C 274 4.17 0.52 9.99
C ALA C 274 2.92 -0.30 9.77
N GLN C 275 2.12 -0.41 10.82
CA GLN C 275 0.87 -1.11 10.77
C GLN C 275 -0.19 -0.13 11.24
N LEU C 276 -0.85 0.53 10.29
CA LEU C 276 -1.76 1.62 10.58
C LEU C 276 -3.09 1.38 9.85
N GLY C 277 -4.03 0.75 10.54
CA GLY C 277 -5.27 0.36 9.89
C GLY C 277 -5.18 -0.96 9.14
N GLY C 278 -4.26 -1.03 8.17
CA GLY C 278 -4.05 -2.25 7.39
C GLY C 278 -2.86 -3.09 7.85
N PRO C 279 -2.51 -4.11 7.06
CA PRO C 279 -1.35 -4.97 7.36
C PRO C 279 -0.04 -4.17 7.43
N PRO C 280 0.97 -4.70 8.14
CA PRO C 280 2.27 -4.03 8.20
C PRO C 280 2.83 -3.79 6.79
N ALA C 281 3.37 -2.60 6.56
CA ALA C 281 3.94 -2.27 5.27
C ALA C 281 5.11 -1.32 5.46
N PRO C 282 6.07 -1.33 4.53
CA PRO C 282 7.13 -0.32 4.60
C PRO C 282 6.53 1.08 4.51
N ARG C 283 7.18 2.03 5.15
CA ARG C 283 6.72 3.41 5.07
C ARG C 283 7.93 4.31 4.88
N GLU C 284 7.84 5.17 3.87
CA GLU C 284 8.90 6.13 3.60
C GLU C 284 8.56 7.41 4.36
N PRO C 285 9.52 7.92 5.13
CA PRO C 285 9.28 9.13 5.91
C PRO C 285 9.30 10.38 5.04
N ALA C 286 8.70 11.46 5.53
CA ALA C 286 8.86 12.75 4.87
C ALA C 286 10.36 13.07 4.73
N PRO C 287 10.78 13.51 3.55
CA PRO C 287 12.21 13.75 3.36
C PRO C 287 12.69 14.93 4.19
N GLN C 288 13.96 14.92 4.58
CA GLN C 288 14.55 16.03 5.31
C GLN C 288 15.53 16.73 4.39
N PRO C 289 15.67 18.05 4.53
CA PRO C 289 16.58 18.84 3.69
C PRO C 289 18.02 18.34 3.73
N LYS C 290 18.49 17.94 4.90
CA LYS C 290 19.84 17.40 4.99
C LYS C 290 19.95 16.24 5.97
N ASN C 291 21.08 15.55 5.92
CA ASN C 291 21.34 14.40 6.76
C ASN C 291 21.36 14.75 8.26
N GLN C 292 21.26 13.74 9.11
CA GLN C 292 21.10 13.94 10.55
C GLN C 292 22.29 14.67 11.18
N PHE C 293 23.48 14.43 10.65
CA PHE C 293 24.69 15.00 11.23
C PHE C 293 24.76 16.50 10.91
N SER C 294 24.65 16.82 9.62
CA SER C 294 24.65 18.20 9.18
C SER C 294 23.51 18.97 9.81
N ALA C 295 22.35 18.33 9.94
CA ALA C 295 21.20 18.97 10.55
C ALA C 295 21.45 19.25 12.01
N GLN C 296 22.07 18.30 12.71
CA GLN C 296 22.40 18.48 14.13
C GLN C 296 23.32 19.68 14.32
N LEU C 297 24.40 19.73 13.53
CA LEU C 297 25.33 20.85 13.55
C LEU C 297 24.62 22.19 13.30
N ASP C 298 23.76 22.22 12.29
CA ASP C 298 23.07 23.45 11.94
C ASP C 298 22.06 23.87 12.98
N HIS C 299 21.49 22.90 13.69
CA HIS C 299 20.50 23.21 14.71
C HIS C 299 21.07 24.12 15.80
N LEU C 300 22.28 23.80 16.28
CA LEU C 300 22.86 24.63 17.34
C LEU C 300 23.15 26.02 16.78
N SER C 301 23.71 26.07 15.59
CA SER C 301 24.04 27.35 14.94
C SER C 301 22.81 28.23 14.79
N GLU C 302 21.72 27.64 14.33
CA GLU C 302 20.48 28.39 14.10
C GLU C 302 19.86 28.84 15.42
N CYS C 303 20.00 28.05 16.48
CA CYS C 303 19.54 28.45 17.80
C CYS C 303 20.30 29.68 18.30
N ILE C 304 21.61 29.67 18.10
CA ILE C 304 22.44 30.80 18.47
C ILE C 304 22.05 32.03 17.67
N LEU C 305 21.92 31.88 16.37
CA LEU C 305 21.56 32.99 15.48
C LEU C 305 20.17 33.55 15.75
N THR C 306 19.23 32.70 16.16
CA THR C 306 17.86 33.16 16.33
C THR C 306 17.49 33.35 17.79
N GLY C 307 18.44 33.07 18.68
CA GLY C 307 18.21 33.21 20.11
C GLY C 307 17.13 32.26 20.62
N ARG C 308 17.21 31.00 20.24
CA ARG C 308 16.27 29.99 20.71
C ARG C 308 17.01 28.85 21.41
N GLU C 309 16.27 28.01 22.13
CA GLU C 309 16.86 26.89 22.85
C GLU C 309 16.86 25.61 22.02
N PRO C 310 17.99 24.87 22.05
CA PRO C 310 18.10 23.60 21.33
C PRO C 310 17.01 22.62 21.77
N ILE C 311 16.48 21.82 20.84
CA ILE C 311 15.46 20.85 21.20
C ILE C 311 16.08 19.73 22.04
N VAL C 312 17.40 19.59 21.94
CA VAL C 312 18.10 18.63 22.78
C VAL C 312 19.17 19.34 23.59
N GLY C 313 18.71 20.18 24.53
CA GLY C 313 19.62 20.96 25.35
C GLY C 313 20.25 20.10 26.43
N GLY C 314 21.04 20.75 27.29
CA GLY C 314 21.67 20.05 28.39
C GLY C 314 20.69 19.32 29.28
N ASP C 315 19.48 19.89 29.40
CA ASP C 315 18.46 19.29 30.24
C ASP C 315 18.07 17.91 29.72
N ASP C 316 18.13 17.74 28.40
CA ASP C 316 17.80 16.43 27.83
C ASP C 316 18.84 15.39 28.21
N GLY C 317 20.12 15.74 28.10
CA GLY C 317 21.18 14.85 28.54
C GLY C 317 21.10 14.53 30.02
N LEU C 318 20.71 15.51 30.81
CA LEU C 318 20.56 15.35 32.25
C LEU C 318 19.44 14.38 32.57
N LYS C 319 18.31 14.51 31.86
CA LYS C 319 17.18 13.62 32.10
C LYS C 319 17.53 12.16 31.82
N ASP C 320 18.31 11.91 30.77
CA ASP C 320 18.79 10.55 30.50
C ASP C 320 19.66 10.06 31.66
N LEU C 321 20.61 10.87 32.10
CA LEU C 321 21.50 10.43 33.18
C LEU C 321 20.74 10.14 34.48
N ARG C 322 19.71 10.93 34.77
CA ARG C 322 18.82 10.64 35.90
C ARG C 322 18.18 9.25 35.80
N VAL C 323 17.71 8.89 34.62
CA VAL C 323 17.10 7.58 34.46
C VAL C 323 18.17 6.49 34.46
N ILE C 324 19.31 6.76 33.82
CA ILE C 324 20.42 5.81 33.85
C ILE C 324 20.84 5.45 35.28
N GLU C 325 20.90 6.47 36.13
CA GLU C 325 21.20 6.28 37.55
C GLU C 325 20.19 5.34 38.19
N ALA C 326 18.91 5.57 37.90
CA ALA C 326 17.83 4.73 38.42
C ALA C 326 17.90 3.31 37.87
N ILE C 327 18.31 3.17 36.60
CA ILE C 327 18.44 1.85 35.98
C ILE C 327 19.53 1.04 36.67
N TYR C 328 20.70 1.65 36.85
CA TYR C 328 21.78 0.99 37.57
C TYR C 328 21.34 0.62 38.98
N ARG C 329 20.60 1.51 39.63
CA ARG C 329 20.13 1.24 40.99
C ARG C 329 19.11 0.10 41.03
N ALA C 330 18.18 0.09 40.08
CA ALA C 330 17.15 -0.96 40.04
C ALA C 330 17.77 -2.34 39.86
N ALA C 331 18.77 -2.43 38.98
CA ALA C 331 19.42 -3.71 38.74
C ALA C 331 20.24 -4.17 39.94
N ARG C 332 20.89 -3.20 40.59
CA ARG C 332 21.70 -3.47 41.77
C ARG C 332 20.84 -3.89 42.96
N GLU C 333 19.71 -3.21 43.16
CA GLU C 333 18.87 -3.44 44.33
C GLU C 333 17.75 -4.45 44.09
N GLY C 334 17.51 -4.80 42.83
CA GLY C 334 16.45 -5.73 42.51
C GLY C 334 15.09 -5.22 42.95
N ARG C 335 14.83 -3.96 42.66
CA ARG C 335 13.54 -3.38 42.99
C ARG C 335 13.18 -2.29 42.00
N THR C 336 11.90 -1.97 41.95
CA THR C 336 11.43 -0.89 41.11
C THR C 336 11.83 0.43 41.72
N VAL C 337 12.52 1.26 40.95
CA VAL C 337 12.96 2.54 41.45
C VAL C 337 11.99 3.60 40.97
N LYS C 338 11.52 4.43 41.90
CA LYS C 338 10.57 5.50 41.59
C LYS C 338 11.26 6.80 41.25
N LEU C 339 10.77 7.47 40.21
CA LEU C 339 11.30 8.75 39.78
C LEU C 339 10.24 9.84 39.86
N ARG D 5 -5.81 41.88 12.53
CA ARG D 5 -7.22 42.26 12.65
C ARG D 5 -8.10 41.04 12.94
N LYS D 6 -8.74 41.05 14.11
CA LYS D 6 -9.50 39.89 14.58
C LYS D 6 -10.93 40.24 14.99
N LEU D 7 -11.90 39.60 14.33
CA LEU D 7 -13.30 39.82 14.66
C LEU D 7 -13.69 39.02 15.90
N GLY D 8 -14.62 39.56 16.68
CA GLY D 8 -14.99 38.97 17.95
C GLY D 8 -16.17 38.03 17.86
N TYR D 9 -16.00 36.84 18.45
CA TYR D 9 -17.05 35.83 18.51
C TYR D 9 -17.75 35.83 19.85
N ALA D 10 -19.08 35.81 19.82
CA ALA D 10 -19.86 35.42 20.97
C ALA D 10 -20.27 33.96 20.80
N ILE D 11 -19.87 33.12 21.74
CA ILE D 11 -20.25 31.71 21.71
C ILE D 11 -21.55 31.49 22.49
N LEU D 12 -22.53 30.88 21.85
CA LEU D 12 -23.88 30.78 22.39
C LEU D 12 -24.31 29.32 22.54
N GLY D 13 -24.53 28.91 23.79
CA GLY D 13 -24.81 27.52 24.10
C GLY D 13 -23.53 26.81 24.50
N LEU D 14 -23.19 26.86 25.78
CA LEU D 14 -21.90 26.36 26.24
C LEU D 14 -21.98 24.88 26.59
N GLY D 15 -22.29 24.06 25.58
CA GLY D 15 -22.37 22.63 25.77
C GLY D 15 -21.09 21.94 25.36
N TYR D 16 -21.20 20.67 24.99
CA TYR D 16 -20.00 19.88 24.68
C TYR D 16 -19.17 20.48 23.54
N TYR D 17 -19.81 20.74 22.41
CA TYR D 17 -19.05 21.13 21.21
C TYR D 17 -18.45 22.51 21.40
N ALA D 18 -19.22 23.39 22.03
CA ALA D 18 -18.78 24.74 22.30
C ALA D 18 -17.52 24.77 23.19
N THR D 19 -17.58 24.06 24.32
CA THR D 19 -16.57 24.21 25.34
C THR D 19 -15.38 23.25 25.16
N ARG D 20 -15.64 22.02 24.74
CA ARG D 20 -14.56 21.04 24.61
C ARG D 20 -13.83 21.16 23.28
N ILE D 21 -14.53 21.60 22.24
CA ILE D 21 -13.97 21.53 20.90
C ILE D 21 -13.67 22.89 20.29
N ILE D 22 -14.67 23.76 20.24
CA ILE D 22 -14.53 25.04 19.54
C ILE D 22 -13.71 26.08 20.31
N MET D 23 -14.05 26.31 21.57
CA MET D 23 -13.42 27.41 22.30
C MET D 23 -11.90 27.27 22.43
N PRO D 24 -11.39 26.05 22.63
CA PRO D 24 -9.92 25.93 22.65
C PRO D 24 -9.24 26.26 21.33
N ARG D 25 -9.97 26.27 20.22
CA ARG D 25 -9.33 26.44 18.91
C ARG D 25 -9.25 27.90 18.46
N PHE D 26 -9.73 28.84 19.28
CA PHE D 26 -9.44 30.24 18.99
C PHE D 26 -7.93 30.50 19.05
N ALA D 27 -7.23 29.65 19.81
CA ALA D 27 -5.77 29.72 19.93
C ALA D 27 -5.04 29.81 18.60
N GLU D 28 -5.47 29.02 17.61
CA GLU D 28 -4.79 28.99 16.31
C GLU D 28 -5.40 29.93 15.28
N CYS D 29 -6.40 30.70 15.69
CA CYS D 29 -7.03 31.65 14.76
C CYS D 29 -6.16 32.87 14.49
N GLU D 30 -6.20 33.35 13.26
CA GLU D 30 -5.47 34.55 12.88
C GLU D 30 -6.35 35.80 12.80
N HIS D 31 -7.66 35.60 12.65
CA HIS D 31 -8.57 36.71 12.40
C HIS D 31 -9.85 36.62 13.22
N SER D 32 -9.81 35.78 14.25
CA SER D 32 -10.95 35.56 15.12
C SER D 32 -10.48 35.56 16.56
N ARG D 33 -11.32 36.05 17.46
CA ARG D 33 -11.04 35.99 18.89
C ARG D 33 -12.32 35.73 19.66
N LEU D 34 -12.19 35.19 20.87
CA LEU D 34 -13.33 34.97 21.74
C LEU D 34 -13.63 36.25 22.50
N ALA D 35 -14.85 36.78 22.33
CA ALA D 35 -15.17 38.09 22.90
C ALA D 35 -16.30 38.05 23.92
N ALA D 36 -17.19 37.07 23.79
CA ALA D 36 -18.35 37.01 24.67
C ALA D 36 -18.89 35.59 24.82
N LEU D 37 -19.63 35.39 25.90
CA LEU D 37 -20.26 34.13 26.22
C LEU D 37 -21.76 34.32 26.45
N VAL D 38 -22.56 33.44 25.87
CA VAL D 38 -24.02 33.49 26.02
C VAL D 38 -24.50 32.13 26.47
N SER D 39 -25.14 32.08 27.64
CA SER D 39 -25.48 30.80 28.26
C SER D 39 -26.74 30.88 29.10
N GLY D 40 -27.43 29.75 29.22
CA GLY D 40 -28.59 29.66 30.09
C GLY D 40 -28.21 29.14 31.46
N THR D 41 -26.91 28.95 31.69
CA THR D 41 -26.43 28.43 32.96
C THR D 41 -25.45 29.43 33.57
N PRO D 42 -25.88 30.14 34.63
CA PRO D 42 -25.02 31.16 35.24
C PRO D 42 -23.65 30.64 35.66
N GLU D 43 -23.60 29.40 36.14
CA GLU D 43 -22.35 28.81 36.57
C GLU D 43 -21.36 28.70 35.41
N LYS D 44 -21.87 28.37 34.22
CA LYS D 44 -21.00 28.22 33.04
C LYS D 44 -20.42 29.56 32.63
N LEU D 45 -21.23 30.62 32.76
CA LEU D 45 -20.76 31.97 32.47
C LEU D 45 -19.62 32.35 33.39
N LYS D 46 -19.73 31.95 34.66
CA LYS D 46 -18.67 32.21 35.62
C LYS D 46 -17.43 31.39 35.31
N THR D 47 -17.62 30.08 35.16
CA THR D 47 -16.53 29.15 34.85
C THR D 47 -15.71 29.55 33.62
N TYR D 48 -16.38 29.67 32.48
CA TYR D 48 -15.68 29.92 31.23
C TYR D 48 -15.30 31.37 31.08
N GLY D 49 -16.05 32.25 31.74
CA GLY D 49 -15.71 33.66 31.76
C GLY D 49 -14.37 33.87 32.44
N GLU D 50 -14.22 33.25 33.61
CA GLU D 50 -12.97 33.33 34.35
C GLU D 50 -11.85 32.59 33.61
N GLN D 51 -12.14 31.40 33.11
CA GLN D 51 -11.16 30.62 32.37
C GLN D 51 -10.61 31.36 31.15
N TYR D 52 -11.48 32.01 30.38
CA TYR D 52 -11.06 32.63 29.13
C TYR D 52 -10.89 34.13 29.25
N GLY D 53 -11.06 34.65 30.47
CA GLY D 53 -10.85 36.07 30.72
C GLY D 53 -11.90 36.92 30.03
N ILE D 54 -13.14 36.46 30.04
CA ILE D 54 -14.24 37.22 29.48
C ILE D 54 -14.92 38.01 30.60
N PRO D 55 -14.83 39.34 30.56
CA PRO D 55 -15.43 40.20 31.59
C PRO D 55 -16.93 40.01 31.69
N GLU D 56 -17.49 40.30 32.86
CA GLU D 56 -18.91 40.13 33.11
C GLU D 56 -19.77 40.96 32.15
N THR D 57 -19.21 42.07 31.67
CA THR D 57 -19.89 42.91 30.69
C THR D 57 -20.12 42.17 29.38
N HIS D 58 -19.32 41.14 29.14
CA HIS D 58 -19.39 40.38 27.91
C HIS D 58 -19.96 38.99 28.16
N ARG D 59 -20.71 38.85 29.25
CA ARG D 59 -21.40 37.61 29.57
C ARG D 59 -22.91 37.83 29.52
N TYR D 60 -23.63 36.96 28.82
CA TYR D 60 -25.06 37.11 28.61
C TYR D 60 -25.85 35.85 28.95
N SER D 61 -27.04 36.04 29.52
CA SER D 61 -28.01 34.95 29.59
C SER D 61 -28.81 34.99 28.29
N TYR D 62 -29.63 33.96 28.05
CA TYR D 62 -30.57 34.01 26.95
C TYR D 62 -31.57 35.16 27.13
N GLU D 63 -31.83 35.54 28.38
CA GLU D 63 -32.77 36.62 28.66
C GLU D 63 -32.20 37.99 28.31
N THR D 64 -30.90 38.16 28.45
CA THR D 64 -30.29 39.46 28.16
C THR D 64 -29.56 39.49 26.80
N PHE D 65 -29.60 38.37 26.08
CA PHE D 65 -28.86 38.21 24.83
C PHE D 65 -29.07 39.33 23.83
N ASP D 66 -30.29 39.82 23.69
CA ASP D 66 -30.55 40.86 22.68
C ASP D 66 -29.79 42.17 22.96
N ARG D 67 -29.34 42.36 24.20
CA ARG D 67 -28.54 43.53 24.55
C ARG D 67 -27.16 43.52 23.91
N ILE D 68 -26.77 42.37 23.36
CA ILE D 68 -25.48 42.22 22.70
C ILE D 68 -25.35 43.20 21.52
N ILE D 69 -26.48 43.70 21.05
CA ILE D 69 -26.52 44.71 19.99
C ILE D 69 -25.67 45.94 20.34
N ASP D 70 -25.52 46.21 21.65
CA ASP D 70 -24.77 47.37 22.10
C ASP D 70 -23.31 47.05 22.42
N ASN D 71 -22.89 45.82 22.10
CA ASN D 71 -21.51 45.38 22.36
C ASN D 71 -20.71 45.32 21.06
N PRO D 72 -19.87 46.34 20.80
CA PRO D 72 -19.13 46.46 19.54
C PRO D 72 -17.94 45.50 19.46
N ASP D 73 -17.65 44.80 20.55
CA ASP D 73 -16.56 43.83 20.57
C ASP D 73 -17.04 42.51 19.96
N VAL D 74 -18.36 42.35 19.87
CA VAL D 74 -18.96 41.16 19.27
C VAL D 74 -19.35 41.43 17.81
N ASP D 75 -18.72 40.70 16.90
CA ASP D 75 -19.03 40.82 15.47
C ASP D 75 -19.89 39.65 15.01
N ILE D 76 -19.72 38.52 15.68
CA ILE D 76 -20.27 37.25 15.24
C ILE D 76 -20.87 36.51 16.43
N VAL D 77 -22.07 35.96 16.27
CA VAL D 77 -22.62 35.02 17.23
C VAL D 77 -22.54 33.63 16.64
N TYR D 78 -21.99 32.70 17.41
CA TYR D 78 -21.86 31.32 16.99
C TYR D 78 -22.88 30.52 17.79
N VAL D 79 -23.91 30.04 17.11
CA VAL D 79 -25.00 29.34 17.76
C VAL D 79 -24.70 27.85 17.83
N ILE D 80 -24.58 27.33 19.04
CA ILE D 80 -24.23 25.92 19.25
C ILE D 80 -25.20 25.27 20.24
N THR D 81 -26.49 25.37 19.90
CA THR D 81 -27.57 24.89 20.74
C THR D 81 -28.20 23.63 20.14
N PRO D 82 -29.15 22.98 20.87
CA PRO D 82 -29.93 21.95 20.18
C PRO D 82 -30.57 22.49 18.89
N ASN D 83 -30.80 21.61 17.92
CA ASN D 83 -31.18 22.01 16.58
C ASN D 83 -32.40 22.93 16.50
N SER D 84 -33.42 22.66 17.32
CA SER D 84 -34.66 23.43 17.23
C SER D 84 -34.49 24.88 17.67
N LEU D 85 -33.34 25.20 18.25
CA LEU D 85 -33.12 26.55 18.74
C LEU D 85 -32.22 27.34 17.82
N HIS D 86 -31.73 26.70 16.76
CA HIS D 86 -30.88 27.40 15.81
C HIS D 86 -31.62 28.59 15.21
N ARG D 87 -32.87 28.38 14.81
CA ARG D 87 -33.58 29.46 14.12
C ARG D 87 -33.79 30.69 15.02
N PRO D 88 -34.38 30.53 16.22
CA PRO D 88 -34.62 31.78 16.96
C PRO D 88 -33.34 32.50 17.40
N PHE D 89 -32.30 31.77 17.75
CA PHE D 89 -31.08 32.45 18.19
C PHE D 89 -30.37 33.13 17.04
N THR D 90 -30.40 32.50 15.87
CA THR D 90 -29.86 33.11 14.65
C THR D 90 -30.62 34.40 14.31
N GLU D 91 -31.95 34.34 14.38
CA GLU D 91 -32.79 35.51 14.08
C GLU D 91 -32.53 36.63 15.09
N ARG D 92 -32.46 36.28 16.36
CA ARG D 92 -32.18 37.29 17.38
C ARG D 92 -30.79 37.87 17.19
N ALA D 93 -29.84 37.03 16.80
CA ALA D 93 -28.48 37.50 16.54
C ALA D 93 -28.45 38.48 15.36
N ALA D 94 -29.17 38.14 14.29
CA ALA D 94 -29.24 39.00 13.12
C ALA D 94 -29.86 40.35 13.46
N ARG D 95 -30.89 40.34 14.29
CA ARG D 95 -31.56 41.58 14.69
C ARG D 95 -30.71 42.40 15.65
N ALA D 96 -29.77 41.74 16.33
CA ALA D 96 -28.77 42.44 17.13
C ALA D 96 -27.59 42.91 16.29
N GLY D 97 -27.73 42.80 14.97
CA GLY D 97 -26.72 43.30 14.05
C GLY D 97 -25.45 42.48 13.99
N LYS D 98 -25.54 41.21 14.37
CA LYS D 98 -24.37 40.33 14.36
C LYS D 98 -24.39 39.38 13.17
N HIS D 99 -23.21 39.09 12.63
CA HIS D 99 -23.07 38.00 11.69
C HIS D 99 -23.24 36.70 12.47
N VAL D 100 -23.56 35.62 11.77
CA VAL D 100 -23.92 34.39 12.46
C VAL D 100 -23.19 33.18 11.87
N MET D 101 -22.55 32.42 12.77
CA MET D 101 -22.11 31.06 12.49
C MET D 101 -23.10 30.14 13.18
N CYS D 102 -23.74 29.26 12.43
CA CYS D 102 -24.74 28.38 13.01
C CYS D 102 -24.32 26.93 12.81
N GLU D 103 -24.37 26.13 13.86
CA GLU D 103 -24.02 24.72 13.73
C GLU D 103 -24.99 23.96 12.84
N LYS D 104 -24.54 22.85 12.29
CA LYS D 104 -25.40 21.93 11.56
C LYS D 104 -26.18 21.05 12.56
N PRO D 105 -27.32 20.47 12.14
CA PRO D 105 -28.07 20.83 10.93
C PRO D 105 -28.59 22.24 11.09
N MET D 106 -28.77 22.95 9.99
CA MET D 106 -29.07 24.37 10.04
C MET D 106 -30.31 24.62 10.89
N ALA D 107 -31.37 23.87 10.61
CA ALA D 107 -32.64 23.97 11.34
C ALA D 107 -33.48 22.72 11.09
N ASN D 108 -34.66 22.62 11.69
CA ASN D 108 -35.51 21.43 11.52
C ASN D 108 -36.06 21.28 10.11
N THR D 109 -36.34 22.39 9.44
CA THR D 109 -37.04 22.31 8.17
C THR D 109 -36.49 23.26 7.12
N VAL D 110 -36.88 23.03 5.87
CA VAL D 110 -36.61 23.96 4.79
C VAL D 110 -37.10 25.38 5.15
N ALA D 111 -38.35 25.46 5.60
CA ALA D 111 -38.95 26.76 5.92
C ALA D 111 -38.13 27.50 6.97
N ASP D 112 -37.68 26.80 8.01
CA ASP D 112 -36.88 27.45 9.05
C ASP D 112 -35.55 27.98 8.50
N CYS D 113 -34.89 27.22 7.63
CA CYS D 113 -33.65 27.70 7.00
C CYS D 113 -33.92 28.96 6.18
N GLU D 114 -35.00 28.95 5.40
CA GLU D 114 -35.35 30.11 4.59
C GLU D 114 -35.60 31.34 5.45
N ALA D 115 -36.26 31.14 6.59
CA ALA D 115 -36.51 32.22 7.52
C ALA D 115 -35.19 32.75 8.07
N MET D 116 -34.25 31.85 8.36
CA MET D 116 -32.96 32.27 8.87
C MET D 116 -32.17 33.07 7.83
N ILE D 117 -32.18 32.57 6.59
CA ILE D 117 -31.52 33.27 5.49
C ILE D 117 -32.10 34.68 5.29
N ALA D 118 -33.42 34.78 5.39
CA ALA D 118 -34.11 36.05 5.18
C ALA D 118 -33.72 37.06 6.26
N ALA D 119 -33.67 36.59 7.50
CA ALA D 119 -33.37 37.45 8.63
C ALA D 119 -31.95 38.02 8.54
N CYS D 120 -30.99 37.20 8.13
CA CYS D 120 -29.62 37.70 8.04
C CYS D 120 -29.50 38.63 6.84
N LYS D 121 -30.24 38.32 5.76
CA LYS D 121 -30.20 39.19 4.60
C LYS D 121 -30.77 40.57 4.93
N LYS D 122 -31.89 40.58 5.64
CA LYS D 122 -32.54 41.81 6.06
C LYS D 122 -31.60 42.65 6.91
N ALA D 123 -30.87 41.98 7.80
CA ALA D 123 -29.93 42.63 8.69
C ALA D 123 -28.64 43.04 7.98
N GLY D 124 -28.47 42.62 6.73
CA GLY D 124 -27.24 42.87 6.01
C GLY D 124 -26.04 42.19 6.66
N ARG D 125 -26.28 41.02 7.26
CA ARG D 125 -25.21 40.29 7.92
C ARG D 125 -25.02 38.90 7.30
N LYS D 126 -23.80 38.39 7.39
CA LYS D 126 -23.45 37.12 6.78
C LYS D 126 -23.85 35.94 7.66
N LEU D 127 -24.16 34.83 7.01
CA LEU D 127 -24.60 33.61 7.69
C LEU D 127 -23.77 32.45 7.15
N MET D 128 -23.16 31.70 8.06
CA MET D 128 -22.35 30.55 7.66
C MET D 128 -22.75 29.35 8.50
N ILE D 129 -22.72 28.16 7.91
CA ILE D 129 -23.09 26.94 8.62
C ILE D 129 -21.83 26.17 8.95
N GLY D 130 -21.78 25.56 10.13
CA GLY D 130 -20.57 24.94 10.63
C GLY D 130 -20.17 23.64 9.97
N TYR D 131 -19.99 23.66 8.65
CA TYR D 131 -19.52 22.48 7.93
C TYR D 131 -17.98 22.46 7.92
N ARG D 132 -17.40 22.20 9.08
CA ARG D 132 -15.95 22.23 9.25
C ARG D 132 -15.17 21.32 8.29
N SER D 133 -15.81 20.25 7.82
CA SER D 133 -15.12 19.28 6.97
C SER D 133 -14.60 19.95 5.70
N ARG D 134 -15.23 21.04 5.27
CA ARG D 134 -14.78 21.76 4.09
C ARG D 134 -13.42 22.46 4.30
N PHE D 135 -12.96 22.48 5.55
CA PHE D 135 -11.68 23.11 5.89
C PHE D 135 -10.66 22.09 6.38
N GLN D 136 -11.03 20.83 6.28
CA GLN D 136 -10.22 19.73 6.79
C GLN D 136 -9.32 19.20 5.66
N ALA D 137 -8.05 18.93 5.98
CA ALA D 137 -7.05 18.70 4.93
C ALA D 137 -7.37 17.54 3.99
N HIS D 138 -7.80 16.40 4.54
CA HIS D 138 -8.08 15.24 3.69
C HIS D 138 -9.31 15.46 2.82
N ASN D 139 -10.32 16.12 3.39
CA ASN D 139 -11.53 16.44 2.63
C ASN D 139 -11.22 17.37 1.45
N ILE D 140 -10.41 18.40 1.70
CA ILE D 140 -9.99 19.32 0.65
C ILE D 140 -9.25 18.57 -0.47
N GLU D 141 -8.42 17.61 -0.06
CA GLU D 141 -7.65 16.82 -1.00
C GLU D 141 -8.56 15.94 -1.88
N ALA D 142 -9.57 15.33 -1.28
CA ALA D 142 -10.50 14.49 -2.06
C ALA D 142 -11.26 15.37 -3.05
N ILE D 143 -11.67 16.56 -2.61
CA ILE D 143 -12.34 17.51 -3.49
C ILE D 143 -11.41 17.89 -4.66
N LYS D 144 -10.15 18.15 -4.35
CA LYS D 144 -9.19 18.51 -5.39
C LYS D 144 -9.00 17.40 -6.41
N LEU D 145 -8.91 16.15 -5.94
CA LEU D 145 -8.75 15.02 -6.86
C LEU D 145 -9.94 14.93 -7.81
N VAL D 146 -11.15 15.14 -7.29
CA VAL D 146 -12.33 15.13 -8.15
C VAL D 146 -12.26 16.27 -9.16
N ARG D 147 -12.07 17.48 -8.65
CA ARG D 147 -12.03 18.68 -9.48
C ARG D 147 -10.96 18.59 -10.57
N ASP D 148 -9.80 18.03 -10.22
CA ASP D 148 -8.71 17.90 -11.18
C ASP D 148 -8.92 16.77 -12.19
N GLY D 149 -10.06 16.08 -12.10
CA GLY D 149 -10.35 14.99 -13.00
C GLY D 149 -9.57 13.70 -12.77
N ALA D 150 -8.90 13.58 -11.62
CA ALA D 150 -8.09 12.39 -11.33
C ALA D 150 -8.89 11.10 -11.25
N LEU D 151 -10.20 11.21 -11.03
CA LEU D 151 -11.09 10.04 -10.94
C LEU D 151 -11.88 9.82 -12.23
N GLY D 152 -11.86 10.82 -13.10
CA GLY D 152 -12.79 10.86 -14.21
C GLY D 152 -14.10 11.42 -13.67
N PRO D 153 -15.18 11.34 -14.45
CA PRO D 153 -16.49 11.77 -13.94
C PRO D 153 -16.86 11.00 -12.67
N VAL D 154 -17.40 11.67 -11.67
CA VAL D 154 -17.80 10.96 -10.46
C VAL D 154 -18.94 10.00 -10.81
N ARG D 155 -18.77 8.73 -10.48
CA ARG D 155 -19.80 7.73 -10.75
C ARG D 155 -20.51 7.32 -9.47
N THR D 156 -19.75 7.00 -8.42
CA THR D 156 -20.34 6.67 -7.13
C THR D 156 -19.70 7.39 -5.94
N VAL D 157 -20.53 7.73 -4.97
CA VAL D 157 -20.07 8.12 -3.64
C VAL D 157 -20.70 7.17 -2.65
N VAL D 158 -19.87 6.48 -1.89
CA VAL D 158 -20.42 5.56 -0.89
C VAL D 158 -19.97 6.07 0.47
N THR D 159 -20.91 6.48 1.31
CA THR D 159 -20.54 7.17 2.53
C THR D 159 -21.44 6.79 3.69
N ASP D 160 -20.81 6.50 4.82
CA ASP D 160 -21.50 5.99 5.99
C ASP D 160 -21.15 6.82 7.19
N HIS D 161 -22.15 7.37 7.88
CA HIS D 161 -21.90 8.11 9.11
C HIS D 161 -22.86 7.68 10.19
N GLY D 162 -22.31 7.33 11.33
CA GLY D 162 -23.13 6.87 12.44
C GLY D 162 -22.31 6.74 13.70
N PHE D 163 -22.98 6.76 14.84
CA PHE D 163 -22.32 6.41 16.07
C PHE D 163 -23.36 5.78 16.98
N THR D 164 -22.91 4.94 17.89
CA THR D 164 -23.79 4.29 18.83
C THR D 164 -24.18 5.27 19.94
N ILE D 165 -25.32 5.92 19.78
CA ILE D 165 -25.72 6.95 20.74
C ILE D 165 -26.14 6.28 22.07
N GLY D 166 -25.97 7.00 23.17
CA GLY D 166 -26.14 6.41 24.48
C GLY D 166 -27.39 6.82 25.22
N ASP D 167 -27.26 7.82 26.08
CA ASP D 167 -28.33 8.19 27.02
C ASP D 167 -29.64 8.56 26.31
N PRO D 168 -30.70 7.78 26.54
CA PRO D 168 -32.02 8.02 25.96
C PRO D 168 -32.61 9.40 26.29
N LYS D 169 -32.13 10.06 27.35
CA LYS D 169 -32.76 11.31 27.79
C LYS D 169 -32.18 12.57 27.14
N GLN D 170 -31.12 12.42 26.36
CA GLN D 170 -30.43 13.58 25.80
C GLN D 170 -31.26 14.23 24.69
N TRP D 171 -30.96 15.49 24.38
CA TRP D 171 -31.83 16.24 23.49
C TRP D 171 -31.85 15.68 22.06
N ARG D 172 -30.76 15.05 21.63
CA ARG D 172 -30.73 14.46 20.29
C ARG D 172 -31.82 13.41 20.08
N LEU D 173 -32.34 12.81 21.16
CA LEU D 173 -33.34 11.75 21.01
C LEU D 173 -34.74 12.24 21.36
N ASN D 174 -34.88 13.55 21.43
CA ASN D 174 -36.12 14.24 21.77
C ASN D 174 -36.55 15.04 20.56
N ARG D 175 -37.67 14.69 19.94
CA ARG D 175 -38.04 15.28 18.65
C ARG D 175 -38.19 16.80 18.74
N ALA D 176 -38.77 17.28 19.84
CA ALA D 176 -39.01 18.72 19.98
C ALA D 176 -37.72 19.54 19.89
N LEU D 177 -36.62 18.99 20.40
CA LEU D 177 -35.35 19.71 20.44
C LEU D 177 -34.41 19.32 19.30
N ALA D 178 -34.51 18.09 18.80
CA ALA D 178 -33.59 17.60 17.77
C ALA D 178 -34.10 17.79 16.33
N GLY D 179 -35.42 17.83 16.18
CA GLY D 179 -36.03 17.92 14.87
C GLY D 179 -36.03 16.63 14.06
N GLY D 180 -35.28 15.63 14.53
CA GLY D 180 -35.21 14.36 13.84
C GLY D 180 -34.10 13.52 14.43
N GLY D 181 -33.86 12.35 13.85
CA GLY D 181 -32.93 11.38 14.42
C GLY D 181 -31.52 11.44 13.84
N SER D 182 -30.96 10.28 13.53
CA SER D 182 -29.59 10.19 13.06
C SER D 182 -29.33 11.07 11.84
N LEU D 183 -30.33 11.18 10.96
CA LEU D 183 -30.14 11.96 9.74
C LEU D 183 -29.83 13.42 10.04
N MET D 184 -30.51 13.98 11.04
CA MET D 184 -30.30 15.38 11.39
C MET D 184 -28.91 15.59 11.97
N ASP D 185 -28.43 14.61 12.74
CA ASP D 185 -27.22 14.81 13.54
C ASP D 185 -25.93 14.34 12.89
N ILE D 186 -25.99 13.18 12.26
CA ILE D 186 -24.75 12.55 11.81
C ILE D 186 -24.88 12.10 10.35
N GLY D 187 -26.06 11.67 9.95
CA GLY D 187 -26.26 11.29 8.56
C GLY D 187 -26.09 12.47 7.61
N ILE D 188 -26.31 13.66 8.14
CA ILE D 188 -26.10 14.88 7.36
C ILE D 188 -24.66 14.98 6.83
N TYR D 189 -23.69 14.37 7.50
CA TYR D 189 -22.32 14.37 6.97
C TYR D 189 -22.23 13.58 5.67
N SER D 190 -22.97 12.45 5.59
CA SER D 190 -23.01 11.65 4.37
C SER D 190 -23.58 12.46 3.20
N LEU D 191 -24.70 13.12 3.49
CA LEU D 191 -25.37 13.96 2.50
C LEU D 191 -24.48 15.11 2.06
N ASN D 192 -23.92 15.83 3.03
CA ASN D 192 -23.12 17.02 2.73
C ASN D 192 -21.90 16.63 1.91
N ALA D 193 -21.30 15.47 2.21
CA ALA D 193 -20.13 15.02 1.46
C ALA D 193 -20.52 14.61 0.04
N ALA D 194 -21.62 13.89 -0.10
CA ALA D 194 -22.07 13.53 -1.45
C ALA D 194 -22.24 14.79 -2.31
N ARG D 195 -22.75 15.85 -1.70
CA ARG D 195 -22.93 17.11 -2.43
C ARG D 195 -21.60 17.80 -2.74
N TYR D 196 -20.66 17.84 -1.79
CA TYR D 196 -19.43 18.56 -2.12
C TYR D 196 -18.43 17.72 -2.89
N LEU D 197 -18.55 16.40 -2.84
CA LEU D 197 -17.67 15.57 -3.65
C LEU D 197 -18.14 15.56 -5.12
N THR D 198 -19.44 15.55 -5.37
CA THR D 198 -19.92 15.64 -6.76
C THR D 198 -19.92 17.09 -7.24
N GLY D 199 -20.09 18.03 -6.32
CA GLY D 199 -20.29 19.43 -6.66
C GLY D 199 -21.67 19.65 -7.28
N GLU D 200 -22.59 18.75 -6.96
CA GLU D 200 -23.92 18.74 -7.56
C GLU D 200 -25.01 18.65 -6.51
N GLU D 201 -26.24 18.90 -6.96
CA GLU D 201 -27.43 18.77 -6.12
C GLU D 201 -28.29 17.61 -6.63
N PRO D 202 -28.80 16.77 -5.72
CA PRO D 202 -29.50 15.56 -6.15
C PRO D 202 -30.79 15.89 -6.90
N VAL D 203 -31.20 15.04 -7.82
CA VAL D 203 -32.49 15.21 -8.48
C VAL D 203 -33.46 14.08 -8.15
N ALA D 204 -32.96 13.02 -7.51
CA ALA D 204 -33.80 11.90 -7.12
C ALA D 204 -33.27 11.25 -5.85
N VAL D 205 -34.19 10.79 -5.00
CA VAL D 205 -33.87 10.27 -3.67
C VAL D 205 -34.65 8.98 -3.37
N ASN D 206 -33.95 7.93 -2.93
CA ASN D 206 -34.57 6.75 -2.32
C ASN D 206 -34.17 6.70 -0.86
N ALA D 207 -34.98 6.06 -0.02
CA ALA D 207 -34.55 5.83 1.35
C ALA D 207 -35.25 4.64 2.00
N VAL D 208 -34.57 4.02 2.96
CA VAL D 208 -35.16 2.97 3.78
C VAL D 208 -34.89 3.32 5.23
N GLU D 209 -35.87 3.17 6.11
CA GLU D 209 -35.62 3.43 7.53
C GLU D 209 -35.67 2.14 8.34
N SER D 210 -34.87 2.07 9.39
CA SER D 210 -34.92 0.91 10.28
C SER D 210 -34.69 1.33 11.72
N THR D 211 -35.75 1.31 12.50
CA THR D 211 -35.67 1.75 13.89
C THR D 211 -36.46 0.79 14.77
N ASP D 212 -35.83 0.35 15.86
CA ASP D 212 -36.50 -0.49 16.87
C ASP D 212 -37.14 0.42 17.91
N ARG D 213 -38.45 0.60 17.78
CA ARG D 213 -39.21 1.49 18.64
C ARG D 213 -39.35 0.94 20.07
N SER D 214 -38.91 -0.30 20.28
CA SER D 214 -38.90 -0.83 21.64
C SER D 214 -37.57 -0.52 22.33
N ASP D 215 -36.63 0.04 21.58
CA ASP D 215 -35.38 0.54 22.16
C ASP D 215 -35.68 1.86 22.87
N PRO D 216 -35.29 1.96 24.17
CA PRO D 216 -35.48 3.18 24.97
C PRO D 216 -34.95 4.46 24.31
N ARG D 217 -33.96 4.34 23.45
CA ARG D 217 -33.40 5.49 22.74
C ARG D 217 -34.31 6.06 21.64
N PHE D 218 -35.16 5.23 21.06
CA PHE D 218 -35.78 5.54 19.78
C PHE D 218 -37.31 5.62 19.79
N GLY D 219 -37.86 6.19 20.85
CA GLY D 219 -39.29 6.34 20.92
C GLY D 219 -39.77 7.44 19.99
N GLU D 220 -38.92 8.44 19.73
CA GLU D 220 -39.36 9.67 19.05
C GLU D 220 -38.67 9.95 17.71
N VAL D 221 -37.43 9.51 17.57
CA VAL D 221 -36.67 9.83 16.36
C VAL D 221 -36.04 8.57 15.75
N GLU D 222 -35.51 8.68 14.53
CA GLU D 222 -35.10 7.47 13.82
C GLU D 222 -33.68 7.04 14.14
N ASP D 223 -33.44 5.75 14.03
CA ASP D 223 -32.12 5.16 14.21
C ASP D 223 -31.39 5.11 12.86
N ILE D 224 -31.73 4.14 12.04
CA ILE D 224 -31.10 4.04 10.74
C ILE D 224 -32.03 4.56 9.65
N ILE D 225 -31.50 5.44 8.80
CA ILE D 225 -32.21 5.77 7.57
C ILE D 225 -31.14 5.91 6.48
N ASN D 226 -31.12 4.94 5.59
CA ASN D 226 -30.15 4.89 4.51
C ASN D 226 -30.75 5.45 3.24
N PHE D 227 -29.95 6.13 2.43
CA PHE D 227 -30.54 6.78 1.28
C PHE D 227 -29.67 6.72 0.04
N GLN D 228 -30.31 6.86 -1.11
CA GLN D 228 -29.64 6.86 -2.40
C GLN D 228 -29.88 8.21 -3.05
N LEU D 229 -28.87 8.74 -3.72
CA LEU D 229 -28.97 10.02 -4.43
C LEU D 229 -28.56 9.83 -5.88
N LEU D 230 -29.34 10.42 -6.79
CA LEU D 230 -28.96 10.51 -8.19
C LEU D 230 -28.72 11.98 -8.50
N PHE D 231 -27.65 12.27 -9.24
CA PHE D 231 -27.29 13.64 -9.57
C PHE D 231 -27.44 13.84 -11.09
N PRO D 232 -27.58 15.10 -11.54
CA PRO D 232 -27.80 15.38 -12.97
C PRO D 232 -26.75 14.77 -13.91
N SER D 233 -25.48 14.74 -13.48
CA SER D 233 -24.40 14.19 -14.30
C SER D 233 -24.51 12.67 -14.44
N GLY D 234 -25.35 12.06 -13.62
CA GLY D 234 -25.40 10.61 -13.54
C GLY D 234 -24.68 10.04 -12.34
N ALA D 235 -23.93 10.88 -11.63
CA ALA D 235 -23.28 10.45 -10.39
C ALA D 235 -24.32 9.91 -9.42
N THR D 236 -23.96 8.86 -8.68
CA THR D 236 -24.86 8.28 -7.70
C THR D 236 -24.21 8.29 -6.32
N ALA D 237 -25.04 8.23 -5.29
CA ALA D 237 -24.53 8.07 -3.93
C ALA D 237 -25.37 7.05 -3.16
N ASN D 238 -24.69 6.19 -2.43
CA ASN D 238 -25.29 5.31 -1.40
C ASN D 238 -24.85 5.79 -0.02
N CYS D 239 -25.80 6.17 0.82
CA CYS D 239 -25.45 6.79 2.09
C CYS D 239 -26.07 6.05 3.26
N VAL D 240 -25.28 5.90 4.33
CA VAL D 240 -25.80 5.34 5.58
C VAL D 240 -25.86 6.44 6.62
N SER D 241 -26.95 6.46 7.37
CA SER D 241 -27.09 7.30 8.55
C SER D 241 -27.58 6.45 9.72
N ALA D 242 -26.86 6.46 10.85
CA ALA D 242 -27.19 5.51 11.91
C ALA D 242 -26.92 6.03 13.33
N TYR D 243 -27.76 5.58 14.28
CA TYR D 243 -27.55 5.84 15.70
C TYR D 243 -27.21 4.57 16.47
N SER D 244 -27.09 3.44 15.79
CA SER D 244 -26.79 2.19 16.47
C SER D 244 -25.59 1.43 15.91
N VAL D 245 -24.82 2.06 15.02
CA VAL D 245 -23.54 1.50 14.59
C VAL D 245 -22.53 2.63 14.47
N ASN D 246 -21.25 2.29 14.47
CA ASN D 246 -20.22 3.30 14.29
C ASN D 246 -19.63 3.23 12.90
N CYS D 247 -19.68 4.35 12.20
CA CYS D 247 -19.06 4.46 10.89
C CYS D 247 -18.82 5.94 10.61
N ASN D 248 -17.74 6.22 9.88
CA ASN D 248 -17.40 7.57 9.51
C ASN D 248 -16.45 7.51 8.33
N ARG D 249 -17.01 7.51 7.13
CA ARG D 249 -16.17 7.31 5.94
C ARG D 249 -16.85 7.75 4.66
N TYR D 250 -16.04 7.96 3.63
CA TYR D 250 -16.57 7.96 2.29
C TYR D 250 -15.53 7.52 1.29
N ARG D 251 -16.02 6.91 0.21
CA ARG D 251 -15.20 6.66 -0.96
C ARG D 251 -15.91 7.26 -2.15
N VAL D 252 -15.18 8.04 -2.94
CA VAL D 252 -15.73 8.57 -4.18
C VAL D 252 -14.95 7.94 -5.34
N SER D 253 -15.68 7.41 -6.33
CA SER D 253 -15.06 6.64 -7.40
C SER D 253 -15.51 7.10 -8.78
N GLY D 254 -14.59 7.04 -9.73
CA GLY D 254 -14.91 7.26 -11.12
C GLY D 254 -14.19 6.22 -11.95
N PRO D 255 -14.30 6.31 -13.28
CA PRO D 255 -13.64 5.29 -14.09
C PRO D 255 -12.11 5.29 -14.02
N LYS D 256 -11.48 6.40 -13.62
CA LYS D 256 -10.02 6.43 -13.58
C LYS D 256 -9.47 6.03 -12.22
N GLY D 257 -10.34 5.92 -11.22
CA GLY D 257 -9.87 5.52 -9.91
C GLY D 257 -10.77 6.01 -8.78
N TRP D 258 -10.30 5.86 -7.55
CA TRP D 258 -11.08 6.30 -6.41
C TRP D 258 -10.21 6.76 -5.26
N VAL D 259 -10.81 7.50 -4.33
CA VAL D 259 -10.15 7.95 -3.11
C VAL D 259 -11.13 7.84 -1.96
N GLU D 260 -10.66 7.42 -0.80
CA GLU D 260 -11.53 7.26 0.35
C GLU D 260 -10.87 7.82 1.59
N ILE D 261 -11.66 8.18 2.59
CA ILE D 261 -11.19 8.64 3.87
C ILE D 261 -11.97 7.94 4.97
N ASP D 262 -11.26 7.43 5.98
CA ASP D 262 -11.88 6.63 7.05
C ASP D 262 -10.92 6.65 8.23
N PRO D 263 -11.23 7.42 9.27
CA PRO D 263 -12.42 8.27 9.43
C PRO D 263 -12.39 9.49 8.50
N ALA D 264 -13.55 9.96 8.07
CA ALA D 264 -13.60 11.02 7.06
C ALA D 264 -13.84 12.42 7.67
N THR D 265 -14.79 12.50 8.60
CA THR D 265 -15.24 13.81 9.06
C THR D 265 -15.18 13.91 10.58
N SER D 266 -14.30 13.10 11.17
CA SER D 266 -14.06 13.16 12.62
C SER D 266 -13.33 14.44 13.03
N TYR D 267 -13.26 14.70 14.34
CA TYR D 267 -12.51 15.85 14.85
C TYR D 267 -11.02 15.73 14.48
N GLN D 268 -10.52 14.51 14.50
CA GLN D 268 -9.14 14.24 14.11
C GLN D 268 -9.00 12.80 13.68
N GLY D 269 -7.82 12.42 13.22
CA GLY D 269 -7.55 11.02 12.92
C GLY D 269 -7.81 10.59 11.49
N GLN D 270 -8.20 11.53 10.62
CA GLN D 270 -8.45 11.21 9.21
C GLN D 270 -7.34 10.39 8.59
N ALA D 271 -7.71 9.42 7.76
CA ALA D 271 -6.75 8.59 7.05
C ALA D 271 -7.28 8.35 5.64
N MET D 272 -6.47 8.71 4.65
CA MET D 272 -6.89 8.63 3.26
C MET D 272 -6.17 7.51 2.52
N ARG D 273 -6.93 6.80 1.69
CA ARG D 273 -6.36 5.78 0.83
C ARG D 273 -6.88 6.00 -0.58
N ALA D 274 -6.04 5.84 -1.58
CA ALA D 274 -6.48 6.11 -2.95
C ALA D 274 -6.00 5.04 -3.92
N GLN D 275 -6.79 4.80 -4.97
CA GLN D 275 -6.48 3.85 -6.01
C GLN D 275 -6.45 4.68 -7.29
N LEU D 276 -5.24 5.08 -7.69
CA LEU D 276 -5.06 5.99 -8.82
C LEU D 276 -3.91 5.50 -9.67
N GLY D 277 -4.21 4.77 -10.73
CA GLY D 277 -3.14 4.20 -11.53
C GLY D 277 -2.76 2.82 -11.01
N GLY D 278 -2.19 2.77 -9.82
CA GLY D 278 -1.81 1.51 -9.22
C GLY D 278 -2.76 1.03 -8.14
N PRO D 279 -2.32 0.00 -7.39
CA PRO D 279 -3.08 -0.58 -6.28
C PRO D 279 -3.38 0.49 -5.22
N PRO D 280 -4.38 0.24 -4.36
CA PRO D 280 -4.67 1.22 -3.31
C PRO D 280 -3.46 1.49 -2.43
N ALA D 281 -3.28 2.74 -2.07
CA ALA D 281 -2.13 3.13 -1.26
C ALA D 281 -2.54 4.28 -0.35
N PRO D 282 -1.93 4.35 0.84
CA PRO D 282 -2.13 5.51 1.70
C PRO D 282 -1.74 6.77 0.94
N ARG D 283 -2.46 7.86 1.17
CA ARG D 283 -2.12 9.14 0.54
C ARG D 283 -2.16 10.23 1.61
N GLU D 284 -1.10 11.02 1.69
CA GLU D 284 -1.10 12.17 2.57
C GLU D 284 -1.61 13.36 1.78
N PRO D 285 -2.60 14.07 2.33
CA PRO D 285 -3.15 15.24 1.65
C PRO D 285 -2.20 16.42 1.75
N ALA D 286 -2.33 17.39 0.86
CA ALA D 286 -1.57 18.62 0.98
C ALA D 286 -1.87 19.21 2.34
N PRO D 287 -0.82 19.71 3.03
CA PRO D 287 -1.04 20.27 4.36
C PRO D 287 -1.83 21.58 4.33
N GLN D 288 -2.52 21.87 5.42
CA GLN D 288 -3.25 23.10 5.60
C GLN D 288 -2.60 23.92 6.71
N PRO D 289 -2.65 25.26 6.62
CA PRO D 289 -1.99 26.11 7.62
C PRO D 289 -2.57 25.96 9.02
N LYS D 290 -3.86 25.67 9.13
CA LYS D 290 -4.41 25.45 10.46
C LYS D 290 -5.50 24.38 10.46
N ASN D 291 -5.84 23.92 11.66
CA ASN D 291 -6.82 22.87 11.82
C ASN D 291 -8.21 23.29 11.32
N GLN D 292 -9.09 22.32 11.14
CA GLN D 292 -10.39 22.58 10.53
C GLN D 292 -11.27 23.54 11.35
N PHE D 293 -11.14 23.49 12.68
CA PHE D 293 -11.98 24.32 13.54
C PHE D 293 -11.56 25.78 13.49
N SER D 294 -10.27 26.03 13.71
CA SER D 294 -9.72 27.37 13.59
C SER D 294 -9.91 27.93 12.18
N ALA D 295 -9.77 27.08 11.16
CA ALA D 295 -9.96 27.53 9.78
C ALA D 295 -11.42 27.94 9.54
N GLN D 296 -12.34 27.15 10.09
CA GLN D 296 -13.76 27.43 9.90
C GLN D 296 -14.10 28.79 10.52
N LEU D 297 -13.67 28.97 11.77
CA LEU D 297 -13.84 30.23 12.49
C LEU D 297 -13.28 31.41 11.71
N ASP D 298 -12.04 31.26 11.22
CA ASP D 298 -11.39 32.33 10.47
C ASP D 298 -12.01 32.60 9.11
N HIS D 299 -12.58 31.58 8.48
CA HIS D 299 -13.22 31.78 7.18
C HIS D 299 -14.34 32.81 7.25
N LEU D 300 -15.20 32.70 8.24
CA LEU D 300 -16.29 33.68 8.41
C LEU D 300 -15.71 35.09 8.61
N SER D 301 -14.74 35.20 9.52
CA SER D 301 -14.10 36.48 9.79
C SER D 301 -13.52 37.09 8.52
N GLU D 302 -12.80 36.28 7.74
CA GLU D 302 -12.18 36.76 6.51
C GLU D 302 -13.20 37.16 5.45
N CYS D 303 -14.31 36.44 5.40
CA CYS D 303 -15.38 36.81 4.46
C CYS D 303 -15.94 38.18 4.81
N ILE D 304 -16.08 38.44 6.11
CA ILE D 304 -16.58 39.73 6.59
C ILE D 304 -15.57 40.83 6.30
N LEU D 305 -14.32 40.58 6.63
CA LEU D 305 -13.26 41.56 6.41
C LEU D 305 -13.10 41.93 4.94
N THR D 306 -13.36 40.98 4.05
CA THR D 306 -13.08 41.19 2.62
C THR D 306 -14.34 41.31 1.79
N GLY D 307 -15.50 41.28 2.44
CA GLY D 307 -16.77 41.37 1.73
C GLY D 307 -17.02 40.24 0.74
N ARG D 308 -16.70 39.01 1.13
CA ARG D 308 -16.97 37.85 0.30
C ARG D 308 -18.00 36.91 0.93
N GLU D 309 -18.54 36.00 0.14
CA GLU D 309 -19.52 35.04 0.64
C GLU D 309 -18.86 33.77 1.16
N PRO D 310 -19.26 33.32 2.36
CA PRO D 310 -18.76 32.05 2.91
C PRO D 310 -18.96 30.90 1.91
N ILE D 311 -18.04 29.93 1.88
CA ILE D 311 -18.16 28.84 0.94
C ILE D 311 -19.26 27.88 1.37
N VAL D 312 -19.61 27.91 2.65
CA VAL D 312 -20.72 27.13 3.18
C VAL D 312 -21.73 28.06 3.86
N GLY D 313 -22.40 28.87 3.05
CA GLY D 313 -23.37 29.83 3.55
C GLY D 313 -24.69 29.18 3.95
N GLY D 314 -25.67 30.01 4.29
CA GLY D 314 -26.97 29.52 4.68
C GLY D 314 -27.59 28.69 3.57
N ASP D 315 -27.31 29.04 2.32
CA ASP D 315 -27.86 28.30 1.19
C ASP D 315 -27.39 26.84 1.20
N ASP D 316 -26.18 26.61 1.69
CA ASP D 316 -25.67 25.23 1.74
C ASP D 316 -26.43 24.42 2.80
N GLY D 317 -26.75 25.03 3.93
CA GLY D 317 -27.54 24.36 4.95
C GLY D 317 -28.96 24.10 4.48
N LEU D 318 -29.51 25.07 3.75
CA LEU D 318 -30.81 24.95 3.12
C LEU D 318 -30.86 23.79 2.13
N LYS D 319 -29.84 23.70 1.28
CA LYS D 319 -29.81 22.63 0.29
C LYS D 319 -29.76 21.25 0.96
N ASP D 320 -29.05 21.14 2.08
CA ASP D 320 -29.10 19.90 2.86
C ASP D 320 -30.50 19.64 3.38
N LEU D 321 -31.15 20.66 3.94
CA LEU D 321 -32.49 20.44 4.52
C LEU D 321 -33.50 20.05 3.43
N ARG D 322 -33.31 20.56 2.22
CA ARG D 322 -34.20 20.17 1.11
C ARG D 322 -34.12 18.68 0.84
N VAL D 323 -32.91 18.15 0.86
CA VAL D 323 -32.74 16.75 0.53
C VAL D 323 -33.17 15.91 1.72
N ILE D 324 -32.92 16.42 2.93
CA ILE D 324 -33.33 15.71 4.14
C ILE D 324 -34.85 15.54 4.16
N GLU D 325 -35.59 16.58 3.79
CA GLU D 325 -37.03 16.44 3.73
C GLU D 325 -37.45 15.38 2.71
N ALA D 326 -36.73 15.31 1.59
CA ALA D 326 -37.02 14.32 0.56
C ALA D 326 -36.67 12.91 1.04
N ILE D 327 -35.59 12.80 1.81
CA ILE D 327 -35.15 11.50 2.32
C ILE D 327 -36.19 10.93 3.26
N TYR D 328 -36.66 11.75 4.20
CA TYR D 328 -37.70 11.33 5.13
C TYR D 328 -38.97 10.94 4.37
N ARG D 329 -39.31 11.73 3.35
CA ARG D 329 -40.50 11.45 2.54
C ARG D 329 -40.38 10.15 1.74
N ALA D 330 -39.22 9.93 1.13
CA ALA D 330 -38.98 8.73 0.34
C ALA D 330 -39.10 7.47 1.20
N ALA D 331 -38.61 7.54 2.42
CA ALA D 331 -38.69 6.39 3.32
C ALA D 331 -40.12 6.16 3.80
N ARG D 332 -40.84 7.26 4.01
CA ARG D 332 -42.21 7.20 4.49
C ARG D 332 -43.12 6.65 3.40
N GLU D 333 -42.89 7.11 2.18
CA GLU D 333 -43.78 6.78 1.06
C GLU D 333 -43.34 5.57 0.23
N GLY D 334 -42.13 5.07 0.46
CA GLY D 334 -41.65 3.92 -0.30
C GLY D 334 -41.60 4.21 -1.79
N ARG D 335 -41.07 5.38 -2.13
CA ARG D 335 -40.96 5.75 -3.53
C ARG D 335 -39.79 6.69 -3.76
N THR D 336 -39.38 6.80 -5.01
CA THR D 336 -38.32 7.71 -5.38
C THR D 336 -38.87 9.14 -5.38
N VAL D 337 -38.24 10.02 -4.62
CA VAL D 337 -38.69 11.41 -4.56
C VAL D 337 -37.85 12.24 -5.50
N LYS D 338 -38.51 13.05 -6.31
CA LYS D 338 -37.85 13.90 -7.28
C LYS D 338 -37.63 15.29 -6.71
N LEU D 339 -36.46 15.85 -7.00
CA LEU D 339 -36.06 17.17 -6.54
C LEU D 339 -35.71 18.06 -7.72
N ARG E 5 -3.60 45.83 -18.70
CA ARG E 5 -3.05 46.01 -20.04
C ARG E 5 -3.11 44.72 -20.85
N LYS E 6 -3.94 44.71 -21.89
CA LYS E 6 -4.15 43.51 -22.69
C LYS E 6 -3.87 43.74 -24.18
N LEU E 7 -3.08 42.85 -24.78
CA LEU E 7 -2.84 42.90 -26.22
C LEU E 7 -3.93 42.13 -26.94
N GLY E 8 -4.25 42.58 -28.15
CA GLY E 8 -5.32 41.95 -28.93
C GLY E 8 -4.84 40.83 -29.83
N TYR E 9 -5.47 39.67 -29.69
CA TYR E 9 -5.24 38.54 -30.59
C TYR E 9 -6.22 38.50 -31.73
N ALA E 10 -5.71 38.23 -32.92
CA ALA E 10 -6.54 37.80 -34.03
C ALA E 10 -6.38 36.30 -34.18
N ILE E 11 -7.47 35.55 -34.08
CA ILE E 11 -7.40 34.11 -34.25
C ILE E 11 -7.64 33.75 -35.71
N LEU E 12 -6.68 33.06 -36.32
CA LEU E 12 -6.76 32.74 -37.75
C LEU E 12 -6.87 31.22 -37.96
N GLY E 13 -7.98 30.81 -38.56
CA GLY E 13 -8.26 29.40 -38.78
C GLY E 13 -9.16 28.88 -37.67
N LEU E 14 -10.47 28.96 -37.87
CA LEU E 14 -11.40 28.69 -36.80
C LEU E 14 -11.81 27.23 -36.82
N GLY E 15 -10.83 26.36 -36.58
CA GLY E 15 -11.06 24.94 -36.50
C GLY E 15 -11.23 24.46 -35.08
N TYR E 16 -10.97 23.16 -34.86
CA TYR E 16 -11.19 22.56 -33.56
C TYR E 16 -10.34 23.21 -32.47
N TYR E 17 -9.03 23.31 -32.69
CA TYR E 17 -8.17 23.82 -31.62
C TYR E 17 -8.47 25.27 -31.31
N ALA E 18 -8.62 26.10 -32.35
CA ALA E 18 -8.96 27.50 -32.17
C ALA E 18 -10.27 27.68 -31.37
N THR E 19 -11.32 26.98 -31.76
CA THR E 19 -12.64 27.31 -31.23
C THR E 19 -13.03 26.51 -29.99
N ARG E 20 -12.58 25.27 -29.88
CA ARG E 20 -12.92 24.44 -28.73
C ARG E 20 -11.95 24.66 -27.58
N ILE E 21 -10.69 24.93 -27.88
CA ILE E 21 -9.68 24.93 -26.84
C ILE E 21 -9.14 26.31 -26.53
N ILE E 22 -8.72 27.05 -27.54
CA ILE E 22 -8.00 28.30 -27.30
C ILE E 22 -8.91 29.48 -26.94
N MET E 23 -9.91 29.72 -27.76
CA MET E 23 -10.73 30.92 -27.61
C MET E 23 -11.46 30.98 -26.26
N PRO E 24 -11.93 29.83 -25.72
CA PRO E 24 -12.50 29.95 -24.37
C PRO E 24 -11.49 30.37 -23.29
N ARG E 25 -10.20 30.18 -23.55
CA ARG E 25 -9.21 30.40 -22.50
C ARG E 25 -8.75 31.86 -22.43
N PHE E 26 -9.28 32.72 -23.28
CA PHE E 26 -8.98 34.14 -23.12
C PHE E 26 -9.56 34.63 -21.77
N ALA E 27 -10.58 33.94 -21.28
CA ALA E 27 -11.22 34.27 -20.00
C ALA E 27 -10.22 34.42 -18.85
N GLU E 28 -9.23 33.53 -18.78
CA GLU E 28 -8.30 33.57 -17.65
C GLU E 28 -7.03 34.37 -17.95
N CYS E 29 -6.94 34.98 -19.13
CA CYS E 29 -5.77 35.78 -19.45
C CYS E 29 -5.74 37.10 -18.70
N GLU E 30 -4.54 37.56 -18.35
CA GLU E 30 -4.40 38.85 -17.69
C GLU E 30 -3.81 39.91 -18.61
N HIS E 31 -3.27 39.49 -19.76
CA HIS E 31 -2.62 40.44 -20.65
C HIS E 31 -2.96 40.20 -22.11
N SER E 32 -4.02 39.43 -22.35
CA SER E 32 -4.41 39.08 -23.70
C SER E 32 -5.93 39.14 -23.82
N ARG E 33 -6.41 39.59 -24.98
CA ARG E 33 -7.84 39.60 -25.24
C ARG E 33 -8.11 39.22 -26.69
N LEU E 34 -9.27 38.61 -26.91
CA LEU E 34 -9.68 38.27 -28.26
C LEU E 34 -10.16 39.52 -28.99
N ALA E 35 -9.45 39.89 -30.06
CA ALA E 35 -9.73 41.15 -30.75
C ALA E 35 -10.26 40.97 -32.18
N ALA E 36 -9.93 39.86 -32.84
CA ALA E 36 -10.35 39.68 -34.23
C ALA E 36 -10.42 38.23 -34.65
N LEU E 37 -11.17 37.97 -35.71
CA LEU E 37 -11.32 36.62 -36.27
C LEU E 37 -10.96 36.58 -37.76
N VAL E 38 -10.17 35.59 -38.15
CA VAL E 38 -9.79 35.43 -39.56
C VAL E 38 -10.17 34.02 -40.01
N SER E 39 -11.01 33.92 -41.03
CA SER E 39 -11.57 32.63 -41.41
C SER E 39 -11.92 32.54 -42.88
N GLY E 40 -11.76 31.36 -43.46
CA GLY E 40 -12.19 31.12 -44.84
C GLY E 40 -13.63 30.65 -44.94
N THR E 41 -14.33 30.63 -43.80
CA THR E 41 -15.71 30.16 -43.74
C THR E 41 -16.59 31.28 -43.17
N PRO E 42 -17.36 31.96 -44.04
CA PRO E 42 -18.16 33.12 -43.63
C PRO E 42 -19.09 32.83 -42.45
N GLU E 43 -19.73 31.66 -42.43
CA GLU E 43 -20.67 31.34 -41.37
C GLU E 43 -19.99 31.25 -40.02
N LYS E 44 -18.71 30.87 -40.01
CA LYS E 44 -17.93 30.82 -38.78
C LYS E 44 -17.63 32.22 -38.26
N LEU E 45 -17.35 33.15 -39.18
CA LEU E 45 -17.11 34.53 -38.79
C LEU E 45 -18.35 35.11 -38.10
N LYS E 46 -19.52 34.73 -38.59
CA LYS E 46 -20.77 35.20 -38.02
C LYS E 46 -21.06 34.53 -36.67
N THR E 47 -20.92 33.21 -36.63
CA THR E 47 -21.21 32.46 -35.40
C THR E 47 -20.28 32.86 -34.25
N TYR E 48 -18.97 32.83 -34.48
CA TYR E 48 -18.03 33.14 -33.42
C TYR E 48 -17.92 34.64 -33.19
N GLY E 49 -18.13 35.42 -34.24
CA GLY E 49 -18.14 36.87 -34.11
C GLY E 49 -19.27 37.31 -33.18
N GLU E 50 -20.43 36.69 -33.34
CA GLU E 50 -21.57 36.98 -32.48
C GLU E 50 -21.38 36.44 -31.07
N GLN E 51 -20.85 35.22 -30.95
CA GLN E 51 -20.62 34.63 -29.64
C GLN E 51 -19.63 35.44 -28.80
N TYR E 52 -18.54 35.88 -29.42
CA TYR E 52 -17.49 36.56 -28.67
C TYR E 52 -17.57 38.09 -28.74
N GLY E 53 -18.63 38.60 -29.35
CA GLY E 53 -18.81 40.04 -29.44
C GLY E 53 -17.72 40.70 -30.27
N ILE E 54 -17.36 40.05 -31.37
CA ILE E 54 -16.40 40.63 -32.30
C ILE E 54 -17.15 41.31 -33.46
N PRO E 55 -17.00 42.64 -33.58
CA PRO E 55 -17.71 43.42 -34.60
C PRO E 55 -17.28 43.05 -36.01
N GLU E 56 -18.14 43.30 -36.99
CA GLU E 56 -17.86 42.96 -38.39
C GLU E 56 -16.59 43.62 -38.89
N THR E 57 -16.24 44.77 -38.33
CA THR E 57 -15.01 45.46 -38.68
C THR E 57 -13.77 44.64 -38.31
N HIS E 58 -13.93 43.72 -37.36
CA HIS E 58 -12.79 42.96 -36.85
C HIS E 58 -12.86 41.50 -37.30
N ARG E 59 -13.66 41.25 -38.32
CA ARG E 59 -13.77 39.94 -38.95
C ARG E 59 -13.13 39.96 -40.34
N TYR E 60 -12.25 39.01 -40.62
CA TYR E 60 -11.55 38.97 -41.89
C TYR E 60 -11.66 37.61 -42.55
N SER E 61 -11.71 37.61 -43.88
CA SER E 61 -11.56 36.38 -44.65
C SER E 61 -10.07 36.20 -44.94
N TYR E 62 -9.69 35.10 -45.57
CA TYR E 62 -8.31 34.95 -45.98
C TYR E 62 -7.99 35.94 -47.10
N GLU E 63 -9.01 36.30 -47.87
CA GLU E 63 -8.88 37.28 -48.95
C GLU E 63 -8.60 38.69 -48.42
N THR E 64 -9.25 39.06 -47.32
CA THR E 64 -9.08 40.41 -46.80
C THR E 64 -8.11 40.49 -45.63
N PHE E 65 -7.51 39.36 -45.25
CA PHE E 65 -6.65 39.30 -44.07
C PHE E 65 -5.56 40.37 -44.06
N ASP E 66 -4.96 40.68 -45.20
CA ASP E 66 -3.84 41.61 -45.21
C ASP E 66 -4.25 43.02 -44.78
N ARG E 67 -5.54 43.33 -44.91
CA ARG E 67 -6.05 44.62 -44.45
C ARG E 67 -5.89 44.83 -42.94
N ILE E 68 -5.58 43.76 -42.22
CA ILE E 68 -5.46 43.80 -40.77
C ILE E 68 -4.32 44.71 -40.33
N ILE E 69 -3.42 45.03 -41.26
CA ILE E 69 -2.38 46.03 -40.99
C ILE E 69 -2.98 47.34 -40.46
N ASP E 70 -4.22 47.64 -40.86
CA ASP E 70 -4.86 48.90 -40.48
C ASP E 70 -5.78 48.77 -39.25
N ASN E 71 -5.67 47.67 -38.52
CA ASN E 71 -6.45 47.48 -37.31
C ASN E 71 -5.52 47.53 -36.10
N PRO E 72 -5.51 48.66 -35.38
CA PRO E 72 -4.62 48.84 -34.23
C PRO E 72 -5.05 48.02 -33.00
N ASP E 73 -6.26 47.45 -33.03
CA ASP E 73 -6.72 46.59 -31.93
C ASP E 73 -6.03 45.22 -31.99
N VAL E 74 -5.44 44.90 -33.14
CA VAL E 74 -4.76 43.62 -33.32
C VAL E 74 -3.25 43.77 -33.16
N ASP E 75 -2.70 43.12 -32.13
CA ASP E 75 -1.25 43.13 -31.91
C ASP E 75 -0.62 41.81 -32.35
N ILE E 76 -1.40 40.75 -32.24
CA ILE E 76 -0.90 39.38 -32.44
C ILE E 76 -1.84 38.63 -33.36
N VAL E 77 -1.27 37.88 -34.30
CA VAL E 77 -2.07 36.93 -35.07
C VAL E 77 -1.63 35.53 -34.64
N TYR E 78 -2.60 34.71 -34.29
CA TYR E 78 -2.38 33.33 -33.85
C TYR E 78 -2.81 32.43 -35.00
N VAL E 79 -1.83 31.85 -35.69
CA VAL E 79 -2.10 30.99 -36.84
C VAL E 79 -2.41 29.56 -36.40
N ILE E 80 -3.64 29.10 -36.63
CA ILE E 80 -4.08 27.77 -36.20
C ILE E 80 -4.68 27.00 -37.37
N THR E 81 -3.92 26.90 -38.46
CA THR E 81 -4.32 26.25 -39.70
C THR E 81 -3.61 24.91 -39.86
N PRO E 82 -3.99 24.14 -40.90
CA PRO E 82 -3.11 23.01 -41.27
C PRO E 82 -1.66 23.46 -41.43
N ASN E 83 -0.73 22.53 -41.19
CA ASN E 83 0.70 22.84 -41.10
C ASN E 83 1.30 23.56 -42.31
N SER E 84 0.88 23.15 -43.50
CA SER E 84 1.45 23.69 -44.74
C SER E 84 1.11 25.18 -44.92
N LEU E 85 0.16 25.66 -44.14
CA LEU E 85 -0.32 27.03 -44.25
C LEU E 85 0.27 27.93 -43.17
N HIS E 86 1.04 27.34 -42.25
CA HIS E 86 1.68 28.14 -41.20
C HIS E 86 2.60 29.19 -41.79
N ARG E 87 3.47 28.80 -42.72
CA ARG E 87 4.42 29.74 -43.26
C ARG E 87 3.74 30.93 -43.97
N PRO E 88 2.85 30.68 -44.97
CA PRO E 88 2.33 31.89 -45.63
C PRO E 88 1.48 32.80 -44.74
N PHE E 89 0.69 32.26 -43.82
CA PHE E 89 -0.08 33.18 -42.96
C PHE E 89 0.82 33.89 -41.97
N THR E 90 1.88 33.23 -41.48
CA THR E 90 2.84 33.88 -40.60
C THR E 90 3.54 35.06 -41.31
N GLU E 91 3.94 34.82 -42.55
CA GLU E 91 4.65 35.84 -43.33
C GLU E 91 3.75 37.03 -43.61
N ARG E 92 2.51 36.75 -44.02
CA ARG E 92 1.52 37.78 -44.28
C ARG E 92 1.19 38.55 -43.00
N ALA E 93 1.04 37.82 -41.89
CA ALA E 93 0.84 38.46 -40.59
C ALA E 93 1.98 39.41 -40.25
N ALA E 94 3.21 38.95 -40.42
CA ALA E 94 4.39 39.75 -40.14
C ALA E 94 4.42 41.03 -41.01
N ARG E 95 4.06 40.87 -42.28
CA ARG E 95 4.07 42.02 -43.20
C ARG E 95 2.95 43.00 -42.86
N ALA E 96 1.95 42.51 -42.12
CA ALA E 96 0.88 43.36 -41.60
C ALA E 96 1.27 44.05 -40.29
N GLY E 97 2.54 43.90 -39.91
CA GLY E 97 3.04 44.54 -38.70
C GLY E 97 2.56 43.87 -37.41
N LYS E 98 2.14 42.61 -37.50
CA LYS E 98 1.65 41.90 -36.31
C LYS E 98 2.68 40.92 -35.76
N HIS E 99 2.70 40.76 -34.45
CA HIS E 99 3.43 39.66 -33.84
C HIS E 99 2.67 38.37 -34.15
N VAL E 100 3.36 37.23 -34.07
CA VAL E 100 2.75 35.97 -34.48
C VAL E 100 2.91 34.89 -33.42
N MET E 101 1.78 34.29 -33.05
CA MET E 101 1.79 33.00 -32.37
C MET E 101 1.49 31.95 -33.45
N CYS E 102 2.35 30.97 -33.61
CA CYS E 102 2.11 29.96 -34.64
C CYS E 102 2.01 28.58 -33.98
N GLU E 103 0.99 27.80 -34.35
CA GLU E 103 0.84 26.47 -33.76
C GLU E 103 1.97 25.55 -34.22
N LYS E 104 2.25 24.49 -33.45
CA LYS E 104 3.17 23.45 -33.89
C LYS E 104 2.45 22.49 -34.86
N PRO E 105 3.21 21.75 -35.68
CA PRO E 105 4.64 21.95 -35.94
C PRO E 105 4.81 23.27 -36.67
N MET E 106 5.91 23.97 -36.45
CA MET E 106 6.09 25.32 -36.99
C MET E 106 5.80 25.38 -38.49
N ALA E 107 6.42 24.48 -39.25
CA ALA E 107 6.22 24.40 -40.70
C ALA E 107 6.67 23.03 -41.19
N ASN E 108 6.55 22.77 -42.49
CA ASN E 108 6.90 21.47 -43.08
C ASN E 108 8.40 21.16 -43.06
N THR E 109 9.22 22.19 -43.17
CA THR E 109 10.66 22.00 -43.37
C THR E 109 11.48 23.00 -42.60
N VAL E 110 12.76 22.73 -42.45
CA VAL E 110 13.72 23.67 -41.88
C VAL E 110 13.72 25.00 -42.66
N ALA E 111 13.79 24.89 -43.99
CA ALA E 111 13.84 26.07 -44.85
C ALA E 111 12.63 26.98 -44.60
N ASP E 112 11.45 26.38 -44.47
CA ASP E 112 10.23 27.15 -44.22
C ASP E 112 10.27 27.84 -42.85
N CYS E 113 10.76 27.15 -41.83
CA CYS E 113 10.93 27.78 -40.51
C CYS E 113 11.89 28.97 -40.60
N GLU E 114 12.98 28.79 -41.35
CA GLU E 114 13.96 29.86 -41.51
C GLU E 114 13.31 31.06 -42.19
N ALA E 115 12.44 30.81 -43.17
CA ALA E 115 11.77 31.90 -43.88
C ALA E 115 10.82 32.64 -42.96
N MET E 116 10.13 31.91 -42.10
CA MET E 116 9.20 32.52 -41.14
C MET E 116 9.94 33.38 -40.14
N ILE E 117 11.04 32.85 -39.61
CA ILE E 117 11.89 33.58 -38.68
C ILE E 117 12.43 34.87 -39.32
N ALA E 118 12.90 34.78 -40.56
CA ALA E 118 13.41 35.96 -41.27
C ALA E 118 12.33 37.00 -41.49
N ALA E 119 11.11 36.56 -41.81
CA ALA E 119 10.03 37.50 -42.08
C ALA E 119 9.65 38.29 -40.82
N CYS E 120 9.60 37.60 -39.70
CA CYS E 120 9.26 38.26 -38.45
C CYS E 120 10.38 39.18 -37.99
N LYS E 121 11.62 38.76 -38.19
CA LYS E 121 12.77 39.58 -37.84
C LYS E 121 12.80 40.86 -38.67
N LYS E 122 12.48 40.72 -39.96
CA LYS E 122 12.41 41.85 -40.89
C LYS E 122 11.33 42.85 -40.47
N ALA E 123 10.20 42.31 -40.01
CA ALA E 123 9.08 43.13 -39.53
C ALA E 123 9.35 43.76 -38.16
N GLY E 124 10.41 43.31 -37.51
CA GLY E 124 10.65 43.70 -36.13
C GLY E 124 9.52 43.24 -35.23
N ARG E 125 8.99 42.04 -35.50
CA ARG E 125 7.88 41.50 -34.70
C ARG E 125 8.29 40.16 -34.08
N LYS E 126 7.71 39.84 -32.94
CA LYS E 126 8.06 38.61 -32.24
C LYS E 126 7.33 37.42 -32.83
N LEU E 127 7.96 36.25 -32.71
CA LEU E 127 7.37 35.00 -33.19
C LEU E 127 7.52 33.95 -32.09
N MET E 128 6.40 33.30 -31.78
CA MET E 128 6.37 32.29 -30.74
C MET E 128 5.63 31.07 -31.26
N ILE E 129 6.08 29.87 -30.88
CA ILE E 129 5.43 28.65 -31.32
C ILE E 129 4.59 28.06 -30.19
N GLY E 130 3.47 27.45 -30.53
CA GLY E 130 2.49 27.03 -29.54
C GLY E 130 2.84 25.78 -28.73
N TYR E 131 4.00 25.80 -28.08
CA TYR E 131 4.41 24.69 -27.23
C TYR E 131 3.86 24.89 -25.81
N ARG E 132 2.57 24.65 -25.66
CA ARG E 132 1.85 24.99 -24.43
C ARG E 132 2.39 24.24 -23.19
N SER E 133 3.00 23.07 -23.42
CA SER E 133 3.46 22.23 -22.32
C SER E 133 4.51 22.95 -21.49
N ARG E 134 5.18 23.92 -22.07
CA ARG E 134 6.18 24.66 -21.33
C ARG E 134 5.53 25.56 -20.26
N PHE E 135 4.20 25.64 -20.29
CA PHE E 135 3.45 26.46 -19.34
C PHE E 135 2.55 25.62 -18.45
N GLN E 136 2.70 24.32 -18.57
CA GLN E 136 1.85 23.37 -17.86
C GLN E 136 2.54 22.94 -16.55
N ALA E 137 1.81 22.92 -15.44
CA ALA E 137 2.44 22.82 -14.12
C ALA E 137 3.35 21.60 -13.95
N HIS E 138 2.87 20.43 -14.38
CA HIS E 138 3.61 19.18 -14.18
C HIS E 138 4.89 19.18 -15.03
N ASN E 139 4.80 19.72 -16.24
CA ASN E 139 5.98 19.81 -17.10
C ASN E 139 7.02 20.75 -16.51
N ILE E 140 6.56 21.89 -16.02
CA ILE E 140 7.47 22.84 -15.38
C ILE E 140 8.17 22.20 -14.18
N GLU E 141 7.42 21.38 -13.45
CA GLU E 141 7.97 20.69 -12.28
C GLU E 141 9.03 19.67 -12.68
N ALA E 142 8.78 18.92 -13.74
CA ALA E 142 9.78 17.94 -14.20
C ALA E 142 11.08 18.66 -14.60
N ILE E 143 10.95 19.76 -15.32
CA ILE E 143 12.13 20.53 -15.74
C ILE E 143 12.88 21.03 -14.50
N LYS E 144 12.13 21.49 -13.50
CA LYS E 144 12.73 21.99 -12.27
C LYS E 144 13.51 20.89 -11.54
N LEU E 145 12.92 19.70 -11.45
CA LEU E 145 13.59 18.57 -10.80
C LEU E 145 14.93 18.27 -11.49
N VAL E 146 14.92 18.25 -12.81
CA VAL E 146 16.15 18.06 -13.56
C VAL E 146 17.16 19.18 -13.28
N ARG E 147 16.71 20.42 -13.43
CA ARG E 147 17.56 21.60 -13.24
C ARG E 147 18.16 21.67 -11.84
N ASP E 148 17.37 21.28 -10.85
CA ASP E 148 17.81 21.37 -9.46
C ASP E 148 18.69 20.20 -9.05
N GLY E 149 18.89 19.25 -9.96
CA GLY E 149 19.80 18.14 -9.71
C GLY E 149 19.19 16.96 -8.96
N ALA E 150 17.87 16.90 -8.89
CA ALA E 150 17.18 15.87 -8.11
C ALA E 150 17.42 14.47 -8.69
N LEU E 151 17.71 14.42 -9.99
CA LEU E 151 17.93 13.14 -10.67
C LEU E 151 19.40 12.83 -10.89
N GLY E 152 20.26 13.80 -10.65
CA GLY E 152 21.62 13.76 -11.15
C GLY E 152 21.57 14.07 -12.64
N PRO E 153 22.67 13.81 -13.36
CA PRO E 153 22.69 14.06 -14.82
C PRO E 153 21.63 13.26 -15.55
N VAL E 154 20.94 13.85 -16.52
CA VAL E 154 19.94 13.08 -17.27
C VAL E 154 20.63 11.99 -18.09
N ARG E 155 20.18 10.75 -17.89
CA ARG E 155 20.74 9.62 -18.63
C ARG E 155 19.76 9.14 -19.70
N THR E 156 18.49 9.02 -19.34
CA THR E 156 17.48 8.57 -20.30
C THR E 156 16.23 9.40 -20.25
N VAL E 157 15.62 9.59 -21.43
CA VAL E 157 14.27 10.10 -21.56
C VAL E 157 13.52 9.11 -22.42
N VAL E 158 12.45 8.57 -21.89
CA VAL E 158 11.64 7.62 -22.62
C VAL E 158 10.27 8.24 -22.72
N THR E 159 9.85 8.52 -23.95
CA THR E 159 8.64 9.30 -24.14
C THR E 159 7.85 8.80 -25.35
N ASP E 160 6.55 8.61 -25.15
CA ASP E 160 5.65 8.07 -26.18
C ASP E 160 4.47 9.01 -26.40
N HIS E 161 4.27 9.41 -27.66
CA HIS E 161 3.09 10.19 -28.01
C HIS E 161 2.41 9.62 -29.24
N GLY E 162 1.11 9.39 -29.13
CA GLY E 162 0.36 8.88 -30.24
C GLY E 162 -1.12 8.89 -29.92
N PHE E 163 -1.94 8.82 -30.96
CA PHE E 163 -3.36 8.56 -30.79
C PHE E 163 -3.84 7.82 -32.01
N THR E 164 -4.94 7.09 -31.84
CA THR E 164 -5.54 6.32 -32.94
C THR E 164 -6.34 7.27 -33.81
N ILE E 165 -5.73 7.74 -34.89
CA ILE E 165 -6.35 8.75 -35.73
C ILE E 165 -7.50 8.10 -36.52
N GLY E 166 -8.51 8.89 -36.87
CA GLY E 166 -9.73 8.34 -37.45
C GLY E 166 -9.92 8.57 -38.94
N ASP E 167 -10.69 9.60 -39.28
CA ASP E 167 -11.12 9.88 -40.65
C ASP E 167 -9.94 9.99 -41.63
N PRO E 168 -9.88 9.09 -42.62
CA PRO E 168 -8.82 9.12 -43.63
C PRO E 168 -8.79 10.41 -44.46
N LYS E 169 -9.90 11.16 -44.50
CA LYS E 169 -10.00 12.32 -45.38
C LYS E 169 -9.51 13.63 -44.77
N GLN E 170 -9.18 13.60 -43.48
CA GLN E 170 -8.82 14.83 -42.77
C GLN E 170 -7.44 15.31 -43.20
N TRP E 171 -7.16 16.61 -43.06
CA TRP E 171 -5.93 17.17 -43.60
C TRP E 171 -4.64 16.58 -43.00
N ARG E 172 -4.71 16.09 -41.76
CA ARG E 172 -3.53 15.48 -41.12
C ARG E 172 -3.01 14.26 -41.89
N LEU E 173 -3.88 13.63 -42.68
CA LEU E 173 -3.50 12.43 -43.42
C LEU E 173 -3.30 12.74 -44.91
N ASN E 174 -3.21 14.03 -45.19
CA ASN E 174 -2.97 14.54 -46.54
C ASN E 174 -1.60 15.21 -46.58
N ARG E 175 -0.64 14.65 -47.33
CA ARG E 175 0.72 15.17 -47.27
C ARG E 175 0.81 16.67 -47.63
N ALA E 176 0.05 17.10 -48.64
CA ALA E 176 0.15 18.48 -49.10
C ALA E 176 -0.24 19.49 -48.01
N LEU E 177 -1.15 19.10 -47.12
CA LEU E 177 -1.58 19.99 -46.05
C LEU E 177 -0.87 19.74 -44.72
N ALA E 178 -0.46 18.51 -44.47
CA ALA E 178 0.11 18.14 -43.18
C ALA E 178 1.64 18.21 -43.16
N GLY E 179 2.26 17.94 -44.31
CA GLY E 179 3.71 17.95 -44.40
C GLY E 179 4.39 16.68 -43.91
N GLY E 180 3.61 15.78 -43.32
CA GLY E 180 4.14 14.54 -42.77
C GLY E 180 3.10 13.94 -41.86
N GLY E 181 3.35 12.75 -41.33
CA GLY E 181 2.36 12.04 -40.54
C GLY E 181 2.46 12.25 -39.04
N SER E 182 2.45 11.16 -38.29
CA SER E 182 2.36 11.25 -36.83
C SER E 182 3.48 12.10 -36.23
N LEU E 183 4.67 12.05 -36.84
CA LEU E 183 5.80 12.80 -36.28
C LEU E 183 5.53 14.32 -36.31
N MET E 184 4.87 14.79 -37.36
CA MET E 184 4.60 16.22 -37.48
C MET E 184 3.57 16.66 -36.44
N ASP E 185 2.60 15.79 -36.19
CA ASP E 185 1.42 16.18 -35.42
C ASP E 185 1.54 15.85 -33.94
N ILE E 186 2.07 14.69 -33.60
CA ILE E 186 2.00 14.25 -32.21
C ILE E 186 3.35 13.74 -31.71
N GLY E 187 4.11 13.12 -32.61
CA GLY E 187 5.46 12.71 -32.24
C GLY E 187 6.35 13.87 -31.89
N ILE E 188 6.02 15.05 -32.41
CA ILE E 188 6.79 16.24 -32.09
C ILE E 188 6.80 16.51 -30.58
N TYR E 189 5.75 16.11 -29.85
CA TYR E 189 5.77 16.28 -28.38
C TYR E 189 6.87 15.46 -27.72
N SER E 190 7.11 14.25 -28.25
CA SER E 190 8.17 13.42 -27.71
C SER E 190 9.51 14.11 -27.90
N LEU E 191 9.70 14.63 -29.11
CA LEU E 191 10.93 15.32 -29.46
C LEU E 191 11.12 16.59 -28.63
N ASN E 192 10.07 17.41 -28.56
CA ASN E 192 10.15 18.66 -27.85
C ASN E 192 10.45 18.41 -26.36
N ALA E 193 9.79 17.40 -25.78
CA ALA E 193 10.06 17.02 -24.39
C ALA E 193 11.49 16.53 -24.19
N ALA E 194 11.99 15.67 -25.08
CA ALA E 194 13.37 15.22 -24.93
C ALA E 194 14.34 16.41 -24.88
N ARG E 195 14.07 17.40 -25.72
CA ARG E 195 14.86 18.61 -25.76
C ARG E 195 14.71 19.49 -24.49
N TYR E 196 13.49 19.74 -24.02
CA TYR E 196 13.39 20.61 -22.83
C TYR E 196 13.68 19.89 -21.51
N LEU E 197 13.58 18.57 -21.47
CA LEU E 197 13.96 17.84 -20.25
C LEU E 197 15.48 17.78 -20.10
N THR E 198 16.18 17.56 -21.21
CA THR E 198 17.64 17.57 -21.17
C THR E 198 18.20 18.98 -21.19
N GLY E 199 17.45 19.90 -21.81
CA GLY E 199 17.96 21.24 -22.05
C GLY E 199 19.06 21.23 -23.09
N GLU E 200 19.10 20.18 -23.91
CA GLU E 200 20.14 19.98 -24.92
C GLU E 200 19.58 19.76 -26.33
N GLU E 201 20.45 19.80 -27.33
CA GLU E 201 20.08 19.51 -28.70
C GLU E 201 20.78 18.22 -29.15
N PRO E 202 20.06 17.35 -29.87
CA PRO E 202 20.57 16.04 -30.28
C PRO E 202 21.77 16.13 -31.22
N VAL E 203 22.73 15.21 -31.09
CA VAL E 203 23.86 15.17 -32.02
C VAL E 203 23.81 13.93 -32.91
N ALA E 204 22.95 12.98 -32.55
CA ALA E 204 22.79 11.78 -33.37
C ALA E 204 21.36 11.27 -33.26
N VAL E 205 20.88 10.72 -34.37
CA VAL E 205 19.49 10.31 -34.51
C VAL E 205 19.40 8.95 -35.19
N ASN E 206 18.69 8.01 -34.56
CA ASN E 206 18.24 6.77 -35.19
C ASN E 206 16.74 6.78 -35.37
N ALA E 207 16.24 6.06 -36.37
CA ALA E 207 14.79 5.93 -36.50
C ALA E 207 14.35 4.69 -37.25
N VAL E 208 13.13 4.27 -36.93
CA VAL E 208 12.47 3.14 -37.54
C VAL E 208 11.02 3.52 -37.86
N GLU E 209 10.58 3.27 -39.09
CA GLU E 209 9.20 3.55 -39.46
C GLU E 209 8.40 2.27 -39.65
N SER E 210 7.12 2.30 -39.31
CA SER E 210 6.25 1.17 -39.55
C SER E 210 4.86 1.67 -39.93
N THR E 211 4.49 1.48 -41.19
CA THR E 211 3.24 2.01 -41.69
C THR E 211 2.60 0.98 -42.62
N ASP E 212 1.34 0.66 -42.37
CA ASP E 212 0.57 -0.21 -43.24
C ASP E 212 -0.07 0.63 -44.33
N ARG E 213 0.54 0.59 -45.51
CA ARG E 213 0.08 1.38 -46.65
C ARG E 213 -1.25 0.88 -47.25
N SER E 214 -1.74 -0.26 -46.78
CA SER E 214 -3.04 -0.74 -47.23
C SER E 214 -4.14 -0.18 -46.32
N ASP E 215 -3.74 0.42 -45.20
CA ASP E 215 -4.69 1.10 -44.33
C ASP E 215 -5.16 2.37 -45.03
N PRO E 216 -6.49 2.57 -45.13
CA PRO E 216 -7.03 3.76 -45.79
C PRO E 216 -6.49 5.07 -45.24
N ARG E 217 -6.01 5.07 -44.00
CA ARG E 217 -5.50 6.27 -43.38
C ARG E 217 -4.10 6.68 -43.85
N PHE E 218 -3.33 5.71 -44.34
CA PHE E 218 -1.89 5.92 -44.44
C PHE E 218 -1.36 5.76 -45.86
N GLY E 219 -2.10 6.26 -46.83
CA GLY E 219 -1.64 6.24 -48.20
C GLY E 219 -0.56 7.28 -48.46
N GLU E 220 -0.55 8.36 -47.67
CA GLU E 220 0.34 9.47 -47.97
C GLU E 220 1.36 9.78 -46.86
N VAL E 221 1.03 9.51 -45.60
CA VAL E 221 1.92 9.91 -44.51
C VAL E 221 2.16 8.76 -43.53
N GLU E 222 3.14 8.89 -42.65
CA GLU E 222 3.55 7.74 -41.83
C GLU E 222 2.65 7.55 -40.62
N ASP E 223 2.56 6.29 -40.17
CA ASP E 223 1.83 5.93 -38.97
C ASP E 223 2.81 5.97 -37.78
N ILE E 224 3.61 4.93 -37.64
CA ILE E 224 4.58 4.88 -36.55
C ILE E 224 5.97 5.26 -37.05
N ILE E 225 6.61 6.19 -36.35
CA ILE E 225 8.03 6.39 -36.58
C ILE E 225 8.68 6.64 -35.23
N ASN E 226 9.46 5.65 -34.80
CA ASN E 226 10.12 5.75 -33.51
C ASN E 226 11.57 6.19 -33.67
N PHE E 227 12.09 6.94 -32.71
CA PHE E 227 13.42 7.46 -32.92
C PHE E 227 14.23 7.49 -31.64
N GLN E 228 15.54 7.47 -31.83
CA GLN E 228 16.50 7.59 -30.73
C GLN E 228 17.30 8.85 -30.85
N LEU E 229 17.59 9.48 -29.73
CA LEU E 229 18.40 10.70 -29.73
C LEU E 229 19.56 10.51 -28.79
N LEU E 230 20.72 11.00 -29.21
CA LEU E 230 21.88 11.10 -28.34
C LEU E 230 22.21 12.59 -28.17
N PHE E 231 22.49 13.02 -26.95
CA PHE E 231 22.81 14.41 -26.66
C PHE E 231 24.27 14.52 -26.25
N PRO E 232 24.86 15.74 -26.36
CA PRO E 232 26.27 15.97 -26.05
C PRO E 232 26.69 15.51 -24.65
N SER E 233 25.80 15.62 -23.67
CA SER E 233 26.14 15.22 -22.30
C SER E 233 26.25 13.71 -22.15
N GLY E 234 25.76 12.98 -23.13
CA GLY E 234 25.65 11.54 -23.03
C GLY E 234 24.21 11.13 -22.77
N ALA E 235 23.35 12.10 -22.49
CA ALA E 235 21.94 11.80 -22.27
C ALA E 235 21.37 11.15 -23.53
N THR E 236 20.40 10.26 -23.34
CA THR E 236 19.79 9.54 -24.46
C THR E 236 18.29 9.68 -24.39
N ALA E 237 17.64 9.54 -25.55
CA ALA E 237 16.18 9.45 -25.57
C ALA E 237 15.68 8.37 -26.50
N ASN E 238 14.65 7.65 -26.04
CA ASN E 238 13.88 6.71 -26.85
C ASN E 238 12.50 7.28 -26.98
N CYS E 239 12.05 7.50 -28.22
CA CYS E 239 10.78 8.16 -28.45
C CYS E 239 9.84 7.39 -29.39
N VAL E 240 8.54 7.36 -29.04
CA VAL E 240 7.52 6.81 -29.93
C VAL E 240 6.71 7.96 -30.52
N SER E 241 6.40 7.84 -31.81
CA SER E 241 5.42 8.69 -32.50
C SER E 241 4.47 7.76 -33.23
N ALA E 242 3.16 7.91 -33.03
CA ALA E 242 2.22 6.94 -33.60
C ALA E 242 0.85 7.51 -33.93
N TYR E 243 0.27 6.99 -34.98
CA TYR E 243 -1.11 7.29 -35.36
C TYR E 243 -2.01 6.05 -35.18
N SER E 244 -1.48 4.98 -34.60
CA SER E 244 -2.26 3.77 -34.47
C SER E 244 -2.30 3.22 -33.05
N VAL E 245 -1.68 3.93 -32.11
CA VAL E 245 -1.84 3.60 -30.70
C VAL E 245 -2.02 4.86 -29.89
N ASN E 246 -2.56 4.69 -28.69
CA ASN E 246 -2.76 5.79 -27.77
C ASN E 246 -1.68 5.80 -26.70
N CYS E 247 -0.94 6.90 -26.65
CA CYS E 247 0.05 7.11 -25.60
C CYS E 247 0.35 8.58 -25.45
N ASN E 248 0.72 8.96 -24.23
CA ASN E 248 1.07 10.32 -23.96
C ASN E 248 1.82 10.36 -22.63
N ARG E 249 3.14 10.29 -22.69
CA ARG E 249 3.89 10.18 -21.46
C ARG E 249 5.37 10.43 -21.67
N TYR E 250 6.05 10.75 -20.58
CA TYR E 250 7.50 10.62 -20.56
C TYR E 250 8.01 10.29 -19.17
N ARG E 251 9.15 9.61 -19.13
CA ARG E 251 9.92 9.47 -17.92
C ARG E 251 11.33 9.97 -18.16
N VAL E 252 11.83 10.83 -17.28
CA VAL E 252 13.22 11.22 -17.37
C VAL E 252 13.93 10.65 -16.15
N SER E 253 15.08 10.02 -16.39
CA SER E 253 15.80 9.28 -15.36
C SER E 253 17.28 9.67 -15.30
N GLY E 254 17.82 9.71 -14.08
CA GLY E 254 19.24 9.94 -13.86
C GLY E 254 19.65 8.98 -12.75
N PRO E 255 20.93 9.02 -12.35
CA PRO E 255 21.36 8.01 -11.38
C PRO E 255 20.74 8.17 -9.99
N LYS E 256 20.18 9.35 -9.68
CA LYS E 256 19.63 9.58 -8.35
C LYS E 256 18.13 9.36 -8.27
N GLY E 257 17.49 9.21 -9.44
CA GLY E 257 16.10 8.89 -9.47
C GLY E 257 15.47 9.29 -10.80
N TRP E 258 14.15 9.23 -10.84
CA TRP E 258 13.40 9.57 -12.05
C TRP E 258 12.06 10.20 -11.75
N VAL E 259 11.50 10.86 -12.76
CA VAL E 259 10.16 11.42 -12.64
C VAL E 259 9.44 11.19 -13.97
N GLU E 260 8.15 10.88 -13.90
CA GLU E 260 7.35 10.64 -15.09
C GLU E 260 5.99 11.33 -14.99
N ILE E 261 5.41 11.61 -16.14
CA ILE E 261 4.07 12.18 -16.22
C ILE E 261 3.31 11.38 -17.26
N ASP E 262 2.11 10.95 -16.90
CA ASP E 262 1.27 10.14 -17.78
C ASP E 262 -0.19 10.35 -17.35
N PRO E 263 -0.99 11.10 -18.14
CA PRO E 263 -0.59 11.77 -19.41
C PRO E 263 0.32 12.97 -19.17
N ALA E 264 1.20 13.24 -20.13
CA ALA E 264 2.22 14.25 -19.93
C ALA E 264 1.85 15.61 -20.55
N THR E 265 1.34 15.59 -21.78
CA THR E 265 1.17 16.83 -22.54
C THR E 265 -0.25 16.97 -23.07
N SER E 266 -1.19 16.31 -22.41
CA SER E 266 -2.59 16.40 -22.78
C SER E 266 -3.16 17.77 -22.39
N TYR E 267 -4.39 18.04 -22.80
CA TYR E 267 -5.05 19.31 -22.46
C TYR E 267 -5.27 19.43 -20.96
N GLN E 268 -5.55 18.30 -20.33
CA GLN E 268 -5.68 18.24 -18.88
C GLN E 268 -5.47 16.80 -18.45
N GLY E 269 -5.52 16.57 -17.14
CA GLY E 269 -5.43 15.21 -16.62
C GLY E 269 -4.03 14.73 -16.25
N GLN E 270 -3.04 15.61 -16.36
CA GLN E 270 -1.65 15.25 -16.03
C GLN E 270 -1.53 14.62 -14.65
N ALA E 271 -0.74 13.55 -14.56
CA ALA E 271 -0.44 12.92 -13.29
C ALA E 271 1.04 12.58 -13.22
N MET E 272 1.72 13.05 -12.18
CA MET E 272 3.14 12.85 -12.03
C MET E 272 3.47 11.80 -10.97
N ARG E 273 4.46 10.96 -11.26
CA ARG E 273 4.97 10.00 -10.28
C ARG E 273 6.49 10.12 -10.30
N ALA E 274 7.11 10.11 -9.13
CA ALA E 274 8.57 10.29 -9.06
C ALA E 274 9.22 9.23 -8.16
N GLN E 275 10.42 8.84 -8.51
CA GLN E 275 11.17 7.91 -7.68
C GLN E 275 12.43 8.64 -7.24
N LEU E 276 12.40 9.11 -6.00
CA LEU E 276 13.45 9.99 -5.49
C LEU E 276 13.91 9.56 -4.11
N GLY E 277 14.83 8.60 -4.07
CA GLY E 277 15.33 8.11 -2.79
C GLY E 277 14.57 6.89 -2.30
N GLY E 278 13.25 6.94 -2.39
CA GLY E 278 12.44 5.80 -1.98
C GLY E 278 11.58 5.28 -3.13
N PRO E 279 10.61 4.44 -2.80
CA PRO E 279 9.71 3.86 -3.80
C PRO E 279 9.02 4.93 -4.63
N PRO E 280 8.57 4.58 -5.85
CA PRO E 280 7.83 5.56 -6.65
C PRO E 280 6.60 6.07 -5.88
N ALA E 281 6.34 7.37 -5.99
CA ALA E 281 5.25 8.00 -5.25
C ALA E 281 4.68 9.16 -6.06
N PRO E 282 3.38 9.44 -5.86
CA PRO E 282 2.78 10.60 -6.54
C PRO E 282 3.52 11.87 -6.16
N ARG E 283 3.55 12.83 -7.08
CA ARG E 283 4.11 14.13 -6.77
C ARG E 283 3.21 15.20 -7.32
N GLU E 284 2.86 16.15 -6.46
CA GLU E 284 2.08 17.30 -6.88
C GLU E 284 3.01 18.43 -7.25
N PRO E 285 2.83 18.98 -8.46
CA PRO E 285 3.74 20.03 -8.91
C PRO E 285 3.44 21.36 -8.23
N ALA E 286 4.39 22.29 -8.22
CA ALA E 286 4.12 23.64 -7.77
C ALA E 286 2.96 24.21 -8.59
N PRO E 287 1.99 24.84 -7.91
CA PRO E 287 0.84 25.47 -8.57
C PRO E 287 1.27 26.52 -9.57
N GLN E 288 0.53 26.65 -10.66
CA GLN E 288 0.76 27.74 -11.60
C GLN E 288 -0.41 28.72 -11.53
N PRO E 289 -0.15 30.02 -11.75
CA PRO E 289 -1.20 31.05 -11.66
C PRO E 289 -2.37 30.81 -12.61
N LYS E 290 -2.10 30.25 -13.78
CA LYS E 290 -3.20 29.95 -14.70
C LYS E 290 -2.89 28.76 -15.59
N ASN E 291 -3.93 28.26 -16.23
CA ASN E 291 -3.83 27.07 -17.07
C ASN E 291 -2.84 27.30 -18.22
N GLN E 292 -2.36 26.20 -18.79
CA GLN E 292 -1.33 26.24 -19.80
C GLN E 292 -1.70 27.09 -21.04
N PHE E 293 -2.98 27.10 -21.42
CA PHE E 293 -3.39 27.83 -22.63
C PHE E 293 -3.37 29.33 -22.41
N SER E 294 -4.01 29.79 -21.33
CA SER E 294 -3.98 31.20 -20.98
C SER E 294 -2.55 31.67 -20.69
N ALA E 295 -1.78 30.81 -20.03
CA ALA E 295 -0.39 31.14 -19.73
C ALA E 295 0.39 31.33 -21.03
N GLN E 296 0.13 30.45 -22.00
CA GLN E 296 0.80 30.53 -23.31
C GLN E 296 0.48 31.85 -24.00
N LEU E 297 -0.81 32.18 -24.05
CA LEU E 297 -1.27 33.44 -24.66
C LEU E 297 -0.63 34.67 -24.02
N ASP E 298 -0.69 34.73 -22.69
CA ASP E 298 -0.13 35.83 -21.94
C ASP E 298 1.38 35.91 -22.04
N HIS E 299 2.04 34.78 -22.26
CA HIS E 299 3.50 34.81 -22.33
C HIS E 299 3.96 35.66 -23.51
N LEU E 300 3.31 35.51 -24.66
CA LEU E 300 3.70 36.29 -25.84
C LEU E 300 3.38 37.76 -25.60
N SER E 301 2.19 38.02 -25.08
CA SER E 301 1.76 39.38 -24.75
C SER E 301 2.73 40.05 -23.78
N GLU E 302 3.11 39.35 -22.72
CA GLU E 302 4.06 39.90 -21.76
C GLU E 302 5.45 40.10 -22.35
N CYS E 303 5.87 39.20 -23.23
CA CYS E 303 7.14 39.38 -23.92
C CYS E 303 7.14 40.67 -24.74
N ILE E 304 6.02 40.93 -25.41
CA ILE E 304 5.91 42.13 -26.20
C ILE E 304 5.88 43.37 -25.30
N LEU E 305 5.09 43.31 -24.23
CA LEU E 305 4.99 44.45 -23.30
C LEU E 305 6.33 44.78 -22.63
N THR E 306 7.17 43.77 -22.42
CA THR E 306 8.40 43.97 -21.66
C THR E 306 9.68 43.95 -22.50
N GLY E 307 9.55 43.69 -23.79
CA GLY E 307 10.71 43.68 -24.67
C GLY E 307 11.60 42.49 -24.42
N ARG E 308 10.99 41.32 -24.21
CA ARG E 308 11.74 40.10 -23.95
C ARG E 308 11.45 39.06 -25.04
N GLU E 309 12.34 38.08 -25.18
CA GLU E 309 12.12 37.02 -26.17
C GLU E 309 11.35 35.86 -25.55
N PRO E 310 10.36 35.31 -26.28
CA PRO E 310 9.58 34.16 -25.83
C PRO E 310 10.47 33.00 -25.48
N ILE E 311 10.08 32.19 -24.51
CA ILE E 311 10.90 31.02 -24.16
C ILE E 311 10.78 29.95 -25.24
N VAL E 312 9.72 30.02 -26.03
CA VAL E 312 9.56 29.09 -27.14
C VAL E 312 9.41 29.88 -28.45
N GLY E 313 10.47 30.58 -28.82
CA GLY E 313 10.44 31.42 -30.02
C GLY E 313 10.53 30.59 -31.27
N GLY E 314 10.59 31.26 -32.43
CA GLY E 314 10.70 30.56 -33.69
C GLY E 314 11.89 29.60 -33.73
N ASP E 315 12.96 29.96 -33.02
CA ASP E 315 14.15 29.11 -33.08
C ASP E 315 13.90 27.76 -32.41
N ASP E 316 12.95 27.70 -31.51
CA ASP E 316 12.60 26.41 -30.90
C ASP E 316 11.87 25.52 -31.89
N GLY E 317 10.94 26.12 -32.64
CA GLY E 317 10.26 25.41 -33.70
C GLY E 317 11.24 24.91 -34.75
N LEU E 318 12.20 25.76 -35.13
CA LEU E 318 13.23 25.42 -36.11
C LEU E 318 14.05 24.23 -35.64
N LYS E 319 14.45 24.29 -34.37
CA LYS E 319 15.26 23.24 -33.79
C LYS E 319 14.55 21.88 -33.84
N ASP E 320 13.24 21.88 -33.61
CA ASP E 320 12.44 20.65 -33.78
C ASP E 320 12.43 20.19 -35.24
N LEU E 321 12.24 21.11 -36.18
CA LEU E 321 12.20 20.69 -37.58
C LEU E 321 13.56 20.15 -38.04
N ARG E 322 14.65 20.65 -37.48
CA ARG E 322 15.97 20.13 -37.83
C ARG E 322 16.07 18.66 -37.45
N VAL E 323 15.63 18.33 -36.25
CA VAL E 323 15.68 16.94 -35.80
C VAL E 323 14.65 16.09 -36.56
N ILE E 324 13.48 16.66 -36.83
CA ILE E 324 12.45 15.94 -37.58
C ILE E 324 12.96 15.54 -38.98
N GLU E 325 13.67 16.44 -39.66
CA GLU E 325 14.23 16.07 -40.96
C GLU E 325 15.25 14.94 -40.80
N ALA E 326 16.01 14.99 -39.71
CA ALA E 326 17.01 13.95 -39.45
C ALA E 326 16.35 12.62 -39.10
N ILE E 327 15.23 12.68 -38.39
CA ILE E 327 14.49 11.46 -38.04
C ILE E 327 13.95 10.78 -39.30
N TYR E 328 13.31 11.55 -40.17
CA TYR E 328 12.81 11.01 -41.44
C TYR E 328 13.95 10.43 -42.28
N ARG E 329 15.10 11.11 -42.29
CA ARG E 329 16.24 10.66 -43.09
C ARG E 329 16.85 9.38 -42.53
N ALA E 330 16.93 9.28 -41.19
CA ALA E 330 17.49 8.10 -40.54
C ALA E 330 16.65 6.86 -40.82
N ALA E 331 15.33 7.05 -40.85
CA ALA E 331 14.42 5.94 -41.13
C ALA E 331 14.52 5.51 -42.59
N ARG E 332 14.66 6.49 -43.46
CA ARG E 332 14.77 6.24 -44.88
C ARG E 332 16.08 5.54 -45.23
N GLU E 333 17.18 6.02 -44.65
CA GLU E 333 18.51 5.54 -44.99
C GLU E 333 19.02 4.40 -44.12
N GLY E 334 18.32 4.14 -43.01
CA GLY E 334 18.72 3.09 -42.09
C GLY E 334 20.12 3.31 -41.55
N ARG E 335 20.40 4.54 -41.13
CA ARG E 335 21.69 4.84 -40.54
C ARG E 335 21.53 5.91 -39.50
N THR E 336 22.53 6.05 -38.63
CA THR E 336 22.54 7.09 -37.63
C THR E 336 22.85 8.42 -38.32
N VAL E 337 21.95 9.39 -38.19
CA VAL E 337 22.18 10.71 -38.76
C VAL E 337 22.82 11.63 -37.72
N LYS E 338 23.91 12.28 -38.10
CA LYS E 338 24.60 13.16 -37.16
C LYS E 338 24.14 14.60 -37.36
N LEU E 339 23.98 15.31 -36.24
CA LEU E 339 23.62 16.73 -36.24
C LEU E 339 24.63 17.54 -35.44
N ARG F 5 -3.86 -47.32 15.95
CA ARG F 5 -3.46 -46.57 14.77
C ARG F 5 -3.94 -45.13 14.87
N LYS F 6 -5.25 -44.94 14.97
CA LYS F 6 -5.80 -43.63 15.27
C LYS F 6 -6.50 -43.64 16.63
N LEU F 7 -6.09 -42.73 17.51
CA LEU F 7 -6.74 -42.62 18.81
C LEU F 7 -7.91 -41.64 18.73
N GLY F 8 -8.92 -41.87 19.56
CA GLY F 8 -10.15 -41.10 19.49
C GLY F 8 -10.16 -39.92 20.45
N TYR F 9 -10.45 -38.74 19.91
CA TYR F 9 -10.54 -37.51 20.68
C TYR F 9 -11.99 -37.14 21.00
N ALA F 10 -12.26 -36.77 22.25
CA ALA F 10 -13.47 -36.03 22.56
C ALA F 10 -13.12 -34.55 22.70
N ILE F 11 -13.78 -33.71 21.91
CA ILE F 11 -13.57 -32.27 22.02
C ILE F 11 -14.59 -31.69 22.99
N LEU F 12 -14.09 -31.03 24.03
CA LEU F 12 -14.94 -30.53 25.11
C LEU F 12 -14.89 -29.01 25.13
N GLY F 13 -16.03 -28.38 24.90
CA GLY F 13 -16.10 -26.93 24.88
C GLY F 13 -16.04 -26.47 23.43
N LEU F 14 -17.20 -26.39 22.80
CA LEU F 14 -17.27 -26.11 21.37
C LEU F 14 -17.36 -24.61 21.09
N GLY F 15 -16.27 -23.90 21.39
CA GLY F 15 -16.20 -22.48 21.14
C GLY F 15 -15.38 -22.18 19.89
N TYR F 16 -14.84 -20.97 19.80
CA TYR F 16 -14.09 -20.56 18.62
C TYR F 16 -12.93 -21.50 18.33
N TYR F 17 -12.07 -21.74 19.33
CA TYR F 17 -10.86 -22.50 19.05
C TYR F 17 -11.19 -23.95 18.68
N ALA F 18 -12.11 -24.56 19.42
CA ALA F 18 -12.46 -25.94 19.13
C ALA F 18 -13.06 -26.10 17.74
N THR F 19 -14.00 -25.23 17.38
CA THR F 19 -14.78 -25.43 16.16
C THR F 19 -14.15 -24.80 14.91
N ARG F 20 -13.50 -23.64 15.07
CA ARG F 20 -12.91 -22.98 13.92
C ARG F 20 -11.50 -23.47 13.62
N ILE F 21 -10.77 -23.88 14.64
CA ILE F 21 -9.34 -24.15 14.44
C ILE F 21 -8.98 -25.63 14.58
N ILE F 22 -9.43 -26.27 15.66
CA ILE F 22 -8.99 -27.63 15.95
C ILE F 22 -9.76 -28.72 15.20
N MET F 23 -11.09 -28.70 15.30
CA MET F 23 -11.89 -29.78 14.73
C MET F 23 -11.68 -29.94 13.20
N PRO F 24 -11.56 -28.83 12.45
CA PRO F 24 -11.22 -29.04 11.04
C PRO F 24 -9.87 -29.72 10.79
N ARG F 25 -8.97 -29.74 11.78
CA ARG F 25 -7.62 -30.22 11.49
C ARG F 25 -7.41 -31.72 11.80
N PHE F 26 -8.46 -32.41 12.20
CA PHE F 26 -8.36 -33.86 12.30
C PHE F 26 -8.17 -34.51 10.92
N ALA F 27 -8.59 -33.80 9.88
CA ALA F 27 -8.42 -34.25 8.49
C ALA F 27 -6.97 -34.60 8.14
N GLU F 28 -6.01 -33.83 8.64
CA GLU F 28 -4.61 -34.05 8.28
C GLU F 28 -3.85 -34.88 9.32
N CYS F 29 -4.54 -35.35 10.36
CA CYS F 29 -3.91 -36.23 11.33
C CYS F 29 -3.70 -37.62 10.77
N GLU F 30 -2.63 -38.27 11.22
CA GLU F 30 -2.35 -39.65 10.82
C GLU F 30 -2.65 -40.64 11.94
N HIS F 31 -2.77 -40.14 13.16
CA HIS F 31 -2.93 -41.01 14.32
C HIS F 31 -4.03 -40.55 15.27
N SER F 32 -4.87 -39.65 14.78
CA SER F 32 -5.93 -39.09 15.61
C SER F 32 -7.22 -39.00 14.83
N ARG F 33 -8.35 -39.18 15.52
CA ARG F 33 -9.65 -38.98 14.90
C ARG F 33 -10.59 -38.31 15.87
N LEU F 34 -11.55 -37.57 15.33
CA LEU F 34 -12.61 -37.00 16.13
C LEU F 34 -13.65 -38.08 16.44
N ALA F 35 -13.83 -38.37 17.73
CA ALA F 35 -14.67 -39.50 18.14
C ALA F 35 -15.90 -39.08 18.95
N ALA F 36 -15.82 -37.95 19.63
CA ALA F 36 -16.93 -37.53 20.50
C ALA F 36 -16.97 -36.03 20.72
N LEU F 37 -18.13 -35.53 21.12
CA LEU F 37 -18.35 -34.11 21.37
C LEU F 37 -18.93 -33.89 22.77
N VAL F 38 -18.41 -32.89 23.48
CA VAL F 38 -18.93 -32.58 24.81
C VAL F 38 -19.19 -31.07 24.89
N SER F 39 -20.42 -30.70 25.25
CA SER F 39 -20.84 -29.30 25.15
C SER F 39 -22.00 -28.99 26.10
N GLY F 40 -22.05 -27.76 26.59
CA GLY F 40 -23.15 -27.30 27.42
C GLY F 40 -24.23 -26.63 26.58
N THR F 41 -24.12 -26.75 25.27
CA THR F 41 -25.10 -26.19 24.34
C THR F 41 -25.65 -27.29 23.42
N PRO F 42 -26.86 -27.80 23.73
CA PRO F 42 -27.48 -28.86 22.93
C PRO F 42 -27.46 -28.60 21.42
N GLU F 43 -27.73 -27.36 21.00
CA GLU F 43 -27.73 -27.03 19.58
C GLU F 43 -26.38 -27.29 18.92
N LYS F 44 -25.29 -27.04 19.66
CA LYS F 44 -23.95 -27.26 19.13
C LYS F 44 -23.68 -28.75 18.93
N LEU F 45 -24.16 -29.57 19.85
CA LEU F 45 -24.01 -31.02 19.73
C LEU F 45 -24.67 -31.54 18.45
N LYS F 46 -25.83 -30.99 18.12
CA LYS F 46 -26.55 -31.41 16.91
C LYS F 46 -25.85 -30.91 15.64
N THR F 47 -25.57 -29.61 15.60
CA THR F 47 -24.90 -29.00 14.44
C THR F 47 -23.57 -29.65 14.11
N TYR F 48 -22.71 -29.83 15.11
CA TYR F 48 -21.38 -30.39 14.88
C TYR F 48 -21.42 -31.91 14.87
N GLY F 49 -22.36 -32.48 15.62
CA GLY F 49 -22.55 -33.92 15.57
C GLY F 49 -22.92 -34.33 14.15
N GLU F 50 -23.85 -33.58 13.56
CA GLU F 50 -24.31 -33.88 12.21
C GLU F 50 -23.25 -33.54 11.17
N GLN F 51 -22.58 -32.40 11.34
CA GLN F 51 -21.51 -32.02 10.44
C GLN F 51 -20.34 -33.01 10.41
N TYR F 52 -19.93 -33.51 11.57
CA TYR F 52 -18.77 -34.40 11.61
C TYR F 52 -19.14 -35.88 11.70
N GLY F 53 -20.43 -36.18 11.63
CA GLY F 53 -20.89 -37.56 11.63
C GLY F 53 -20.62 -38.25 12.95
N ILE F 54 -20.80 -37.50 14.04
CA ILE F 54 -20.68 -38.05 15.38
C ILE F 54 -22.05 -38.52 15.86
N PRO F 55 -22.22 -39.83 16.08
CA PRO F 55 -23.53 -40.35 16.49
C PRO F 55 -23.94 -39.84 17.86
N GLU F 56 -25.24 -39.82 18.12
CA GLU F 56 -25.78 -39.30 19.38
C GLU F 56 -25.21 -40.03 20.59
N THR F 57 -24.79 -41.28 20.42
CA THR F 57 -24.17 -42.02 21.50
C THR F 57 -22.81 -41.42 21.89
N HIS F 58 -22.24 -40.61 21.01
CA HIS F 58 -20.94 -40.02 21.24
C HIS F 58 -21.04 -38.51 21.46
N ARG F 59 -22.24 -38.05 21.79
CA ARG F 59 -22.46 -36.66 22.15
C ARG F 59 -22.77 -36.58 23.64
N TYR F 60 -22.08 -35.69 24.35
CA TYR F 60 -22.28 -35.56 25.79
C TYR F 60 -22.52 -34.10 26.18
N SER F 61 -23.36 -33.88 27.19
CA SER F 61 -23.45 -32.58 27.84
C SER F 61 -22.43 -32.54 28.98
N TYR F 62 -22.31 -31.42 29.67
CA TYR F 62 -21.44 -31.38 30.86
C TYR F 62 -22.04 -32.21 31.99
N GLU F 63 -23.36 -32.34 31.99
CA GLU F 63 -24.05 -33.15 32.99
C GLU F 63 -23.83 -34.66 32.79
N THR F 64 -23.72 -35.11 31.54
CA THR F 64 -23.56 -36.55 31.27
C THR F 64 -22.13 -36.94 30.94
N PHE F 65 -21.22 -35.96 30.96
CA PHE F 65 -19.84 -36.16 30.54
C PHE F 65 -19.13 -37.33 31.21
N ASP F 66 -19.40 -37.56 32.49
CA ASP F 66 -18.66 -38.59 33.23
C ASP F 66 -18.92 -40.00 32.71
N ARG F 67 -20.05 -40.18 32.02
CA ARG F 67 -20.40 -41.45 31.41
C ARG F 67 -19.44 -41.86 30.28
N ILE F 68 -18.63 -40.91 29.83
CA ILE F 68 -17.70 -41.14 28.73
C ILE F 68 -16.71 -42.24 29.09
N ILE F 69 -16.60 -42.54 30.40
CA ILE F 69 -15.77 -43.64 30.87
C ILE F 69 -16.15 -44.98 30.23
N ASP F 70 -17.41 -45.12 29.81
CA ASP F 70 -17.89 -46.36 29.22
C ASP F 70 -17.81 -46.34 27.69
N ASN F 71 -17.20 -45.29 27.14
CA ASN F 71 -17.02 -45.19 25.70
C ASN F 71 -15.58 -45.47 25.30
N PRO F 72 -15.31 -46.68 24.79
CA PRO F 72 -13.96 -47.11 24.40
C PRO F 72 -13.46 -46.46 23.11
N ASP F 73 -14.33 -45.79 22.38
CA ASP F 73 -13.91 -45.05 21.17
C ASP F 73 -13.19 -43.76 21.54
N VAL F 74 -13.32 -43.36 22.81
CA VAL F 74 -12.69 -42.13 23.29
C VAL F 74 -11.45 -42.45 24.11
N ASP F 75 -10.30 -42.02 23.62
CA ASP F 75 -9.03 -42.22 24.31
C ASP F 75 -8.57 -40.95 25.00
N ILE F 76 -8.94 -39.82 24.40
CA ILE F 76 -8.42 -38.53 24.82
C ILE F 76 -9.56 -37.53 24.91
N VAL F 77 -9.53 -36.72 25.96
CA VAL F 77 -10.43 -35.58 26.04
C VAL F 77 -9.59 -34.31 25.87
N TYR F 78 -10.01 -33.46 24.94
CA TYR F 78 -9.34 -32.18 24.71
C TYR F 78 -10.18 -31.07 25.32
N VAL F 79 -9.68 -30.47 26.39
CA VAL F 79 -10.43 -29.46 27.14
C VAL F 79 -10.16 -28.08 26.55
N ILE F 80 -11.18 -27.46 25.97
CA ILE F 80 -11.02 -26.16 25.31
C ILE F 80 -12.06 -25.18 25.83
N THR F 81 -12.04 -24.99 27.15
CA THR F 81 -13.00 -24.15 27.86
C THR F 81 -12.33 -22.89 28.38
N PRO F 82 -13.13 -21.95 28.95
CA PRO F 82 -12.47 -20.88 29.70
C PRO F 82 -11.51 -21.44 30.75
N ASN F 83 -10.50 -20.65 31.07
CA ASN F 83 -9.35 -21.11 31.85
C ASN F 83 -9.71 -21.75 33.19
N SER F 84 -10.64 -21.13 33.92
CA SER F 84 -11.01 -21.64 35.26
C SER F 84 -11.66 -23.02 35.23
N LEU F 85 -12.09 -23.46 34.05
CA LEU F 85 -12.75 -24.75 33.93
C LEU F 85 -11.79 -25.84 33.51
N HIS F 86 -10.53 -25.48 33.22
CA HIS F 86 -9.57 -26.48 32.79
C HIS F 86 -9.37 -27.55 33.86
N ARG F 87 -9.18 -27.13 35.11
CA ARG F 87 -8.93 -28.11 36.18
C ARG F 87 -10.09 -29.09 36.38
N PRO F 88 -11.33 -28.59 36.62
CA PRO F 88 -12.39 -29.58 36.88
C PRO F 88 -12.64 -30.53 35.71
N PHE F 89 -12.59 -30.05 34.47
CA PHE F 89 -12.85 -30.96 33.35
C PHE F 89 -11.67 -31.91 33.13
N THR F 90 -10.45 -31.45 33.39
CA THR F 90 -9.28 -32.34 33.29
C THR F 90 -9.38 -33.46 34.32
N GLU F 91 -9.73 -33.08 35.56
CA GLU F 91 -9.95 -34.06 36.62
C GLU F 91 -11.06 -35.05 36.30
N ARG F 92 -12.21 -34.56 35.84
CA ARG F 92 -13.29 -35.46 35.47
C ARG F 92 -12.88 -36.37 34.32
N ALA F 93 -12.07 -35.83 33.41
CA ALA F 93 -11.60 -36.63 32.28
C ALA F 93 -10.68 -37.75 32.74
N ALA F 94 -9.76 -37.42 33.64
CA ALA F 94 -8.80 -38.38 34.16
C ALA F 94 -9.54 -39.46 34.96
N ARG F 95 -10.52 -39.05 35.76
CA ARG F 95 -11.31 -40.03 36.52
C ARG F 95 -12.15 -40.92 35.61
N ALA F 96 -12.43 -40.44 34.41
CA ALA F 96 -13.14 -41.25 33.41
C ALA F 96 -12.17 -42.11 32.59
N GLY F 97 -10.91 -42.20 33.04
CA GLY F 97 -9.91 -43.06 32.43
C GLY F 97 -9.45 -42.58 31.06
N LYS F 98 -9.58 -41.27 30.81
CA LYS F 98 -9.14 -40.69 29.55
C LYS F 98 -7.82 -39.95 29.70
N HIS F 99 -6.98 -40.02 28.65
CA HIS F 99 -5.84 -39.12 28.52
C HIS F 99 -6.38 -37.71 28.27
N VAL F 100 -5.58 -36.69 28.56
CA VAL F 100 -6.06 -35.30 28.43
C VAL F 100 -5.13 -34.39 27.64
N MET F 101 -5.69 -33.72 26.64
CA MET F 101 -5.09 -32.54 26.04
C MET F 101 -5.79 -31.32 26.66
N CYS F 102 -5.04 -30.39 27.24
CA CYS F 102 -5.66 -29.22 27.85
C CYS F 102 -5.09 -27.95 27.25
N GLU F 103 -5.95 -27.01 26.88
CA GLU F 103 -5.48 -25.77 26.31
C GLU F 103 -4.68 -24.95 27.31
N LYS F 104 -3.84 -24.06 26.80
CA LYS F 104 -3.17 -23.06 27.63
C LYS F 104 -4.18 -21.97 27.94
N PRO F 105 -3.98 -21.25 29.04
CA PRO F 105 -3.02 -21.56 30.09
C PRO F 105 -3.53 -22.78 30.84
N MET F 106 -2.65 -23.57 31.43
CA MET F 106 -3.05 -24.85 32.00
C MET F 106 -4.14 -24.68 33.05
N ALA F 107 -3.93 -23.76 33.97
CA ALA F 107 -4.94 -23.47 34.99
C ALA F 107 -4.67 -22.09 35.58
N ASN F 108 -5.49 -21.67 36.55
CA ASN F 108 -5.33 -20.34 37.13
C ASN F 108 -4.09 -20.22 38.00
N THR F 109 -3.72 -21.31 38.63
CA THR F 109 -2.68 -21.27 39.65
C THR F 109 -1.74 -22.46 39.60
N VAL F 110 -0.60 -22.32 40.28
CA VAL F 110 0.33 -23.43 40.45
C VAL F 110 -0.37 -24.62 41.11
N ALA F 111 -1.09 -24.34 42.19
CA ALA F 111 -1.79 -25.40 42.93
C ALA F 111 -2.78 -26.14 42.03
N ASP F 112 -3.49 -25.41 41.19
CA ASP F 112 -4.44 -26.05 40.28
C ASP F 112 -3.74 -26.93 39.23
N CYS F 113 -2.59 -26.47 38.71
CA CYS F 113 -1.81 -27.32 37.82
C CYS F 113 -1.38 -28.61 38.51
N GLU F 114 -0.93 -28.50 39.76
CA GLU F 114 -0.45 -29.65 40.52
C GLU F 114 -1.58 -30.67 40.71
N ALA F 115 -2.77 -30.18 40.99
CA ALA F 115 -3.94 -31.04 41.14
C ALA F 115 -4.24 -31.80 39.85
N MET F 116 -4.10 -31.12 38.71
CA MET F 116 -4.39 -31.75 37.42
C MET F 116 -3.38 -32.85 37.10
N ILE F 117 -2.12 -32.54 37.36
CA ILE F 117 -1.02 -33.48 37.17
C ILE F 117 -1.21 -34.71 38.07
N ALA F 118 -1.60 -34.48 39.31
CA ALA F 118 -1.80 -35.58 40.26
C ALA F 118 -2.96 -36.47 39.84
N ALA F 119 -4.03 -35.87 39.33
CA ALA F 119 -5.19 -36.64 38.86
C ALA F 119 -4.82 -37.53 37.69
N CYS F 120 -4.14 -36.97 36.69
CA CYS F 120 -3.77 -37.79 35.54
C CYS F 120 -2.77 -38.87 35.92
N LYS F 121 -1.88 -38.58 36.86
CA LYS F 121 -0.93 -39.60 37.31
C LYS F 121 -1.66 -40.73 38.03
N LYS F 122 -2.61 -40.38 38.88
CA LYS F 122 -3.39 -41.38 39.62
C LYS F 122 -4.13 -42.29 38.64
N ALA F 123 -4.63 -41.69 37.56
CA ALA F 123 -5.40 -42.41 36.56
C ALA F 123 -4.49 -43.22 35.61
N GLY F 124 -3.19 -42.97 35.71
CA GLY F 124 -2.25 -43.61 34.79
C GLY F 124 -2.47 -43.15 33.35
N ARG F 125 -2.85 -41.88 33.21
CA ARG F 125 -3.12 -41.32 31.91
C ARG F 125 -2.18 -40.16 31.62
N LYS F 126 -2.00 -39.85 30.35
CA LYS F 126 -1.07 -38.81 29.96
C LYS F 126 -1.77 -37.45 29.92
N LEU F 127 -0.99 -36.40 30.08
CA LEU F 127 -1.51 -35.03 30.13
C LEU F 127 -0.59 -34.15 29.31
N MET F 128 -1.17 -33.42 28.37
CA MET F 128 -0.38 -32.59 27.48
C MET F 128 -1.04 -31.22 27.37
N ILE F 129 -0.24 -30.16 27.32
CA ILE F 129 -0.78 -28.82 27.21
C ILE F 129 -0.65 -28.33 25.77
N GLY F 130 -1.66 -27.61 25.29
CA GLY F 130 -1.76 -27.23 23.89
C GLY F 130 -0.82 -26.12 23.43
N TYR F 131 0.48 -26.34 23.62
CA TYR F 131 1.46 -25.39 23.13
C TYR F 131 1.83 -25.74 21.69
N ARG F 132 0.92 -25.43 20.78
CA ARG F 132 1.06 -25.82 19.36
C ARG F 132 2.31 -25.26 18.68
N SER F 133 2.86 -24.15 19.22
CA SER F 133 3.99 -23.50 18.57
C SER F 133 5.21 -24.43 18.55
N ARG F 134 5.25 -25.40 19.45
CA ARG F 134 6.35 -26.36 19.48
C ARG F 134 6.31 -27.33 18.30
N PHE F 135 5.22 -27.29 17.52
CA PHE F 135 5.07 -28.15 16.36
C PHE F 135 5.04 -27.35 15.07
N GLN F 136 5.31 -26.06 15.19
CA GLN F 136 5.19 -25.12 14.08
C GLN F 136 6.56 -24.94 13.43
N ALA F 137 6.60 -24.96 12.10
CA ALA F 137 7.89 -25.08 11.39
C ALA F 137 8.91 -24.00 11.75
N HIS F 138 8.48 -22.74 11.76
CA HIS F 138 9.42 -21.64 12.00
C HIS F 138 9.93 -21.68 13.43
N ASN F 139 9.06 -22.00 14.36
CA ASN F 139 9.48 -22.12 15.75
C ASN F 139 10.49 -23.25 15.93
N ILE F 140 10.21 -24.39 15.33
CA ILE F 140 11.14 -25.51 15.40
C ILE F 140 12.51 -25.09 14.84
N GLU F 141 12.47 -24.32 13.77
CA GLU F 141 13.71 -23.88 13.13
C GLU F 141 14.50 -22.91 14.03
N ALA F 142 13.81 -22.01 14.73
CA ALA F 142 14.51 -21.09 15.64
C ALA F 142 15.18 -21.85 16.78
N ILE F 143 14.44 -22.80 17.35
CA ILE F 143 14.98 -23.67 18.38
C ILE F 143 16.22 -24.39 17.85
N LYS F 144 16.13 -24.90 16.62
CA LYS F 144 17.26 -25.60 16.02
C LYS F 144 18.50 -24.70 15.88
N LEU F 145 18.30 -23.48 15.39
CA LEU F 145 19.42 -22.55 15.24
C LEU F 145 20.10 -22.26 16.58
N VAL F 146 19.30 -22.09 17.62
CA VAL F 146 19.86 -21.92 18.96
C VAL F 146 20.69 -23.14 19.37
N ARG F 147 20.04 -24.30 19.30
N ARG F 147 20.09 -24.32 19.30
CA ARG F 147 20.63 -25.58 19.72
CA ARG F 147 20.74 -25.51 19.81
C ARG F 147 21.92 -25.87 18.98
C ARG F 147 21.95 -25.91 18.96
N ASP F 148 21.92 -25.59 17.67
CA ASP F 148 23.07 -25.89 16.82
C ASP F 148 24.20 -24.89 17.00
N GLY F 149 23.97 -23.86 17.81
CA GLY F 149 25.00 -22.90 18.13
C GLY F 149 25.19 -21.77 17.12
N ALA F 150 24.20 -21.58 16.25
CA ALA F 150 24.31 -20.58 15.19
C ALA F 150 24.37 -19.15 15.74
N LEU F 151 23.83 -18.95 16.94
CA LEU F 151 23.79 -17.62 17.55
C LEU F 151 24.89 -17.42 18.57
N GLY F 152 25.56 -18.50 18.96
CA GLY F 152 26.40 -18.48 20.14
C GLY F 152 25.48 -18.61 21.34
N PRO F 153 26.00 -18.35 22.55
CA PRO F 153 25.17 -18.45 23.75
C PRO F 153 24.00 -17.48 23.64
N VAL F 154 22.81 -17.90 24.02
CA VAL F 154 21.67 -16.97 23.96
C VAL F 154 21.89 -15.84 24.97
N ARG F 155 21.81 -14.60 24.50
CA ARG F 155 21.98 -13.43 25.37
C ARG F 155 20.64 -12.72 25.63
N THR F 156 19.87 -12.49 24.57
CA THR F 156 18.56 -11.85 24.73
C THR F 156 17.44 -12.57 23.97
N VAL F 157 16.28 -12.59 24.59
CA VAL F 157 15.04 -12.89 23.90
C VAL F 157 14.13 -11.70 24.07
N VAL F 158 13.69 -11.11 22.97
CA VAL F 158 12.75 -9.99 23.04
C VAL F 158 11.48 -10.46 22.35
N THR F 159 10.39 -10.55 23.10
CA THR F 159 9.19 -11.18 22.56
C THR F 159 7.95 -10.43 23.03
N ASP F 160 7.08 -10.06 22.09
CA ASP F 160 5.88 -9.28 22.39
C ASP F 160 4.65 -10.02 21.91
N HIS F 161 3.67 -10.23 22.81
CA HIS F 161 2.43 -10.86 22.39
C HIS F 161 1.25 -10.09 22.92
N GLY F 162 0.32 -9.73 22.04
CA GLY F 162 -0.84 -8.97 22.46
C GLY F 162 -1.85 -8.87 21.33
N PHE F 163 -3.11 -8.63 21.69
CA PHE F 163 -4.09 -8.24 20.69
C PHE F 163 -5.06 -7.28 21.35
N THR F 164 -5.72 -6.49 20.53
CA THR F 164 -6.66 -5.50 21.03
C THR F 164 -7.96 -6.22 21.30
N ILE F 165 -8.17 -6.61 22.55
CA ILE F 165 -9.36 -7.37 22.91
C ILE F 165 -10.61 -6.49 22.82
N GLY F 166 -11.76 -7.10 22.55
CA GLY F 166 -12.95 -6.33 22.23
C GLY F 166 -14.02 -6.25 23.31
N ASP F 167 -15.02 -7.11 23.17
CA ASP F 167 -16.23 -7.08 23.98
C ASP F 167 -15.93 -7.25 25.47
N PRO F 168 -16.24 -6.23 26.28
CA PRO F 168 -16.00 -6.31 27.72
C PRO F 168 -16.69 -7.48 28.41
N LYS F 169 -17.75 -8.03 27.81
CA LYS F 169 -18.55 -9.06 28.49
C LYS F 169 -18.01 -10.49 28.35
N GLN F 170 -17.00 -10.67 27.52
CA GLN F 170 -16.48 -12.01 27.24
C GLN F 170 -15.72 -12.61 28.42
N TRP F 171 -15.60 -13.94 28.45
CA TRP F 171 -15.06 -14.60 29.62
C TRP F 171 -13.61 -14.21 29.90
N ARG F 172 -12.86 -13.86 28.87
CA ARG F 172 -11.45 -13.51 29.07
C ARG F 172 -11.29 -12.28 29.96
N LEU F 173 -12.32 -11.45 30.03
CA LEU F 173 -12.22 -10.21 30.82
C LEU F 173 -12.97 -10.36 32.13
N ASN F 174 -13.22 -11.61 32.51
CA ASN F 174 -14.02 -11.95 33.68
C ASN F 174 -13.14 -12.75 34.61
N ARG F 175 -12.76 -12.19 35.77
CA ARG F 175 -11.70 -12.84 36.56
C ARG F 175 -12.10 -14.25 36.98
N ALA F 176 -13.36 -14.46 37.33
CA ALA F 176 -13.80 -15.78 37.79
C ALA F 176 -13.58 -16.86 36.72
N LEU F 177 -13.68 -16.52 35.44
CA LEU F 177 -13.54 -17.52 34.38
C LEU F 177 -12.17 -17.53 33.72
N ALA F 178 -11.47 -16.40 33.76
CA ALA F 178 -10.20 -16.26 33.05
C ALA F 178 -9.00 -16.46 33.96
N GLY F 179 -9.16 -16.16 35.26
CA GLY F 179 -8.09 -16.30 36.23
C GLY F 179 -7.04 -15.21 36.17
N GLY F 180 -7.17 -14.32 35.21
CA GLY F 180 -6.18 -13.26 34.99
C GLY F 180 -6.39 -12.66 33.62
N GLY F 181 -5.62 -11.61 33.32
CA GLY F 181 -5.76 -10.84 32.09
C GLY F 181 -4.85 -11.28 30.97
N SER F 182 -4.27 -10.32 30.26
CA SER F 182 -3.48 -10.64 29.07
C SER F 182 -2.41 -11.69 29.31
N LEU F 183 -1.78 -11.66 30.48
CA LEU F 183 -0.70 -12.60 30.75
C LEU F 183 -1.17 -14.07 30.68
N MET F 184 -2.38 -14.33 31.17
CA MET F 184 -2.95 -15.69 31.14
C MET F 184 -3.25 -16.14 29.70
N ASP F 185 -3.68 -15.21 28.86
CA ASP F 185 -4.22 -15.55 27.56
C ASP F 185 -3.19 -15.50 26.42
N ILE F 186 -2.42 -14.42 26.38
CA ILE F 186 -1.57 -14.15 25.22
C ILE F 186 -0.13 -13.88 25.67
N GLY F 187 0.05 -13.24 26.82
CA GLY F 187 1.39 -13.04 27.34
C GLY F 187 2.12 -14.36 27.62
N ILE F 188 1.34 -15.41 27.87
CA ILE F 188 1.93 -16.72 28.11
C ILE F 188 2.73 -17.23 26.89
N TYR F 189 2.38 -16.77 25.68
CA TYR F 189 3.19 -17.13 24.51
C TYR F 189 4.59 -16.52 24.59
N SER F 190 4.71 -15.30 25.12
CA SER F 190 6.02 -14.66 25.31
C SER F 190 6.86 -15.47 26.30
N LEU F 191 6.24 -15.79 27.42
CA LEU F 191 6.89 -16.57 28.47
C LEU F 191 7.31 -17.95 27.98
N ASN F 192 6.38 -18.65 27.32
CA ASN F 192 6.64 -20.02 26.87
C ASN F 192 7.77 -20.02 25.85
N ALA F 193 7.78 -19.03 24.96
CA ALA F 193 8.84 -18.92 23.96
C ALA F 193 10.21 -18.60 24.59
N ALA F 194 10.25 -17.66 25.53
CA ALA F 194 11.51 -17.36 26.22
C ALA F 194 12.07 -18.63 26.85
N ARG F 195 11.20 -19.45 27.42
CA ARG F 195 11.63 -20.73 27.98
C ARG F 195 12.11 -21.75 26.93
N TYR F 196 11.39 -21.93 25.82
CA TYR F 196 11.85 -22.94 24.86
C TYR F 196 12.98 -22.44 23.95
N LEU F 197 13.14 -21.13 23.79
CA LEU F 197 14.27 -20.64 22.99
C LEU F 197 15.59 -20.68 23.80
N THR F 198 15.52 -20.41 25.10
CA THR F 198 16.70 -20.61 25.96
C THR F 198 16.88 -22.06 26.32
N GLY F 199 15.77 -22.79 26.42
CA GLY F 199 15.79 -24.13 26.98
C GLY F 199 16.08 -24.09 28.47
N GLU F 200 15.80 -22.96 29.10
CA GLU F 200 16.05 -22.80 30.54
C GLU F 200 14.83 -22.34 31.32
N GLU F 201 14.94 -22.36 32.64
CA GLU F 201 13.90 -21.83 33.51
C GLU F 201 14.41 -20.59 34.22
N PRO F 202 13.58 -19.54 34.30
CA PRO F 202 14.07 -18.29 34.87
C PRO F 202 14.39 -18.39 36.37
N VAL F 203 15.35 -17.60 36.82
CA VAL F 203 15.68 -17.55 38.25
C VAL F 203 15.35 -16.19 38.85
N ALA F 204 15.03 -15.21 37.99
CA ALA F 204 14.66 -13.88 38.48
C ALA F 204 13.64 -13.23 37.55
N VAL F 205 12.68 -12.51 38.14
CA VAL F 205 11.58 -11.91 37.39
C VAL F 205 11.30 -10.46 37.84
N ASN F 206 11.25 -9.53 36.90
CA ASN F 206 10.72 -8.18 37.09
C ASN F 206 9.43 -8.02 36.29
N ALA F 207 8.56 -7.12 36.71
CA ALA F 207 7.34 -6.88 35.93
C ALA F 207 6.81 -5.48 36.22
N VAL F 208 6.16 -4.92 35.20
CA VAL F 208 5.45 -3.64 35.30
C VAL F 208 4.06 -3.83 34.71
N GLU F 209 3.03 -3.38 35.40
CA GLU F 209 1.68 -3.51 34.88
C GLU F 209 1.13 -2.14 34.55
N SER F 210 0.31 -2.05 33.51
CA SER F 210 -0.34 -0.78 33.18
C SER F 210 -1.72 -1.05 32.62
N THR F 211 -2.74 -0.66 33.37
CA THR F 211 -4.10 -0.96 33.01
C THR F 211 -4.98 0.25 33.33
N ASP F 212 -5.75 0.69 32.35
CA ASP F 212 -6.65 1.80 32.56
C ASP F 212 -7.96 1.25 33.10
N ARG F 213 -8.19 1.39 34.41
CA ARG F 213 -9.35 0.79 35.06
C ARG F 213 -10.67 1.49 34.69
N SER F 214 -10.57 2.65 34.04
CA SER F 214 -11.76 3.31 33.52
C SER F 214 -12.16 2.76 32.16
N ASP F 215 -11.30 1.95 31.54
CA ASP F 215 -11.66 1.26 30.30
C ASP F 215 -12.69 0.19 30.67
N PRO F 216 -13.81 0.11 29.93
CA PRO F 216 -14.87 -0.88 30.20
C PRO F 216 -14.36 -2.32 30.16
N ARG F 217 -13.28 -2.55 29.41
CA ARG F 217 -12.74 -3.89 29.28
C ARG F 217 -12.00 -4.38 30.52
N PHE F 218 -11.50 -3.45 31.33
CA PHE F 218 -10.48 -3.83 32.31
C PHE F 218 -10.84 -3.56 33.77
N GLY F 219 -12.09 -3.85 34.14
CA GLY F 219 -12.48 -3.68 35.53
C GLY F 219 -11.93 -4.78 36.42
N GLU F 220 -11.62 -5.93 35.82
CA GLU F 220 -11.29 -7.10 36.63
C GLU F 220 -9.92 -7.71 36.38
N VAL F 221 -9.43 -7.64 35.14
CA VAL F 221 -8.15 -8.26 34.80
C VAL F 221 -7.19 -7.26 34.13
N GLU F 222 -5.90 -7.59 34.03
CA GLU F 222 -4.92 -6.60 33.59
C GLU F 222 -4.86 -6.50 32.07
N ASP F 223 -4.49 -5.31 31.60
CA ASP F 223 -4.29 -5.06 30.18
C ASP F 223 -2.83 -5.38 29.82
N ILE F 224 -1.93 -4.49 30.23
CA ILE F 224 -0.52 -4.70 29.92
C ILE F 224 0.26 -5.12 31.16
N ILE F 225 1.02 -6.20 31.03
CA ILE F 225 1.96 -6.52 32.08
C ILE F 225 3.19 -7.07 31.40
N ASN F 226 4.24 -6.26 31.45
CA ASN F 226 5.49 -6.58 30.77
C ASN F 226 6.45 -7.13 31.78
N PHE F 227 7.31 -8.06 31.38
CA PHE F 227 8.15 -8.69 32.36
C PHE F 227 9.56 -8.94 31.82
N GLN F 228 10.51 -9.03 32.75
CA GLN F 228 11.89 -9.40 32.44
C GLN F 228 12.21 -10.71 33.09
N LEU F 229 12.97 -11.54 32.38
CA LEU F 229 13.41 -12.83 32.92
C LEU F 229 14.91 -12.91 32.86
N LEU F 230 15.50 -13.47 33.90
CA LEU F 230 16.92 -13.81 33.89
C LEU F 230 17.04 -15.32 34.07
N PHE F 231 17.92 -15.95 33.29
CA PHE F 231 18.11 -17.41 33.32
C PHE F 231 19.49 -17.74 33.88
N PRO F 232 19.71 -19.00 34.33
CA PRO F 232 21.00 -19.32 34.97
C PRO F 232 22.21 -19.11 34.06
N SER F 233 22.05 -19.29 32.75
CA SER F 233 23.17 -19.14 31.83
C SER F 233 23.61 -17.67 31.66
N GLY F 234 22.82 -16.75 32.20
CA GLY F 234 23.00 -15.34 31.91
C GLY F 234 22.08 -14.81 30.83
N ALA F 235 21.36 -15.69 30.14
CA ALA F 235 20.41 -15.25 29.12
C ALA F 235 19.33 -14.37 29.76
N THR F 236 18.84 -13.39 29.00
CA THR F 236 17.80 -12.48 29.51
C THR F 236 16.61 -12.49 28.57
N ALA F 237 15.42 -12.16 29.05
CA ALA F 237 14.29 -11.94 28.16
C ALA F 237 13.57 -10.67 28.56
N ASN F 238 13.16 -9.89 27.55
CA ASN F 238 12.23 -8.78 27.74
C ASN F 238 10.93 -9.16 27.07
N CYS F 239 9.83 -9.15 27.82
CA CYS F 239 8.56 -9.67 27.33
C CYS F 239 7.43 -8.67 27.45
N VAL F 240 6.62 -8.55 26.41
CA VAL F 240 5.37 -7.79 26.46
C VAL F 240 4.17 -8.73 26.45
N SER F 241 3.19 -8.40 27.29
CA SER F 241 1.88 -9.04 27.30
C SER F 241 0.85 -7.91 27.28
N ALA F 242 -0.06 -7.92 26.31
CA ALA F 242 -0.97 -6.77 26.18
C ALA F 242 -2.33 -7.14 25.66
N TYR F 243 -3.34 -6.39 26.11
CA TYR F 243 -4.70 -6.52 25.60
C TYR F 243 -5.15 -5.24 24.84
N SER F 244 -4.23 -4.28 24.68
CA SER F 244 -4.60 -3.03 24.02
C SER F 244 -3.70 -2.67 22.84
N VAL F 245 -2.77 -3.54 22.48
CA VAL F 245 -2.01 -3.39 21.23
C VAL F 245 -1.88 -4.74 20.54
N ASN F 246 -1.57 -4.72 19.24
CA ASN F 246 -1.34 -5.94 18.51
C ASN F 246 0.15 -6.18 18.28
N CYS F 247 0.62 -7.35 18.70
CA CYS F 247 2.00 -7.77 18.49
C CYS F 247 2.06 -9.29 18.57
N ASN F 248 2.95 -9.88 17.78
CA ASN F 248 3.13 -11.32 17.85
C ASN F 248 4.47 -11.63 17.25
N ARG F 249 5.50 -11.69 18.10
CA ARG F 249 6.86 -11.79 17.58
C ARG F 249 7.86 -12.19 18.64
N TYR F 250 8.97 -12.74 18.19
CA TYR F 250 10.16 -12.78 19.02
C TYR F 250 11.41 -12.72 18.18
N ARG F 251 12.46 -12.21 18.83
CA ARG F 251 13.83 -12.28 18.32
C ARG F 251 14.71 -12.86 19.42
N VAL F 252 15.50 -13.86 19.07
CA VAL F 252 16.49 -14.38 20.00
C VAL F 252 17.86 -14.08 19.41
N SER F 253 18.75 -13.55 20.24
CA SER F 253 20.04 -13.02 19.80
C SER F 253 21.20 -13.53 20.64
N GLY F 254 22.34 -13.72 19.97
CA GLY F 254 23.59 -14.05 20.63
C GLY F 254 24.71 -13.29 19.94
N PRO F 255 25.95 -13.46 20.43
CA PRO F 255 27.14 -12.81 19.89
C PRO F 255 27.39 -13.10 18.41
N LYS F 256 26.90 -14.24 17.90
CA LYS F 256 27.13 -14.61 16.50
C LYS F 256 26.01 -14.18 15.56
N GLY F 257 24.88 -13.76 16.11
CA GLY F 257 23.77 -13.37 15.26
C GLY F 257 22.42 -13.50 15.93
N TRP F 258 21.36 -13.38 15.15
CA TRP F 258 20.01 -13.46 15.70
C TRP F 258 19.02 -14.00 14.69
N VAL F 259 17.88 -14.45 15.21
CA VAL F 259 16.78 -14.91 14.37
C VAL F 259 15.47 -14.41 14.99
N GLU F 260 14.56 -13.96 14.15
CA GLU F 260 13.26 -13.53 14.65
C GLU F 260 12.14 -14.10 13.82
N ILE F 261 10.94 -14.13 14.40
CA ILE F 261 9.76 -14.53 13.69
C ILE F 261 8.68 -13.52 13.98
N ASP F 262 8.01 -13.04 12.93
CA ASP F 262 6.99 -12.00 13.08
C ASP F 262 6.08 -12.11 11.86
N PRO F 263 4.87 -12.63 12.04
CA PRO F 263 4.28 -13.14 13.29
C PRO F 263 4.92 -14.45 13.71
N ALA F 264 4.99 -14.70 15.03
CA ALA F 264 5.70 -15.85 15.55
C ALA F 264 4.80 -17.05 15.88
N THR F 265 3.67 -16.80 16.52
CA THR F 265 2.87 -17.88 17.05
C THR F 265 1.41 -17.77 16.60
N SER F 266 1.21 -17.08 15.49
CA SER F 266 -0.09 -17.01 14.81
C SER F 266 -0.53 -18.39 14.30
N TYR F 267 -1.80 -18.51 13.89
CA TYR F 267 -2.31 -19.76 13.30
C TYR F 267 -1.59 -20.07 11.98
N GLN F 268 -1.23 -19.02 11.25
CA GLN F 268 -0.51 -19.17 9.99
C GLN F 268 0.23 -17.88 9.69
N GLY F 269 1.04 -17.87 8.64
CA GLY F 269 1.63 -16.63 8.18
C GLY F 269 2.97 -16.27 8.82
N GLN F 270 3.52 -17.17 9.62
CA GLN F 270 4.86 -16.96 10.20
C GLN F 270 5.87 -16.53 9.15
N ALA F 271 6.72 -15.58 9.52
CA ALA F 271 7.79 -15.14 8.63
C ALA F 271 9.05 -14.99 9.45
N MET F 272 10.10 -15.71 9.06
CA MET F 272 11.35 -15.68 9.79
C MET F 272 12.39 -14.82 9.09
N ARG F 273 13.14 -14.04 9.86
CA ARG F 273 14.27 -13.28 9.37
C ARG F 273 15.46 -13.53 10.29
N ALA F 274 16.66 -13.59 9.72
CA ALA F 274 17.83 -13.85 10.55
C ALA F 274 19.02 -13.04 10.09
N GLN F 275 19.91 -12.79 11.03
CA GLN F 275 21.16 -12.10 10.76
C GLN F 275 22.25 -13.08 11.20
N LEU F 276 22.82 -13.79 10.24
CA LEU F 276 23.81 -14.83 10.52
C LEU F 276 25.04 -14.68 9.63
N GLY F 277 25.98 -13.85 10.06
CA GLY F 277 27.22 -13.68 9.32
C GLY F 277 27.13 -12.68 8.18
N GLY F 278 25.91 -12.34 7.79
CA GLY F 278 25.69 -11.35 6.77
C GLY F 278 24.54 -10.45 7.19
N PRO F 279 24.10 -9.57 6.29
CA PRO F 279 22.96 -8.68 6.57
C PRO F 279 21.72 -9.49 6.91
N PRO F 280 20.76 -8.88 7.61
CA PRO F 280 19.48 -9.56 7.87
C PRO F 280 18.84 -10.01 6.56
N ALA F 281 18.29 -11.23 6.56
CA ALA F 281 17.67 -11.79 5.37
C ALA F 281 16.57 -12.75 5.78
N PRO F 282 15.59 -12.97 4.90
CA PRO F 282 14.57 -13.98 5.21
C PRO F 282 15.21 -15.35 5.34
N ARG F 283 14.60 -16.22 6.13
CA ARG F 283 15.06 -17.60 6.19
C ARG F 283 13.85 -18.52 6.11
N GLU F 284 13.95 -19.53 5.25
CA GLU F 284 12.94 -20.57 5.18
C GLU F 284 13.30 -21.67 6.18
N PRO F 285 12.30 -22.12 6.96
CA PRO F 285 12.53 -23.21 7.91
C PRO F 285 12.49 -24.56 7.21
N ALA F 286 13.05 -25.59 7.82
CA ALA F 286 12.84 -26.94 7.34
C ALA F 286 11.35 -27.24 7.28
N PRO F 287 10.91 -27.95 6.24
CA PRO F 287 9.50 -28.29 6.11
C PRO F 287 9.06 -29.27 7.18
N GLN F 288 7.83 -29.14 7.64
CA GLN F 288 7.25 -30.12 8.56
C GLN F 288 6.19 -30.93 7.82
N PRO F 289 6.02 -32.21 8.18
CA PRO F 289 5.08 -33.07 7.44
C PRO F 289 3.62 -32.62 7.57
N LYS F 290 3.26 -31.92 8.64
CA LYS F 290 1.88 -31.46 8.73
C LYS F 290 1.77 -30.21 9.57
N ASN F 291 0.62 -29.55 9.48
CA ASN F 291 0.42 -28.28 10.15
C ASN F 291 0.52 -28.43 11.67
N GLN F 292 0.70 -27.32 12.37
CA GLN F 292 0.99 -27.35 13.80
C GLN F 292 -0.15 -27.96 14.63
N PHE F 293 -1.38 -27.80 14.16
CA PHE F 293 -2.53 -28.26 14.93
C PHE F 293 -2.64 -29.78 14.85
N SER F 294 -2.62 -30.29 13.63
CA SER F 294 -2.63 -31.74 13.40
C SER F 294 -1.42 -32.40 14.06
N ALA F 295 -0.26 -31.73 13.99
CA ALA F 295 0.94 -32.25 14.60
C ALA F 295 0.79 -32.36 16.11
N GLN F 296 0.22 -31.32 16.71
CA GLN F 296 -0.02 -31.31 18.15
C GLN F 296 -0.93 -32.47 18.55
N LEU F 297 -2.03 -32.62 17.81
CA LEU F 297 -2.99 -33.69 18.07
C LEU F 297 -2.32 -35.07 17.96
N ASP F 298 -1.59 -35.28 16.87
CA ASP F 298 -0.89 -36.56 16.69
C ASP F 298 0.22 -36.81 17.70
N HIS F 299 0.83 -35.75 18.21
CA HIS F 299 1.91 -35.94 19.18
C HIS F 299 1.42 -36.66 20.43
N LEU F 300 0.28 -36.25 20.96
CA LEU F 300 -0.27 -36.92 22.13
C LEU F 300 -0.64 -38.36 21.80
N SER F 301 -1.34 -38.54 20.68
CA SER F 301 -1.72 -39.88 20.21
C SER F 301 -0.50 -40.78 20.07
N GLU F 302 0.56 -40.26 19.47
CA GLU F 302 1.76 -41.06 19.27
C GLU F 302 2.49 -41.36 20.58
N CYS F 303 2.49 -40.41 21.51
CA CYS F 303 3.03 -40.66 22.84
C CYS F 303 2.28 -41.80 23.54
N ILE F 304 0.96 -41.80 23.46
CA ILE F 304 0.17 -42.87 24.08
C ILE F 304 0.47 -44.22 23.40
N LEU F 305 0.53 -44.22 22.06
CA LEU F 305 0.75 -45.45 21.32
C LEU F 305 2.15 -46.04 21.56
N THR F 306 3.12 -45.19 21.86
CA THR F 306 4.50 -45.66 21.99
C THR F 306 5.01 -45.61 23.42
N GLY F 307 4.17 -45.17 24.34
CA GLY F 307 4.55 -45.08 25.73
C GLY F 307 5.68 -44.10 25.97
N ARG F 308 5.53 -42.90 25.42
CA ARG F 308 6.49 -41.82 25.63
C ARG F 308 5.80 -40.63 26.28
N GLU F 309 6.57 -39.71 26.84
CA GLU F 309 5.97 -38.52 27.45
C GLU F 309 5.88 -37.39 26.44
N PRO F 310 4.78 -36.64 26.47
CA PRO F 310 4.66 -35.49 25.58
C PRO F 310 5.78 -34.49 25.83
N ILE F 311 6.24 -33.82 24.77
CA ILE F 311 7.28 -32.81 24.92
C ILE F 311 6.76 -31.59 25.64
N VAL F 312 5.45 -31.37 25.61
CA VAL F 312 4.85 -30.28 26.36
C VAL F 312 3.81 -30.88 27.32
N GLY F 313 4.32 -31.55 28.35
CA GLY F 313 3.47 -32.23 29.31
C GLY F 313 2.89 -31.27 30.35
N GLY F 314 2.17 -31.81 31.31
CA GLY F 314 1.61 -30.97 32.37
C GLY F 314 2.70 -30.22 33.12
N ASP F 315 3.89 -30.81 33.21
CA ASP F 315 5.00 -30.11 33.85
C ASP F 315 5.35 -28.81 33.13
N ASP F 316 5.17 -28.77 31.82
CA ASP F 316 5.53 -27.55 31.09
C ASP F 316 4.50 -26.45 31.39
N GLY F 317 3.23 -26.82 31.46
CA GLY F 317 2.19 -25.87 31.84
C GLY F 317 2.37 -25.37 33.26
N LEU F 318 2.75 -26.29 34.16
CA LEU F 318 3.07 -25.92 35.55
C LEU F 318 4.24 -24.94 35.65
N LYS F 319 5.30 -25.18 34.88
CA LYS F 319 6.46 -24.29 34.92
C LYS F 319 6.07 -22.88 34.45
N ASP F 320 5.18 -22.78 33.46
CA ASP F 320 4.68 -21.46 33.06
C ASP F 320 3.88 -20.80 34.20
N LEU F 321 3.02 -21.56 34.86
CA LEU F 321 2.21 -20.96 35.92
C LEU F 321 3.09 -20.49 37.08
N ARG F 322 4.18 -21.22 37.33
CA ARG F 322 5.12 -20.82 38.38
C ARG F 322 5.68 -19.43 38.09
N VAL F 323 6.07 -19.20 36.84
CA VAL F 323 6.61 -17.90 36.47
C VAL F 323 5.51 -16.83 36.42
N ILE F 324 4.32 -17.22 35.95
CA ILE F 324 3.20 -16.29 35.88
C ILE F 324 2.88 -15.77 37.27
N GLU F 325 2.83 -16.66 38.26
CA GLU F 325 2.59 -16.22 39.63
C GLU F 325 3.67 -15.24 40.11
N ALA F 326 4.92 -15.50 39.70
CA ALA F 326 6.03 -14.62 40.08
C ALA F 326 5.95 -13.29 39.35
N ILE F 327 5.45 -13.31 38.12
CA ILE F 327 5.32 -12.09 37.33
C ILE F 327 4.29 -11.18 37.97
N TYR F 328 3.13 -11.74 38.33
CA TYR F 328 2.10 -10.95 38.98
C TYR F 328 2.64 -10.40 40.30
N ARG F 329 3.38 -11.22 41.03
CA ARG F 329 3.90 -10.79 42.33
C ARG F 329 4.92 -9.67 42.17
N ALA F 330 5.78 -9.79 41.16
CA ALA F 330 6.82 -8.80 40.91
C ALA F 330 6.23 -7.42 40.60
N ALA F 331 5.13 -7.40 39.84
CA ALA F 331 4.43 -6.16 39.49
C ALA F 331 3.73 -5.57 40.69
N ARG F 332 3.16 -6.44 41.50
CA ARG F 332 2.41 -6.02 42.68
C ARG F 332 3.36 -5.47 43.75
N GLU F 333 4.48 -6.14 43.96
CA GLU F 333 5.42 -5.74 45.00
C GLU F 333 6.52 -4.76 44.55
N GLY F 334 6.65 -4.53 43.26
CA GLY F 334 7.69 -3.63 42.77
C GLY F 334 9.08 -4.11 43.12
N ARG F 335 9.33 -5.40 42.94
CA ARG F 335 10.65 -5.93 43.21
C ARG F 335 10.94 -7.14 42.34
N THR F 336 12.20 -7.51 42.30
CA THR F 336 12.63 -8.68 41.56
C THR F 336 12.26 -9.90 42.38
N VAL F 337 11.54 -10.83 41.77
CA VAL F 337 11.15 -12.05 42.45
C VAL F 337 12.09 -13.17 42.04
N LYS F 338 12.60 -13.91 43.02
CA LYS F 338 13.57 -14.97 42.77
C LYS F 338 12.84 -16.30 42.63
N LEU F 339 13.24 -17.10 41.65
CA LEU F 339 12.69 -18.42 41.44
C LEU F 339 13.79 -19.47 41.55
#